data_1XPQ
#
_entry.id   1XPQ
#
_cell.length_a   103.048
_cell.length_b   98.133
_cell.length_c   123.832
_cell.angle_alpha   90.000
_cell.angle_beta   103.280
_cell.angle_gamma   90.000
#
_symmetry.space_group_name_H-M   'P 1 21 1'
#
loop_
_entity.id
_entity.type
_entity.pdbx_description
1 polymer 'Polyamine oxidase FMS1'
2 non-polymer SPERMINE
3 non-polymer 'FLAVIN-ADENINE DINUCLEOTIDE'
4 water water
#
_entity_poly.entity_id   1
_entity_poly.type   'polypeptide(L)'
_entity_poly.pdbx_seq_one_letter_code
;MNTVSPAKKKVIIIGAGIAGLKAASTLHQNGIQDCLVLEARDRVGGRLQTVTGYQGRKYDIGASWHHDTLTNPLFLEEAQ
LSLNDGRTRFVFDDDNFIYIDEERGRVDHDKELLLEIVDNEMSKFAELEFHQHLGVSDCSFFQLVMKYLLQRRQFLTNDQ
IRYLPQLCRYLELWHGLDWKLLSAKDTYFGHQGRNAFALNYDSVVQRIAQSFPQNWLKLSCEVKSITREPSKNVTVNCED
GTVYNADYVIITVPQSVLNLSVQPEKNLRGRIEFQPPLKPVIQDAFDKIHFGALGKVIFEFEECCWSNESSKIVTLANST
NEFVEIVRNAENLDELDSMLEREDSQKHTSVTCWSQPLFFVNLSKSTGVASFMMLMQAPLTNHIESIREDKERLFSFFQP
VLNKIMKCLDSEDVIDGMRPIENIANANKPVLRNIIVSNWTRDPYSRGAYSACFPGDDPVDMVVAMSNGQDSRIRFAGEH
TIMDGAGCAYGAWESGRREATRISDLLKLEHHH
;
_entity_poly.pdbx_strand_id   A,B,C,D
#
# COMPACT_ATOMS: atom_id res chain seq x y z
N PRO A 6 62.10 -11.38 5.41
CA PRO A 6 61.33 -12.08 4.38
C PRO A 6 60.03 -12.73 4.91
N ALA A 7 58.99 -11.92 5.14
CA ALA A 7 57.74 -12.47 5.65
C ALA A 7 57.05 -13.34 4.59
N LYS A 8 56.34 -14.37 5.06
CA LYS A 8 55.71 -15.37 4.20
C LYS A 8 54.23 -15.04 4.05
N LYS A 9 53.77 -14.94 2.81
CA LYS A 9 52.37 -14.68 2.54
C LYS A 9 51.82 -15.75 1.62
N LYS A 10 50.53 -16.04 1.80
CA LYS A 10 49.85 -17.01 0.96
C LYS A 10 49.74 -16.51 -0.48
N VAL A 11 49.22 -15.29 -0.67
CA VAL A 11 49.10 -14.64 -1.98
C VAL A 11 49.59 -13.21 -1.87
N ILE A 12 50.31 -12.75 -2.89
CA ILE A 12 50.70 -11.35 -3.01
C ILE A 12 50.15 -10.79 -4.31
N ILE A 13 49.42 -9.68 -4.19
CA ILE A 13 48.75 -9.04 -5.31
C ILE A 13 49.51 -7.76 -5.61
N ILE A 14 49.97 -7.62 -6.86
CA ILE A 14 50.67 -6.43 -7.31
C ILE A 14 49.69 -5.55 -8.06
N GLY A 15 49.38 -4.39 -7.48
CA GLY A 15 48.49 -3.40 -8.03
C GLY A 15 47.15 -3.45 -7.35
N ALA A 16 46.64 -2.28 -6.96
CA ALA A 16 45.37 -2.16 -6.25
C ALA A 16 44.33 -1.45 -7.11
N GLY A 17 44.44 -1.61 -8.42
CA GLY A 17 43.32 -1.41 -9.32
C GLY A 17 42.24 -2.46 -9.06
N ILE A 18 41.22 -2.46 -9.94
CA ILE A 18 40.01 -3.20 -9.60
C ILE A 18 40.22 -4.69 -9.81
N ALA A 19 41.21 -5.09 -10.61
CA ALA A 19 41.63 -6.49 -10.57
C ALA A 19 42.22 -6.85 -9.20
N GLY A 20 43.17 -6.05 -8.70
CA GLY A 20 43.79 -6.36 -7.41
C GLY A 20 42.78 -6.40 -6.28
N LEU A 21 41.98 -5.33 -6.13
CA LEU A 21 41.01 -5.26 -5.05
C LEU A 21 39.99 -6.41 -5.09
N LYS A 22 39.46 -6.72 -6.29
CA LYS A 22 38.48 -7.82 -6.35
C LYS A 22 39.15 -9.14 -6.01
N ALA A 23 40.37 -9.35 -6.50
CA ALA A 23 41.14 -10.53 -6.13
C ALA A 23 41.35 -10.61 -4.62
N ALA A 24 41.79 -9.51 -3.99
CA ALA A 24 41.89 -9.52 -2.53
C ALA A 24 40.52 -9.76 -1.89
N SER A 25 39.47 -9.18 -2.49
CA SER A 25 38.14 -9.38 -1.94
C SER A 25 37.75 -10.86 -1.98
N THR A 26 38.02 -11.54 -3.11
CA THR A 26 37.62 -12.93 -3.26
C THR A 26 38.45 -13.84 -2.34
N LEU A 27 39.75 -13.64 -2.33
CA LEU A 27 40.61 -14.37 -1.40
C LEU A 27 40.10 -14.28 0.03
N HIS A 28 39.82 -13.06 0.52
CA HIS A 28 39.25 -12.95 1.86
C HIS A 28 37.89 -13.65 1.94
N GLN A 29 37.03 -13.44 0.93
CA GLN A 29 35.72 -14.08 0.88
C GLN A 29 35.84 -15.58 1.09
N ASN A 30 36.83 -16.20 0.46
CA ASN A 30 36.99 -17.63 0.60
C ASN A 30 37.52 -17.96 2.00
N GLY A 31 38.54 -17.25 2.46
CA GLY A 31 39.05 -17.45 3.81
C GLY A 31 40.56 -17.48 3.86
N ILE A 32 41.19 -17.16 2.73
CA ILE A 32 42.64 -17.13 2.67
C ILE A 32 43.16 -15.99 3.53
N GLN A 33 44.14 -16.29 4.37
CA GLN A 33 44.72 -15.30 5.25
C GLN A 33 46.16 -15.01 4.84
N ASP A 34 46.72 -13.97 5.46
CA ASP A 34 48.08 -13.52 5.19
C ASP A 34 48.30 -13.29 3.70
N CYS A 35 47.54 -12.33 3.17
CA CYS A 35 47.67 -11.88 1.81
C CYS A 35 48.14 -10.44 1.82
N LEU A 36 48.48 -9.94 0.65
CA LEU A 36 49.10 -8.63 0.59
C LEU A 36 48.79 -7.99 -0.74
N VAL A 37 48.39 -6.71 -0.71
CA VAL A 37 48.19 -5.94 -1.91
C VAL A 37 49.26 -4.85 -1.91
N LEU A 38 50.28 -5.03 -2.73
CA LEU A 38 51.32 -4.03 -2.94
C LEU A 38 50.95 -3.16 -4.14
N GLU A 39 50.91 -1.84 -3.92
CA GLU A 39 50.50 -0.86 -4.93
C GLU A 39 51.48 0.30 -4.96
N ALA A 40 51.95 0.68 -6.15
CA ALA A 40 52.98 1.71 -6.25
C ALA A 40 52.48 3.12 -5.94
N ARG A 41 51.19 3.38 -6.05
CA ARG A 41 50.67 4.73 -5.87
C ARG A 41 50.34 4.97 -4.39
N ASP A 42 50.09 6.23 -4.04
CA ASP A 42 49.62 6.57 -2.70
C ASP A 42 48.12 6.37 -2.52
N ARG A 43 47.45 5.83 -3.54
CA ARG A 43 46.02 5.54 -3.51
C ARG A 43 45.77 4.21 -4.21
N VAL A 44 44.62 3.60 -3.87
CA VAL A 44 44.08 2.48 -4.61
C VAL A 44 43.24 3.00 -5.77
N GLY A 45 42.77 2.08 -6.61
CA GLY A 45 41.83 2.40 -7.68
C GLY A 45 42.41 2.35 -9.07
N GLY A 46 43.73 2.48 -9.22
CA GLY A 46 44.36 2.42 -10.53
C GLY A 46 43.69 3.33 -11.51
N ARG A 47 43.35 2.78 -12.69
CA ARG A 47 42.73 3.58 -13.73
C ARG A 47 41.27 3.93 -13.44
N LEU A 48 40.76 3.57 -12.28
CA LEU A 48 39.57 4.22 -11.72
C LEU A 48 40.05 5.25 -10.70
N GLN A 49 39.67 6.51 -10.91
CA GLN A 49 40.04 7.58 -9.99
C GLN A 49 39.06 8.74 -10.13
N THR A 50 38.45 9.13 -9.02
CA THR A 50 37.53 10.26 -8.98
C THR A 50 38.26 11.49 -8.48
N VAL A 51 38.21 12.58 -9.25
CA VAL A 51 38.84 13.83 -8.86
C VAL A 51 37.76 14.86 -8.59
N THR A 52 38.19 15.92 -7.90
CA THR A 52 37.32 16.98 -7.41
C THR A 52 37.78 18.32 -7.95
N GLY A 53 36.83 19.14 -8.36
CA GLY A 53 37.15 20.44 -8.93
C GLY A 53 36.35 21.58 -8.35
N TYR A 54 35.65 22.30 -9.24
CA TYR A 54 34.96 23.52 -8.85
C TYR A 54 33.85 23.20 -7.86
N GLN A 55 33.80 23.98 -6.77
CA GLN A 55 32.84 23.83 -5.69
C GLN A 55 32.62 22.38 -5.33
N GLY A 56 33.70 21.60 -5.31
CA GLY A 56 33.63 20.23 -4.86
C GLY A 56 32.99 19.25 -5.81
N ARG A 57 32.73 19.62 -7.07
CA ARG A 57 32.13 18.69 -8.03
C ARG A 57 33.09 17.55 -8.31
N LYS A 58 32.57 16.34 -8.31
CA LYS A 58 33.41 15.17 -8.52
C LYS A 58 33.22 14.63 -9.94
N TYR A 59 34.29 14.07 -10.50
CA TYR A 59 34.26 13.50 -11.83
C TYR A 59 35.17 12.29 -11.86
N ASP A 60 34.69 11.23 -12.49
CA ASP A 60 35.51 10.04 -12.70
C ASP A 60 36.41 10.29 -13.90
N ILE A 61 37.67 10.65 -13.61
CA ILE A 61 38.65 10.98 -14.64
C ILE A 61 39.20 9.74 -15.31
N GLY A 62 39.01 8.56 -14.70
CA GLY A 62 39.26 7.29 -15.38
C GLY A 62 37.97 6.75 -15.99
N ALA A 63 37.57 5.54 -15.62
CA ALA A 63 36.35 4.97 -16.16
C ALA A 63 35.13 5.70 -15.64
N SER A 64 34.16 5.91 -16.53
CA SER A 64 32.92 6.54 -16.15
C SER A 64 31.72 5.61 -16.24
N TRP A 65 31.68 4.74 -17.24
CA TRP A 65 30.49 3.96 -17.55
C TRP A 65 30.66 2.50 -17.15
N HIS A 66 29.52 1.88 -16.80
CA HIS A 66 29.35 0.44 -16.88
C HIS A 66 28.90 0.11 -18.30
N HIS A 67 29.67 -0.69 -19.00
CA HIS A 67 29.33 -1.13 -20.34
C HIS A 67 28.66 -2.49 -20.29
N ASP A 68 27.95 -2.82 -21.37
CA ASP A 68 27.34 -4.14 -21.54
C ASP A 68 26.49 -4.52 -20.34
N THR A 69 25.60 -3.62 -19.94
CA THR A 69 24.85 -3.83 -18.70
C THR A 69 23.85 -4.98 -18.75
N LEU A 70 23.66 -5.63 -19.88
CA LEU A 70 22.84 -6.85 -19.88
C LEU A 70 23.55 -7.98 -19.18
N THR A 71 24.88 -7.96 -19.19
CA THR A 71 25.70 -9.09 -18.76
C THR A 71 26.77 -8.73 -17.73
N ASN A 72 27.39 -7.56 -17.85
CA ASN A 72 28.37 -7.00 -16.94
C ASN A 72 28.08 -7.42 -15.50
N PRO A 73 28.76 -8.46 -15.00
CA PRO A 73 28.41 -8.98 -13.66
C PRO A 73 28.69 -7.99 -12.55
N LEU A 74 29.71 -7.15 -12.73
CA LEU A 74 29.94 -6.04 -11.82
C LEU A 74 28.73 -5.12 -11.75
N PHE A 75 28.24 -4.70 -12.92
CA PHE A 75 27.05 -3.86 -12.95
C PHE A 75 25.87 -4.53 -12.24
N LEU A 76 25.64 -5.81 -12.52
CA LEU A 76 24.54 -6.51 -11.88
C LEU A 76 24.73 -6.52 -10.37
N GLU A 77 25.98 -6.62 -9.91
CA GLU A 77 26.30 -6.54 -8.48
C GLU A 77 25.92 -5.19 -7.91
N GLU A 78 26.39 -4.11 -8.55
CA GLU A 78 25.94 -2.76 -8.23
C GLU A 78 24.41 -2.66 -8.16
N ALA A 79 23.72 -3.09 -9.24
CA ALA A 79 22.28 -2.93 -9.34
C ALA A 79 21.54 -3.77 -8.31
N GLN A 80 22.08 -4.94 -7.96
CA GLN A 80 21.51 -5.71 -6.86
C GLN A 80 21.56 -4.91 -5.57
N LEU A 81 22.66 -4.18 -5.32
CA LEU A 81 22.73 -3.40 -4.08
C LEU A 81 21.79 -2.21 -4.13
N SER A 82 21.73 -1.51 -5.27
CA SER A 82 20.83 -0.37 -5.38
C SER A 82 19.39 -0.83 -5.28
N LEU A 83 19.09 -2.01 -5.84
CA LEU A 83 17.78 -2.61 -5.67
C LEU A 83 17.50 -2.88 -4.20
N ASN A 84 18.53 -3.17 -3.42
CA ASN A 84 18.37 -3.53 -2.03
C ASN A 84 18.42 -2.36 -1.06
N ASP A 85 18.76 -1.13 -1.50
CA ASP A 85 18.75 -0.06 -0.51
C ASP A 85 18.40 1.32 -1.06
N GLY A 86 17.82 1.44 -2.26
CA GLY A 86 17.39 2.72 -2.80
C GLY A 86 18.49 3.70 -3.15
N ARG A 87 19.75 3.33 -2.97
CA ARG A 87 20.87 4.22 -3.25
C ARG A 87 21.11 4.35 -4.75
N THR A 88 21.44 5.56 -5.18
CA THR A 88 21.76 5.79 -6.58
C THR A 88 23.26 5.57 -6.78
N ARG A 89 23.60 4.47 -7.43
CA ARG A 89 24.98 4.12 -7.74
C ARG A 89 25.33 4.46 -9.19
N PHE A 90 24.34 4.41 -10.10
CA PHE A 90 24.56 4.69 -11.50
C PHE A 90 23.30 5.32 -12.08
N VAL A 91 23.42 5.88 -13.27
CA VAL A 91 22.29 6.43 -14.00
C VAL A 91 22.46 6.02 -15.46
N PHE A 92 21.37 5.52 -16.07
CA PHE A 92 21.40 5.19 -17.49
C PHE A 92 21.38 6.49 -18.29
N ASP A 93 22.45 6.71 -19.08
CA ASP A 93 22.63 8.00 -19.75
C ASP A 93 22.87 7.84 -21.23
N ASP A 94 22.43 6.75 -21.83
CA ASP A 94 22.45 6.68 -23.29
C ASP A 94 21.38 7.60 -23.84
N ASP A 95 21.78 8.49 -24.73
CA ASP A 95 20.91 9.51 -25.30
C ASP A 95 20.99 9.43 -26.83
N ASN A 96 20.08 10.15 -27.50
CA ASN A 96 20.22 10.36 -28.94
C ASN A 96 21.32 11.39 -29.19
N PHE A 97 22.35 10.96 -29.89
CA PHE A 97 23.47 11.85 -30.15
C PHE A 97 23.02 13.09 -30.92
N ILE A 98 23.55 14.23 -30.50
CA ILE A 98 23.53 15.47 -31.28
C ILE A 98 24.91 15.58 -31.94
N TYR A 99 24.93 15.67 -33.26
CA TYR A 99 26.17 15.78 -34.02
C TYR A 99 26.33 17.20 -34.56
N ILE A 100 27.51 17.80 -34.36
CA ILE A 100 27.74 19.19 -34.70
C ILE A 100 28.92 19.30 -35.66
N ASP A 101 28.68 19.88 -36.84
CA ASP A 101 29.74 20.26 -37.77
C ASP A 101 29.96 21.78 -37.70
N GLU A 102 31.21 22.20 -37.89
CA GLU A 102 31.53 23.59 -37.62
C GLU A 102 30.76 24.52 -38.53
N GLU A 103 30.74 24.19 -39.82
CA GLU A 103 30.03 24.99 -40.81
C GLU A 103 28.53 24.84 -40.64
N ARG A 104 28.05 23.61 -40.69
CA ARG A 104 26.64 23.35 -40.87
C ARG A 104 25.84 23.41 -39.56
N GLY A 105 26.51 23.29 -38.42
CA GLY A 105 25.78 23.11 -37.18
C GLY A 105 25.28 21.68 -37.09
N ARG A 106 24.08 21.49 -36.53
CA ARG A 106 23.58 20.15 -36.28
C ARG A 106 23.27 19.40 -37.57
N VAL A 107 23.69 18.14 -37.62
CA VAL A 107 23.40 17.27 -38.76
C VAL A 107 22.96 15.92 -38.23
N ASP A 108 22.55 15.88 -36.97
CA ASP A 108 22.02 14.64 -36.40
C ASP A 108 20.55 14.53 -36.75
N HIS A 109 20.09 13.31 -36.99
CA HIS A 109 18.68 13.04 -37.16
C HIS A 109 18.10 13.98 -38.21
N ASP A 110 18.78 14.05 -39.35
CA ASP A 110 18.45 15.03 -40.38
C ASP A 110 17.60 14.36 -41.46
N LYS A 111 16.48 15.01 -41.81
CA LYS A 111 15.55 14.35 -42.71
C LYS A 111 16.18 14.12 -44.08
N GLU A 112 17.05 15.04 -44.51
CA GLU A 112 17.74 14.83 -45.77
C GLU A 112 19.05 14.04 -45.59
N LEU A 113 19.82 14.31 -44.52
CA LEU A 113 21.17 13.74 -44.40
C LEU A 113 21.14 12.27 -44.00
N LEU A 114 20.32 11.92 -43.01
CA LEU A 114 20.14 10.52 -42.61
C LEU A 114 21.46 9.82 -42.35
N LEU A 115 22.36 10.49 -41.63
CA LEU A 115 23.69 9.92 -41.47
C LEU A 115 23.64 8.67 -40.59
N GLU A 116 22.80 8.67 -39.55
CA GLU A 116 22.71 7.52 -38.66
C GLU A 116 22.36 6.25 -39.44
N ILE A 117 21.44 6.37 -40.39
CA ILE A 117 21.05 5.22 -41.20
C ILE A 117 22.20 4.76 -42.09
N VAL A 118 22.94 5.69 -42.70
CA VAL A 118 24.05 5.20 -43.51
C VAL A 118 25.20 4.74 -42.62
N ASP A 119 25.39 5.38 -41.46
CA ASP A 119 26.29 4.79 -40.48
C ASP A 119 25.92 3.34 -40.19
N ASN A 120 24.62 3.07 -39.98
CA ASN A 120 24.21 1.71 -39.69
C ASN A 120 24.56 0.74 -40.83
N GLU A 121 24.34 1.15 -42.08
CA GLU A 121 24.71 0.28 -43.19
C GLU A 121 26.22 0.07 -43.22
N MET A 122 26.97 1.16 -43.00
CA MET A 122 28.42 1.05 -42.88
C MET A 122 28.84 -0.01 -41.87
N SER A 123 28.13 -0.07 -40.73
CA SER A 123 28.34 -1.15 -39.76
C SER A 123 28.17 -2.51 -40.40
N LYS A 124 27.04 -2.73 -41.07
CA LYS A 124 26.78 -4.02 -41.68
C LYS A 124 27.82 -4.32 -42.75
N PHE A 125 28.21 -3.30 -43.52
CA PHE A 125 29.29 -3.45 -44.49
C PHE A 125 30.54 -4.03 -43.83
N ALA A 126 30.98 -3.41 -42.74
CA ALA A 126 32.10 -3.93 -41.97
C ALA A 126 31.87 -5.39 -41.58
N GLU A 127 30.76 -5.66 -40.87
CA GLU A 127 30.51 -7.00 -40.34
C GLU A 127 30.44 -8.04 -41.47
N LEU A 128 29.91 -7.67 -42.62
CA LEU A 128 29.93 -8.60 -43.74
C LEU A 128 31.36 -8.85 -44.22
N GLU A 129 32.20 -7.82 -44.17
CA GLU A 129 33.59 -7.98 -44.55
C GLU A 129 34.32 -8.99 -43.66
N PHE A 130 33.96 -9.07 -42.37
CA PHE A 130 34.63 -9.99 -41.45
C PHE A 130 33.60 -10.98 -40.92
N HIS A 131 33.71 -12.24 -41.33
CA HIS A 131 32.88 -13.27 -40.72
C HIS A 131 33.46 -14.65 -41.01
N GLN A 132 32.85 -15.65 -40.38
CA GLN A 132 33.36 -17.01 -40.26
C GLN A 132 34.62 -17.02 -39.38
N HIS A 133 35.71 -16.39 -39.83
CA HIS A 133 36.99 -16.78 -39.26
C HIS A 133 38.19 -15.91 -39.62
N LEU A 134 39.19 -16.55 -40.21
CA LEU A 134 40.44 -15.93 -40.59
C LEU A 134 40.60 -16.04 -42.10
N GLY A 135 41.76 -15.59 -42.58
CA GLY A 135 41.99 -15.28 -43.95
C GLY A 135 41.69 -13.85 -44.33
N VAL A 136 40.91 -13.14 -43.51
CA VAL A 136 40.18 -11.97 -43.99
C VAL A 136 41.11 -10.78 -44.24
N SER A 137 42.22 -10.68 -43.49
CA SER A 137 43.21 -9.61 -43.60
C SER A 137 42.68 -8.26 -43.11
N ASP A 138 43.29 -7.72 -42.05
CA ASP A 138 42.81 -6.50 -41.40
C ASP A 138 43.22 -5.26 -42.19
N CYS A 139 42.69 -4.13 -41.75
CA CYS A 139 43.06 -2.83 -42.31
C CYS A 139 42.70 -1.77 -41.28
N SER A 140 42.98 -0.52 -41.63
CA SER A 140 42.65 0.57 -40.73
C SER A 140 41.16 0.90 -40.82
N PHE A 141 40.63 1.45 -39.73
CA PHE A 141 39.21 1.80 -39.74
C PHE A 141 38.93 2.87 -40.79
N PHE A 142 39.81 3.87 -40.87
CA PHE A 142 39.78 4.81 -41.98
C PHE A 142 39.62 4.09 -43.33
N GLN A 143 40.54 3.18 -43.64
CA GLN A 143 40.59 2.61 -44.97
C GLN A 143 39.32 1.84 -45.30
N LEU A 144 38.67 1.26 -44.28
CA LEU A 144 37.41 0.55 -44.49
C LEU A 144 36.30 1.52 -44.87
N VAL A 145 36.21 2.65 -44.16
CA VAL A 145 35.24 3.70 -44.48
C VAL A 145 35.44 4.19 -45.90
N MET A 146 36.70 4.28 -46.34
CA MET A 146 36.96 4.60 -47.73
C MET A 146 36.38 3.51 -48.64
N LYS A 147 36.66 2.24 -48.30
CA LYS A 147 36.12 1.13 -49.08
C LYS A 147 34.60 1.20 -49.14
N TYR A 148 33.95 1.43 -48.00
CA TYR A 148 32.50 1.54 -48.02
C TYR A 148 32.04 2.67 -48.91
N LEU A 149 32.76 3.80 -48.89
CA LEU A 149 32.32 4.93 -49.71
C LEU A 149 32.50 4.64 -51.19
N LEU A 150 33.62 4.02 -51.58
CA LEU A 150 33.84 3.69 -52.98
C LEU A 150 32.79 2.71 -53.45
N GLN A 151 32.59 1.64 -52.69
CA GLN A 151 31.67 0.59 -53.10
C GLN A 151 30.22 1.07 -53.17
N ARG A 152 29.87 2.18 -52.53
CA ARG A 152 28.47 2.53 -52.30
C ARG A 152 28.15 3.96 -52.75
N ARG A 153 29.08 4.61 -53.44
CA ARG A 153 28.88 5.98 -53.89
C ARG A 153 27.67 6.13 -54.81
N GLN A 154 27.22 5.06 -55.47
CA GLN A 154 26.04 5.20 -56.32
C GLN A 154 24.80 5.49 -55.48
N PHE A 155 24.78 5.05 -54.23
CA PHE A 155 23.61 5.13 -53.38
C PHE A 155 23.78 6.09 -52.21
N LEU A 156 24.77 6.98 -52.29
CA LEU A 156 24.98 8.00 -51.29
C LEU A 156 24.85 9.38 -51.94
N THR A 157 24.15 10.28 -51.27
CA THR A 157 24.18 11.67 -51.69
C THR A 157 25.56 12.27 -51.38
N ASN A 158 25.80 13.46 -51.94
CA ASN A 158 27.06 14.16 -51.73
C ASN A 158 27.30 14.49 -50.27
N ASP A 159 26.34 15.16 -49.64
CA ASP A 159 26.49 15.50 -48.23
C ASP A 159 26.63 14.25 -47.38
N GLN A 160 26.07 13.13 -47.85
CA GLN A 160 26.28 11.87 -47.14
C GLN A 160 27.74 11.44 -47.21
N ILE A 161 28.34 11.52 -48.39
CA ILE A 161 29.76 11.18 -48.52
C ILE A 161 30.62 12.17 -47.76
N ARG A 162 30.25 13.45 -47.76
CA ARG A 162 31.02 14.44 -47.02
C ARG A 162 31.01 14.16 -45.52
N TYR A 163 29.84 13.85 -44.98
CA TYR A 163 29.63 13.89 -43.54
C TYR A 163 29.65 12.52 -42.87
N LEU A 164 29.22 11.47 -43.56
CA LEU A 164 29.30 10.13 -42.96
C LEU A 164 30.70 9.78 -42.45
N PRO A 165 31.78 9.95 -43.21
CA PRO A 165 33.11 9.64 -42.66
C PRO A 165 33.38 10.36 -41.36
N GLN A 166 33.05 11.64 -41.29
CA GLN A 166 33.25 12.40 -40.07
C GLN A 166 32.40 11.86 -38.93
N LEU A 167 31.11 11.64 -39.17
CA LEU A 167 30.19 11.22 -38.10
C LEU A 167 30.59 9.89 -37.50
N CYS A 168 31.07 8.96 -38.31
CA CYS A 168 31.26 7.64 -37.77
C CYS A 168 32.47 7.55 -36.85
N ARG A 169 33.36 8.55 -36.89
CA ARG A 169 34.61 8.47 -36.16
C ARG A 169 34.44 8.58 -34.66
N TYR A 170 33.22 8.76 -34.15
CA TYR A 170 33.02 8.67 -32.71
C TYR A 170 33.45 7.32 -32.18
N LEU A 171 33.57 6.32 -33.06
CA LEU A 171 34.17 5.06 -32.65
C LEU A 171 35.61 5.27 -32.15
N GLU A 172 36.31 6.31 -32.63
CA GLU A 172 37.62 6.64 -32.09
C GLU A 172 37.54 6.79 -30.60
N LEU A 173 36.40 7.25 -30.13
CA LEU A 173 36.25 7.56 -28.73
C LEU A 173 35.78 6.37 -27.92
N TRP A 174 35.31 5.30 -28.58
CA TRP A 174 35.18 4.00 -27.94
C TRP A 174 36.52 3.30 -27.76
N HIS A 175 37.53 3.69 -28.55
CA HIS A 175 38.83 3.03 -28.52
C HIS A 175 39.99 3.91 -28.07
N GLY A 176 39.85 5.24 -28.09
CA GLY A 176 40.95 6.13 -27.80
C GLY A 176 42.01 6.19 -28.88
N LEU A 177 41.64 5.89 -30.12
CA LEU A 177 42.56 5.77 -31.25
C LEU A 177 41.99 6.43 -32.48
N ASP A 178 42.80 7.25 -33.13
CA ASP A 178 42.42 7.84 -34.41
C ASP A 178 42.06 6.75 -35.42
N TRP A 179 41.24 7.11 -36.41
CA TRP A 179 40.79 6.07 -37.32
C TRP A 179 41.88 5.55 -38.24
N LYS A 180 43.05 6.19 -38.29
CA LYS A 180 44.14 5.62 -39.08
C LYS A 180 45.01 4.67 -38.27
N LEU A 181 44.95 4.78 -36.94
CA LEU A 181 45.67 3.88 -36.04
C LEU A 181 44.83 2.69 -35.62
N LEU A 182 43.52 2.74 -35.82
CA LEU A 182 42.61 1.77 -35.24
C LEU A 182 42.39 0.61 -36.19
N SER A 183 42.28 -0.60 -35.64
CA SER A 183 42.11 -1.79 -36.45
C SER A 183 40.65 -1.90 -36.93
N ALA A 184 40.46 -2.08 -38.24
CA ALA A 184 39.10 -2.22 -38.75
C ALA A 184 38.39 -3.41 -38.11
N LYS A 185 39.08 -4.56 -38.06
CA LYS A 185 38.53 -5.76 -37.41
C LYS A 185 37.87 -5.45 -36.05
N ASP A 186 38.62 -4.88 -35.11
CA ASP A 186 38.13 -4.74 -33.74
C ASP A 186 37.15 -3.57 -33.55
N THR A 187 36.87 -2.82 -34.62
CA THR A 187 36.20 -1.54 -34.48
C THR A 187 34.76 -1.67 -33.99
N TYR A 188 33.95 -2.46 -34.67
CA TYR A 188 32.51 -2.50 -34.36
C TYR A 188 32.19 -3.58 -33.31
N PHE A 189 32.92 -3.57 -32.21
CA PHE A 189 32.82 -4.62 -31.19
C PHE A 189 31.53 -4.42 -30.42
N GLY A 190 30.45 -5.10 -30.86
CA GLY A 190 29.11 -4.99 -30.29
C GLY A 190 28.99 -4.81 -28.79
N HIS A 191 27.99 -4.03 -28.35
CA HIS A 191 27.80 -3.64 -26.96
C HIS A 191 26.57 -4.33 -26.38
N GLN A 192 26.75 -5.06 -25.27
CA GLN A 192 25.67 -5.89 -24.74
C GLN A 192 24.74 -5.05 -23.86
N GLY A 193 24.02 -4.13 -24.50
CA GLY A 193 23.00 -3.34 -23.84
C GLY A 193 23.43 -1.90 -23.66
N ARG A 194 22.57 -1.14 -23.00
CA ARG A 194 22.88 0.25 -22.69
C ARG A 194 24.08 0.36 -21.73
N ASN A 195 24.52 1.60 -21.52
CA ASN A 195 25.55 1.92 -20.54
C ASN A 195 24.93 2.62 -19.35
N ALA A 196 25.57 2.46 -18.20
CA ALA A 196 25.20 3.14 -16.96
C ALA A 196 26.39 3.94 -16.45
N PHE A 197 26.20 5.24 -16.32
CA PHE A 197 27.22 6.17 -15.84
C PHE A 197 27.34 6.03 -14.32
N ALA A 198 28.52 5.58 -13.85
CA ALA A 198 28.76 5.37 -12.43
C ALA A 198 28.71 6.71 -11.70
N LEU A 199 27.86 6.79 -10.69
CA LEU A 199 27.74 8.05 -9.98
C LEU A 199 28.73 7.94 -8.84
N ASN A 200 29.98 8.35 -9.13
CA ASN A 200 31.16 7.95 -8.41
C ASN A 200 31.45 6.48 -8.70
N TYR A 201 32.51 6.23 -9.47
CA TYR A 201 33.13 4.91 -9.55
C TYR A 201 33.96 4.61 -8.31
N ASP A 202 34.31 5.62 -7.51
CA ASP A 202 35.07 5.35 -6.29
C ASP A 202 34.19 4.69 -5.25
N SER A 203 32.87 4.80 -5.37
CA SER A 203 32.01 3.97 -4.53
C SER A 203 32.25 2.49 -4.78
N VAL A 204 32.50 2.12 -6.03
CA VAL A 204 32.87 0.73 -6.30
C VAL A 204 34.20 0.42 -5.66
N VAL A 205 35.17 1.29 -5.87
CA VAL A 205 36.53 1.05 -5.43
C VAL A 205 36.58 0.85 -3.92
N GLN A 206 36.01 1.79 -3.15
CA GLN A 206 36.07 1.71 -1.69
C GLN A 206 35.23 0.55 -1.17
N ARG A 207 34.10 0.23 -1.80
CA ARG A 207 33.33 -0.91 -1.34
C ARG A 207 34.14 -2.19 -1.48
N ILE A 208 34.82 -2.36 -2.60
CA ILE A 208 35.64 -3.56 -2.73
C ILE A 208 36.88 -3.46 -1.85
N ALA A 209 37.45 -2.26 -1.71
CA ALA A 209 38.67 -2.12 -0.94
C ALA A 209 38.45 -2.44 0.53
N GLN A 210 37.25 -2.22 1.05
CA GLN A 210 36.97 -2.42 2.47
C GLN A 210 36.36 -3.78 2.75
N SER A 211 36.42 -4.69 1.80
CA SER A 211 35.93 -6.06 1.96
C SER A 211 37.06 -7.05 2.21
N PHE A 212 38.24 -6.59 2.62
CA PHE A 212 39.32 -7.47 3.03
C PHE A 212 40.11 -6.77 4.11
N PRO A 213 40.96 -7.53 4.89
CA PRO A 213 41.79 -6.91 5.94
C PRO A 213 42.55 -5.68 5.46
N GLN A 214 42.28 -4.54 6.10
CA GLN A 214 43.00 -3.31 5.77
C GLN A 214 44.51 -3.43 6.00
N ASN A 215 44.97 -4.32 6.88
CA ASN A 215 46.42 -4.45 6.98
C ASN A 215 47.04 -5.12 5.75
N TRP A 216 46.23 -5.76 4.90
CA TRP A 216 46.73 -6.30 3.62
C TRP A 216 47.22 -5.19 2.69
N LEU A 217 46.67 -4.00 2.82
CA LEU A 217 46.96 -2.91 1.89
C LEU A 217 48.31 -2.29 2.26
N LYS A 218 49.14 -2.06 1.26
CA LYS A 218 50.48 -1.54 1.46
C LYS A 218 50.78 -0.67 0.22
N LEU A 219 50.31 0.58 0.26
CA LEU A 219 50.44 1.52 -0.83
C LEU A 219 51.85 2.11 -0.85
N SER A 220 52.10 2.92 -1.88
CA SER A 220 53.40 3.52 -2.11
C SER A 220 54.56 2.52 -2.14
N CYS A 221 54.33 1.22 -2.26
CA CYS A 221 55.42 0.29 -2.52
C CYS A 221 55.35 -0.11 -3.99
N GLU A 222 56.39 0.20 -4.74
CA GLU A 222 56.49 -0.25 -6.11
C GLU A 222 57.24 -1.57 -6.16
N VAL A 223 56.69 -2.55 -6.88
CA VAL A 223 57.33 -3.85 -7.05
C VAL A 223 58.35 -3.75 -8.17
N LYS A 224 59.60 -4.15 -7.90
CA LYS A 224 60.64 -4.02 -8.91
C LYS A 224 61.26 -5.33 -9.35
N SER A 225 60.98 -6.44 -8.69
CA SER A 225 61.43 -7.71 -9.23
C SER A 225 60.56 -8.83 -8.67
N ILE A 226 60.25 -9.79 -9.53
CA ILE A 226 59.49 -10.97 -9.15
C ILE A 226 60.35 -12.16 -9.55
N THR A 227 60.83 -12.91 -8.55
CA THR A 227 61.80 -13.97 -8.76
C THR A 227 61.19 -15.25 -8.25
N ARG A 228 60.97 -16.20 -9.16
CA ARG A 228 60.45 -17.51 -8.79
C ARG A 228 61.61 -18.42 -8.46
N GLU A 229 61.79 -18.68 -7.17
CA GLU A 229 62.78 -19.66 -6.75
C GLU A 229 62.38 -21.04 -7.29
N PRO A 230 63.32 -21.83 -7.80
CA PRO A 230 62.93 -23.11 -8.42
C PRO A 230 62.26 -24.04 -7.42
N SER A 231 62.46 -23.79 -6.11
CA SER A 231 61.92 -24.55 -4.98
C SER A 231 60.52 -24.08 -4.56
N LYS A 232 59.66 -23.78 -5.55
CA LYS A 232 58.22 -23.64 -5.39
C LYS A 232 57.85 -22.56 -4.34
N ASN A 233 58.39 -21.36 -4.56
CA ASN A 233 58.05 -20.20 -3.73
C ASN A 233 58.34 -18.96 -4.56
N VAL A 234 57.53 -17.92 -4.36
CA VAL A 234 57.67 -16.70 -5.14
C VAL A 234 58.25 -15.61 -4.25
N THR A 235 59.35 -15.02 -4.71
CA THR A 235 59.95 -13.90 -4.01
C THR A 235 59.51 -12.60 -4.68
N VAL A 236 59.19 -11.60 -3.86
CA VAL A 236 58.76 -10.30 -4.35
C VAL A 236 59.65 -9.23 -3.72
N ASN A 237 60.07 -8.28 -4.55
CA ASN A 237 60.98 -7.21 -4.14
C ASN A 237 60.31 -5.86 -4.32
N CYS A 238 59.96 -5.20 -3.22
CA CYS A 238 59.63 -3.79 -3.33
C CYS A 238 60.91 -2.98 -3.57
N GLU A 239 60.73 -1.73 -4.01
CA GLU A 239 61.85 -0.84 -4.18
C GLU A 239 62.37 -0.30 -2.86
N ASP A 240 61.53 -0.30 -1.81
CA ASP A 240 61.97 0.14 -0.49
C ASP A 240 62.85 -0.90 0.19
N GLY A 241 63.20 -1.94 -0.57
CA GLY A 241 64.04 -3.00 -0.08
C GLY A 241 63.31 -4.16 0.56
N THR A 242 62.05 -3.98 0.96
CA THR A 242 61.33 -5.08 1.58
C THR A 242 61.20 -6.25 0.60
N VAL A 243 61.33 -7.45 1.16
CA VAL A 243 61.35 -8.70 0.42
C VAL A 243 60.26 -9.57 1.00
N TYR A 244 59.57 -10.30 0.13
CA TYR A 244 58.43 -11.08 0.53
C TYR A 244 58.49 -12.45 -0.13
N ASN A 245 57.94 -13.44 0.55
CA ASN A 245 57.84 -14.80 0.06
C ASN A 245 56.37 -15.17 0.01
N ALA A 246 55.90 -15.57 -1.16
CA ALA A 246 54.49 -15.85 -1.35
C ALA A 246 54.32 -17.18 -2.07
N ASP A 247 53.34 -17.96 -1.61
CA ASP A 247 52.95 -19.14 -2.36
C ASP A 247 52.51 -18.76 -3.78
N TYR A 248 51.66 -17.74 -3.90
CA TYR A 248 51.19 -17.28 -5.20
C TYR A 248 51.30 -15.76 -5.35
N VAL A 249 51.62 -15.30 -6.55
CA VAL A 249 51.45 -13.89 -6.85
C VAL A 249 50.47 -13.70 -8.00
N ILE A 250 49.87 -12.53 -8.01
CA ILE A 250 48.89 -12.11 -9.01
C ILE A 250 49.33 -10.72 -9.47
N ILE A 251 49.90 -10.65 -10.67
CA ILE A 251 50.27 -9.36 -11.25
C ILE A 251 49.04 -8.73 -11.91
N THR A 252 48.75 -7.48 -11.56
CA THR A 252 47.68 -6.72 -12.18
C THR A 252 48.16 -5.39 -12.75
N VAL A 253 49.44 -5.27 -13.07
CA VAL A 253 49.91 -4.01 -13.66
C VAL A 253 49.35 -3.88 -15.07
N PRO A 254 49.14 -2.67 -15.57
CA PRO A 254 48.63 -2.51 -16.93
C PRO A 254 49.59 -3.12 -17.92
N GLN A 255 49.01 -3.75 -18.95
CA GLN A 255 49.79 -4.34 -20.03
C GLN A 255 50.90 -3.40 -20.52
N SER A 256 50.60 -2.09 -20.59
CA SER A 256 51.60 -1.13 -21.02
C SER A 256 52.80 -1.16 -20.07
N VAL A 257 52.55 -1.26 -18.78
CA VAL A 257 53.62 -1.34 -17.80
C VAL A 257 54.32 -2.69 -17.90
N LEU A 258 53.54 -3.77 -17.88
CA LEU A 258 54.11 -5.10 -17.97
C LEU A 258 55.01 -5.25 -19.20
N ASN A 259 54.64 -4.57 -20.31
CA ASN A 259 55.44 -4.63 -21.54
C ASN A 259 56.88 -4.22 -21.32
N LEU A 260 57.13 -3.27 -20.40
CA LEU A 260 58.50 -2.82 -20.16
C LEU A 260 59.38 -3.93 -19.63
N SER A 261 58.79 -4.91 -18.94
CA SER A 261 59.54 -6.04 -18.40
C SER A 261 60.28 -6.82 -19.48
N VAL A 262 59.82 -6.78 -20.73
CA VAL A 262 60.47 -7.52 -21.82
C VAL A 262 61.41 -6.62 -22.63
N GLN A 263 61.83 -5.48 -22.04
CA GLN A 263 62.89 -4.62 -22.56
C GLN A 263 64.05 -4.61 -21.57
N PRO A 264 65.23 -4.15 -21.97
CA PRO A 264 66.28 -3.92 -20.97
C PRO A 264 65.97 -2.72 -20.08
N GLU A 265 66.99 -1.89 -19.83
CA GLU A 265 66.95 -0.67 -19.02
C GLU A 265 66.15 -0.83 -17.72
N LYS A 266 66.78 -1.43 -16.68
CA LYS A 266 66.06 -1.78 -15.46
C LYS A 266 65.41 -0.58 -14.78
N ASN A 267 65.81 0.65 -15.11
CA ASN A 267 65.42 1.80 -14.30
C ASN A 267 64.08 2.41 -14.69
N LEU A 268 63.39 1.93 -15.72
CA LEU A 268 62.10 2.50 -16.07
C LEU A 268 61.13 2.42 -14.89
N ARG A 269 60.42 3.52 -14.64
CA ARG A 269 59.46 3.56 -13.54
C ARG A 269 58.33 2.57 -13.79
N GLY A 270 58.05 1.72 -12.81
CA GLY A 270 57.00 0.75 -12.90
C GLY A 270 57.46 -0.63 -13.32
N ARG A 271 58.53 -0.73 -14.09
CA ARG A 271 58.95 -2.00 -14.68
C ARG A 271 59.24 -3.06 -13.61
N ILE A 272 58.73 -4.26 -13.83
CA ILE A 272 59.07 -5.39 -12.96
C ILE A 272 60.15 -6.20 -13.66
N GLU A 273 61.12 -6.68 -12.89
CA GLU A 273 62.16 -7.58 -13.38
C GLU A 273 61.73 -9.02 -13.05
N PHE A 274 61.44 -9.79 -14.10
CA PHE A 274 61.02 -11.18 -13.94
C PHE A 274 62.23 -12.11 -14.01
N GLN A 275 62.24 -13.10 -13.11
CA GLN A 275 63.23 -14.16 -13.20
C GLN A 275 62.61 -15.48 -12.80
N PRO A 276 62.54 -16.48 -13.71
CA PRO A 276 62.84 -16.40 -15.16
C PRO A 276 62.10 -15.28 -15.88
N PRO A 277 62.63 -14.84 -17.02
CA PRO A 277 61.93 -13.85 -17.83
C PRO A 277 60.54 -14.32 -18.22
N LEU A 278 59.74 -13.37 -18.69
CA LEU A 278 58.37 -13.72 -19.07
C LEU A 278 58.40 -14.72 -20.22
N LYS A 279 57.57 -15.77 -20.08
CA LYS A 279 57.42 -16.87 -21.04
C LYS A 279 57.46 -16.35 -22.47
N PRO A 280 58.22 -16.99 -23.36
CA PRO A 280 58.19 -16.59 -24.78
C PRO A 280 56.79 -16.48 -25.37
N VAL A 281 55.85 -17.31 -24.90
CA VAL A 281 54.45 -17.11 -25.26
C VAL A 281 53.98 -15.72 -24.85
N ILE A 282 54.41 -15.26 -23.66
CA ILE A 282 53.97 -13.96 -23.17
C ILE A 282 54.67 -12.82 -23.89
N GLN A 283 56.01 -12.91 -24.05
CA GLN A 283 56.72 -11.85 -24.76
C GLN A 283 56.11 -11.60 -26.12
N ASP A 284 55.74 -12.69 -26.81
CA ASP A 284 55.25 -12.59 -28.19
C ASP A 284 53.93 -11.86 -28.27
N ALA A 285 53.00 -12.15 -27.34
CA ALA A 285 51.68 -11.52 -27.34
C ALA A 285 51.74 -9.99 -27.25
N PHE A 286 52.87 -9.43 -26.81
CA PHE A 286 53.00 -7.97 -26.75
C PHE A 286 53.09 -7.34 -28.15
N ASP A 287 53.36 -8.13 -29.19
CA ASP A 287 53.38 -7.64 -30.57
C ASP A 287 52.02 -7.65 -31.23
N LYS A 288 51.07 -8.39 -30.68
CA LYS A 288 49.76 -8.58 -31.30
C LYS A 288 48.66 -7.79 -30.59
N ILE A 289 49.05 -6.87 -29.70
CA ILE A 289 48.12 -5.93 -29.05
C ILE A 289 48.95 -4.72 -28.69
N HIS A 290 48.28 -3.58 -28.48
CA HIS A 290 48.97 -2.33 -28.24
C HIS A 290 48.16 -1.50 -27.24
N PHE A 291 48.29 -0.18 -27.24
CA PHE A 291 47.67 0.59 -26.17
C PHE A 291 46.97 1.83 -26.66
N GLY A 292 45.82 2.13 -26.03
CA GLY A 292 45.00 3.25 -26.40
C GLY A 292 45.18 4.44 -25.48
N ALA A 293 44.79 5.61 -25.96
CA ALA A 293 44.94 6.81 -25.18
C ALA A 293 43.64 7.61 -25.21
N LEU A 294 42.55 6.95 -24.83
CA LEU A 294 41.40 7.69 -24.36
C LEU A 294 41.83 8.67 -23.27
N GLY A 295 41.70 9.96 -23.54
CA GLY A 295 41.90 10.98 -22.54
C GLY A 295 40.56 11.60 -22.17
N LYS A 296 40.59 12.42 -21.12
CA LYS A 296 39.38 13.15 -20.77
C LYS A 296 39.72 14.58 -20.42
N VAL A 297 38.78 15.47 -20.68
CA VAL A 297 38.88 16.86 -20.25
C VAL A 297 37.54 17.27 -19.67
N ILE A 298 37.56 17.91 -18.51
CA ILE A 298 36.34 18.32 -17.83
C ILE A 298 36.24 19.83 -17.91
N PHE A 299 35.14 20.31 -18.46
CA PHE A 299 34.86 21.74 -18.55
C PHE A 299 33.81 22.08 -17.51
N GLU A 300 34.19 22.78 -16.46
CA GLU A 300 33.23 23.18 -15.44
C GLU A 300 32.75 24.60 -15.71
N PHE A 301 31.44 24.78 -15.78
CA PHE A 301 30.84 26.09 -15.94
C PHE A 301 30.09 26.45 -14.67
N GLU A 302 29.82 27.74 -14.49
CA GLU A 302 29.12 28.16 -13.29
C GLU A 302 27.75 27.48 -13.17
N GLU A 303 26.84 27.79 -14.08
CA GLU A 303 25.52 27.17 -14.06
C GLU A 303 25.16 26.71 -15.46
N CYS A 304 24.11 25.92 -15.57
CA CYS A 304 23.63 25.46 -16.87
C CYS A 304 22.69 26.50 -17.45
N CYS A 305 23.08 27.13 -18.56
CA CYS A 305 22.24 28.09 -19.26
C CYS A 305 22.06 27.70 -20.73
N TRP A 306 22.16 26.42 -21.03
CA TRP A 306 22.09 25.89 -22.37
C TRP A 306 21.03 24.79 -22.41
N SER A 307 20.77 24.30 -23.62
CA SER A 307 19.73 23.30 -23.82
C SER A 307 20.17 21.94 -23.29
N ASN A 308 19.25 21.26 -22.60
CA ASN A 308 19.51 19.93 -22.05
C ASN A 308 18.75 18.88 -22.84
N GLU A 309 18.70 19.08 -24.16
CA GLU A 309 18.12 18.07 -25.04
C GLU A 309 18.80 16.73 -24.84
N SER A 310 20.13 16.73 -24.79
CA SER A 310 20.83 15.46 -24.81
C SER A 310 22.07 15.53 -23.93
N SER A 311 22.44 14.40 -23.38
CA SER A 311 23.70 14.29 -22.66
C SER A 311 24.86 13.91 -23.58
N LYS A 312 24.58 13.63 -24.87
CA LYS A 312 25.56 13.07 -25.81
C LYS A 312 25.74 14.02 -26.99
N ILE A 313 26.95 14.58 -27.15
CA ILE A 313 27.21 15.52 -28.22
C ILE A 313 28.55 15.18 -28.86
N VAL A 314 28.57 14.93 -30.17
CA VAL A 314 29.81 14.71 -30.88
C VAL A 314 30.03 15.85 -31.86
N THR A 315 31.14 16.55 -31.69
CA THR A 315 31.56 17.53 -32.67
C THR A 315 32.36 16.84 -33.77
N LEU A 316 32.10 17.24 -35.01
CA LEU A 316 32.67 16.62 -36.19
C LEU A 316 33.96 17.30 -36.60
N ALA A 317 34.98 16.51 -36.93
CA ALA A 317 36.13 17.08 -37.62
C ALA A 317 35.68 17.74 -38.92
N ASN A 318 36.35 18.83 -39.28
CA ASN A 318 36.08 19.54 -40.51
C ASN A 318 36.15 18.59 -41.70
N SER A 319 35.27 18.80 -42.68
CA SER A 319 35.30 18.06 -43.94
C SER A 319 35.13 19.05 -45.11
N THR A 320 35.23 18.54 -46.33
CA THR A 320 35.18 19.41 -47.49
C THR A 320 34.37 18.78 -48.59
N ASN A 321 33.75 19.62 -49.42
CA ASN A 321 33.08 19.08 -50.59
C ASN A 321 34.09 18.56 -51.60
N GLU A 322 35.34 19.04 -51.57
CA GLU A 322 36.35 18.53 -52.48
C GLU A 322 36.57 17.04 -52.24
N PHE A 323 36.60 16.63 -50.98
CA PHE A 323 36.65 15.21 -50.66
C PHE A 323 35.62 14.42 -51.48
N VAL A 324 34.36 14.88 -51.48
CA VAL A 324 33.31 14.18 -52.22
C VAL A 324 33.70 14.01 -53.68
N GLU A 325 34.01 15.12 -54.33
CA GLU A 325 34.60 15.11 -55.66
C GLU A 325 35.60 13.97 -55.87
N ILE A 326 36.64 13.94 -55.03
CA ILE A 326 37.63 12.87 -55.08
C ILE A 326 36.95 11.51 -55.02
N VAL A 327 35.98 11.36 -54.12
CA VAL A 327 35.34 10.05 -53.98
C VAL A 327 34.58 9.67 -55.23
N ARG A 328 33.92 10.63 -55.87
CA ARG A 328 33.18 10.32 -57.09
C ARG A 328 34.13 10.01 -58.24
N ASN A 329 35.34 10.59 -58.22
CA ASN A 329 36.19 10.59 -59.41
C ASN A 329 37.40 9.67 -59.28
N ALA A 330 37.36 8.69 -58.37
CA ALA A 330 38.40 7.69 -58.27
C ALA A 330 37.96 6.41 -58.99
N GLU A 331 38.94 5.67 -59.53
CA GLU A 331 38.67 4.42 -60.22
C GLU A 331 38.70 3.20 -59.31
N ASN A 332 39.49 3.22 -58.22
CA ASN A 332 39.61 2.07 -57.33
C ASN A 332 40.17 2.54 -56.01
N LEU A 333 40.28 1.62 -55.05
CA LEU A 333 40.73 1.98 -53.69
C LEU A 333 42.14 2.53 -53.72
N ASP A 334 43.03 1.90 -54.49
CA ASP A 334 44.41 2.36 -54.55
C ASP A 334 44.49 3.80 -55.01
N GLU A 335 43.81 4.11 -56.12
CA GLU A 335 43.89 5.44 -56.69
C GLU A 335 43.07 6.44 -55.87
N LEU A 336 42.04 5.97 -55.18
CA LEU A 336 41.34 6.84 -54.23
C LEU A 336 42.28 7.26 -53.09
N ASP A 337 42.97 6.28 -52.48
CA ASP A 337 43.90 6.60 -51.42
C ASP A 337 44.90 7.64 -51.87
N SER A 338 45.38 7.52 -53.10
CA SER A 338 46.49 8.34 -53.56
C SER A 338 46.04 9.78 -53.83
N MET A 339 44.93 9.95 -54.56
CA MET A 339 44.37 11.28 -54.74
C MET A 339 44.31 12.00 -53.40
N LEU A 340 43.73 11.35 -52.39
CA LEU A 340 43.83 11.85 -51.03
C LEU A 340 45.30 12.04 -50.71
N GLU A 341 45.82 13.22 -51.04
CA GLU A 341 47.17 13.61 -50.70
C GLU A 341 47.28 15.12 -50.86
N ARG A 342 48.09 15.73 -49.98
CA ARG A 342 48.11 17.18 -49.77
C ARG A 342 49.46 17.63 -49.23
N THR A 349 48.63 22.56 -42.29
CA THR A 349 47.29 22.71 -41.73
C THR A 349 47.35 23.03 -40.24
N SER A 350 48.11 22.20 -39.50
CA SER A 350 48.33 22.33 -38.06
C SER A 350 47.06 22.03 -37.25
N VAL A 351 47.21 21.19 -36.21
CA VAL A 351 46.07 20.52 -35.59
C VAL A 351 45.30 21.47 -34.70
N THR A 352 43.96 21.41 -34.78
CA THR A 352 43.06 22.23 -33.97
C THR A 352 41.97 21.35 -33.39
N CYS A 353 41.13 21.96 -32.54
CA CYS A 353 39.97 21.26 -31.99
C CYS A 353 39.03 20.72 -33.07
N TRP A 354 39.05 21.31 -34.27
CA TRP A 354 38.22 20.86 -35.38
C TRP A 354 38.93 19.81 -36.24
N SER A 355 40.07 19.29 -35.78
CA SER A 355 40.84 18.36 -36.57
C SER A 355 40.49 16.90 -36.30
N GLN A 356 39.53 16.63 -35.43
CA GLN A 356 39.17 15.27 -35.06
C GLN A 356 37.86 15.30 -34.29
N PRO A 357 37.11 14.20 -34.30
CA PRO A 357 35.86 14.19 -33.54
C PRO A 357 36.16 14.40 -32.07
N LEU A 358 35.21 15.02 -31.38
CA LEU A 358 35.28 15.15 -29.92
C LEU A 358 33.94 14.75 -29.33
N PHE A 359 34.00 13.86 -28.34
CA PHE A 359 32.81 13.34 -27.68
C PHE A 359 32.62 14.15 -26.40
N PHE A 360 31.42 14.67 -26.22
CA PHE A 360 31.12 15.56 -25.12
C PHE A 360 29.94 14.98 -24.34
N VAL A 361 30.07 14.87 -23.02
CA VAL A 361 28.96 14.43 -22.19
C VAL A 361 28.39 15.64 -21.46
N ASN A 362 27.13 15.98 -21.75
CA ASN A 362 26.49 17.09 -21.05
C ASN A 362 25.92 16.56 -19.74
N LEU A 363 26.74 16.59 -18.69
CA LEU A 363 26.32 16.03 -17.40
C LEU A 363 25.19 16.82 -16.77
N SER A 364 25.02 18.09 -17.17
CA SER A 364 23.90 18.89 -16.69
C SER A 364 22.58 18.13 -16.84
N LYS A 365 22.34 17.55 -18.02
CA LYS A 365 21.14 16.74 -18.18
C LYS A 365 21.23 15.46 -17.36
N SER A 366 22.30 14.70 -17.55
CA SER A 366 22.36 13.38 -16.93
C SER A 366 22.58 13.45 -15.42
N THR A 367 23.25 14.48 -14.89
CA THR A 367 23.53 14.50 -13.45
C THR A 367 23.22 15.81 -12.74
N GLY A 368 22.85 16.87 -13.46
CA GLY A 368 22.61 18.16 -12.84
C GLY A 368 23.79 19.12 -12.88
N VAL A 369 24.99 18.60 -12.88
CA VAL A 369 26.18 19.41 -12.70
C VAL A 369 26.52 20.13 -14.00
N ALA A 370 26.77 21.44 -13.90
CA ALA A 370 26.95 22.28 -15.07
C ALA A 370 28.34 22.10 -15.67
N SER A 371 28.61 20.88 -16.14
CA SER A 371 29.95 20.54 -16.61
C SER A 371 29.89 19.55 -17.77
N PHE A 372 30.73 19.77 -18.77
CA PHE A 372 30.87 18.84 -19.88
C PHE A 372 31.98 17.85 -19.60
N MET A 373 31.75 16.58 -19.97
CA MET A 373 32.78 15.57 -19.84
C MET A 373 33.19 15.18 -21.26
N MET A 374 34.30 15.73 -21.72
CA MET A 374 34.66 15.51 -23.09
C MET A 374 35.74 14.44 -23.15
N LEU A 375 35.62 13.55 -24.13
CA LEU A 375 36.53 12.45 -24.34
C LEU A 375 37.38 12.76 -25.56
N MET A 376 38.59 12.18 -25.61
CA MET A 376 39.52 12.48 -26.70
C MET A 376 40.38 11.27 -26.93
N GLN A 377 41.22 11.34 -27.98
CA GLN A 377 41.87 10.14 -28.50
C GLN A 377 43.28 10.44 -28.97
N ALA A 378 44.10 9.39 -29.00
CA ALA A 378 45.40 9.48 -29.65
C ALA A 378 45.22 9.93 -31.10
N PRO A 379 46.11 10.79 -31.63
CA PRO A 379 47.29 11.34 -30.96
C PRO A 379 47.02 12.64 -30.19
N LEU A 380 45.78 13.12 -30.19
CA LEU A 380 45.50 14.39 -29.52
C LEU A 380 45.77 14.28 -28.03
N THR A 381 45.37 13.17 -27.40
CA THR A 381 45.36 13.04 -25.95
C THR A 381 46.70 13.43 -25.35
N ASN A 382 47.78 12.81 -25.85
CA ASN A 382 49.10 13.06 -25.29
C ASN A 382 49.47 14.53 -25.39
N HIS A 383 49.25 15.14 -26.56
CA HIS A 383 49.53 16.56 -26.71
C HIS A 383 48.71 17.40 -25.74
N ILE A 384 47.43 17.06 -25.55
CA ILE A 384 46.61 17.86 -24.65
C ILE A 384 46.97 17.57 -23.19
N GLU A 385 47.22 16.30 -22.88
CA GLU A 385 47.60 15.94 -21.52
C GLU A 385 48.94 16.56 -21.15
N SER A 386 49.84 16.72 -22.13
CA SER A 386 51.14 17.32 -21.88
C SER A 386 51.08 18.83 -21.70
N ILE A 387 49.89 19.45 -21.76
CA ILE A 387 49.75 20.87 -21.51
C ILE A 387 48.56 21.06 -20.57
N ARG A 388 48.26 20.00 -19.82
CA ARG A 388 47.18 20.01 -18.85
C ARG A 388 47.31 21.10 -17.77
N GLU A 389 48.53 21.60 -17.50
CA GLU A 389 48.69 22.67 -16.52
C GLU A 389 48.59 24.05 -17.12
N ASP A 390 48.72 24.18 -18.45
CA ASP A 390 48.60 25.48 -19.11
C ASP A 390 47.14 25.69 -19.49
N LYS A 391 46.35 26.05 -18.47
CA LYS A 391 44.89 26.10 -18.61
C LYS A 391 44.46 27.05 -19.73
N GLU A 392 45.02 28.26 -19.74
CA GLU A 392 44.60 29.24 -20.73
C GLU A 392 44.92 28.78 -22.14
N ARG A 393 46.00 28.02 -22.31
CA ARG A 393 46.21 27.36 -23.59
C ARG A 393 45.11 26.35 -23.87
N LEU A 394 44.72 25.57 -22.85
CA LEU A 394 43.61 24.63 -23.05
C LEU A 394 42.35 25.36 -23.50
N PHE A 395 41.94 26.41 -22.76
CA PHE A 395 40.73 27.13 -23.12
C PHE A 395 40.79 27.64 -24.56
N SER A 396 41.90 28.26 -24.94
CA SER A 396 42.02 28.75 -26.30
C SER A 396 41.82 27.63 -27.32
N PHE A 397 42.28 26.42 -27.01
CA PHE A 397 42.27 25.35 -27.99
C PHE A 397 40.87 24.79 -28.18
N PHE A 398 40.08 24.72 -27.12
CA PHE A 398 38.73 24.16 -27.17
C PHE A 398 37.65 25.22 -27.28
N GLN A 399 38.02 26.48 -27.27
CA GLN A 399 37.00 27.53 -27.31
C GLN A 399 36.14 27.45 -28.57
N PRO A 400 36.67 27.22 -29.78
CA PRO A 400 35.78 27.13 -30.95
C PRO A 400 34.73 26.04 -30.85
N VAL A 401 35.12 24.79 -30.49
CA VAL A 401 34.13 23.73 -30.36
C VAL A 401 33.24 23.98 -29.15
N LEU A 402 33.74 24.65 -28.13
CA LEU A 402 32.86 24.97 -27.01
C LEU A 402 31.81 25.99 -27.44
N ASN A 403 32.23 27.10 -28.06
CA ASN A 403 31.30 28.10 -28.58
C ASN A 403 30.32 27.48 -29.56
N LYS A 404 30.83 26.72 -30.52
CA LYS A 404 29.94 26.11 -31.49
C LYS A 404 28.91 25.25 -30.79
N ILE A 405 29.30 24.53 -29.74
CA ILE A 405 28.34 23.68 -29.03
C ILE A 405 27.27 24.53 -28.39
N MET A 406 27.66 25.63 -27.75
CA MET A 406 26.66 26.50 -27.11
C MET A 406 25.72 27.12 -28.14
N LYS A 407 26.25 27.48 -29.32
CA LYS A 407 25.39 27.98 -30.38
C LYS A 407 24.32 26.97 -30.75
N CYS A 408 24.71 25.71 -30.93
CA CYS A 408 23.73 24.69 -31.26
C CYS A 408 22.82 24.34 -30.09
N LEU A 409 23.14 24.80 -28.87
CA LEU A 409 22.33 24.51 -27.68
C LEU A 409 21.59 25.74 -27.15
N ASP A 410 21.36 26.74 -28.00
CA ASP A 410 20.55 27.91 -27.69
C ASP A 410 21.21 28.86 -26.70
N SER A 411 22.52 28.73 -26.49
CA SER A 411 23.21 29.67 -25.62
C SER A 411 24.22 30.50 -26.40
N GLU A 412 25.13 31.17 -25.69
CA GLU A 412 26.04 32.13 -26.29
C GLU A 412 27.48 31.65 -26.13
N ASP A 413 28.41 32.46 -26.63
CA ASP A 413 29.82 32.18 -26.46
C ASP A 413 30.21 32.10 -24.97
N VAL A 414 31.29 31.38 -24.69
CA VAL A 414 31.71 31.06 -23.33
C VAL A 414 32.64 32.14 -22.80
N ILE A 415 32.36 32.63 -21.60
CA ILE A 415 33.21 33.62 -20.96
C ILE A 415 34.26 32.87 -20.12
N ASP A 416 35.53 33.12 -20.42
CA ASP A 416 36.66 32.59 -19.64
C ASP A 416 36.60 33.19 -18.25
N GLY A 417 36.12 32.41 -17.29
CA GLY A 417 36.04 32.84 -15.90
C GLY A 417 36.83 31.95 -14.97
N MET A 418 37.97 31.47 -15.46
CA MET A 418 38.81 30.55 -14.69
C MET A 418 39.56 31.24 -13.58
N ARG A 419 39.84 32.52 -13.79
CA ARG A 419 40.62 33.39 -12.91
C ARG A 419 39.74 34.38 -12.15
N PRO A 420 38.64 33.89 -11.48
CA PRO A 420 37.50 34.77 -11.17
C PRO A 420 37.81 36.25 -11.00
N ILE A 421 37.37 37.02 -12.00
CA ILE A 421 37.25 38.47 -11.92
C ILE A 421 35.80 38.92 -12.00
N GLU A 422 34.85 37.98 -12.13
CA GLU A 422 33.43 38.18 -11.83
C GLU A 422 32.68 39.09 -12.80
N ASN A 423 31.38 38.83 -12.97
CA ASN A 423 30.46 39.72 -13.68
C ASN A 423 29.03 39.33 -13.32
N ILE A 424 28.20 40.33 -13.03
CA ILE A 424 26.79 40.09 -12.71
C ILE A 424 25.97 39.87 -13.98
N ALA A 425 26.32 40.57 -15.08
CA ALA A 425 25.53 40.49 -16.30
C ALA A 425 25.71 39.17 -17.04
N ASN A 426 25.90 38.08 -16.30
CA ASN A 426 25.95 36.73 -16.86
C ASN A 426 24.82 35.93 -16.22
N ALA A 427 23.71 35.84 -16.93
CA ALA A 427 22.59 34.98 -16.56
C ALA A 427 22.25 33.96 -17.62
N ASN A 428 22.50 34.28 -18.88
CA ASN A 428 22.38 33.32 -19.98
C ASN A 428 23.66 33.27 -20.81
N LYS A 429 24.78 33.76 -20.26
CA LYS A 429 26.06 33.53 -20.90
C LYS A 429 26.83 32.47 -20.12
N PRO A 430 27.39 31.44 -20.77
CA PRO A 430 28.14 30.42 -20.02
C PRO A 430 29.51 30.91 -19.57
N VAL A 431 29.86 30.54 -18.34
CA VAL A 431 31.10 30.97 -17.70
C VAL A 431 31.93 29.74 -17.31
N LEU A 432 33.04 29.52 -18.01
CA LEU A 432 33.95 28.43 -17.72
C LEU A 432 34.71 28.73 -16.43
N ARG A 433 34.46 27.92 -15.39
CA ARG A 433 35.06 28.10 -14.07
C ARG A 433 36.36 27.32 -13.89
N ASN A 434 36.52 26.19 -14.58
CA ASN A 434 37.63 25.29 -14.30
C ASN A 434 37.74 24.24 -15.39
N ILE A 435 38.96 23.85 -15.70
CA ILE A 435 39.25 22.78 -16.66
C ILE A 435 40.07 21.72 -15.94
N ILE A 436 39.57 20.49 -15.91
CA ILE A 436 40.30 19.35 -15.39
C ILE A 436 40.70 18.47 -16.55
N VAL A 437 41.93 17.98 -16.53
CA VAL A 437 42.43 17.07 -17.54
C VAL A 437 42.99 15.82 -16.89
N SER A 438 42.64 14.66 -17.45
CA SER A 438 43.31 13.40 -17.19
C SER A 438 44.81 13.49 -17.46
N ASN A 439 45.52 12.39 -17.25
CA ASN A 439 46.97 12.42 -17.16
C ASN A 439 47.56 11.04 -17.43
N TRP A 440 46.73 10.13 -17.96
CA TRP A 440 47.10 8.71 -18.01
C TRP A 440 48.30 8.45 -18.91
N THR A 441 48.38 9.15 -20.04
CA THR A 441 49.51 8.91 -20.94
C THR A 441 50.84 9.27 -20.27
N ARG A 442 50.79 10.21 -19.32
CA ARG A 442 52.00 10.66 -18.65
C ARG A 442 52.17 10.04 -17.27
N ASP A 443 51.14 9.38 -16.73
CA ASP A 443 51.29 8.67 -15.45
C ASP A 443 52.11 7.41 -15.67
N PRO A 444 53.30 7.30 -15.07
CA PRO A 444 54.14 6.11 -15.34
C PRO A 444 53.47 4.80 -14.96
N TYR A 445 52.48 4.80 -14.07
CA TYR A 445 51.84 3.55 -13.69
C TYR A 445 50.56 3.27 -14.47
N SER A 446 50.30 4.00 -15.55
CA SER A 446 49.19 3.66 -16.43
C SER A 446 49.69 3.60 -17.87
N ARG A 447 50.40 4.66 -18.30
CA ARG A 447 51.09 4.68 -19.59
C ARG A 447 50.09 4.50 -20.74
N GLY A 448 49.07 5.34 -20.74
CA GLY A 448 47.95 5.23 -21.64
C GLY A 448 46.71 4.79 -20.89
N ALA A 449 45.66 4.56 -21.69
CA ALA A 449 44.31 4.31 -21.19
C ALA A 449 44.02 2.82 -20.95
N TYR A 450 43.84 2.01 -22.01
CA TYR A 450 43.51 0.62 -21.69
C TYR A 450 43.93 -0.45 -22.69
N SER A 451 44.44 -0.10 -23.88
CA SER A 451 44.78 -1.06 -24.94
C SER A 451 43.60 -1.36 -25.87
N ALA A 452 43.71 -0.88 -27.11
CA ALA A 452 42.81 -1.17 -28.20
C ALA A 452 43.58 -2.05 -29.19
N CYS A 453 43.14 -2.08 -30.45
CA CYS A 453 43.81 -2.87 -31.47
C CYS A 453 44.34 -1.98 -32.58
N PHE A 454 45.61 -2.17 -32.94
CA PHE A 454 46.19 -1.59 -34.15
C PHE A 454 45.85 -2.47 -35.37
N PRO A 455 46.03 -1.94 -36.60
CA PRO A 455 45.89 -2.78 -37.80
C PRO A 455 46.68 -4.08 -37.71
N GLY A 456 46.00 -5.21 -37.60
CA GLY A 456 46.64 -6.51 -37.56
C GLY A 456 46.77 -7.14 -36.18
N ASP A 457 46.27 -6.49 -35.13
CA ASP A 457 46.43 -7.04 -33.80
C ASP A 457 45.35 -8.07 -33.52
N ASP A 458 45.74 -9.14 -32.83
CA ASP A 458 44.81 -10.18 -32.41
C ASP A 458 44.80 -10.24 -30.89
N PRO A 459 43.90 -9.50 -30.24
CA PRO A 459 43.94 -9.39 -28.77
C PRO A 459 43.86 -10.72 -28.06
N VAL A 460 43.44 -11.79 -28.74
CA VAL A 460 43.22 -13.06 -28.06
C VAL A 460 44.54 -13.66 -27.60
N ASP A 461 45.63 -13.38 -28.31
CA ASP A 461 46.95 -13.86 -27.88
C ASP A 461 47.27 -13.43 -26.45
N MET A 462 47.18 -12.13 -26.16
CA MET A 462 47.41 -11.67 -24.80
C MET A 462 46.53 -12.42 -23.80
N VAL A 463 45.23 -12.52 -24.07
CA VAL A 463 44.32 -13.10 -23.07
C VAL A 463 44.76 -14.52 -22.73
N VAL A 464 45.26 -15.24 -23.72
CA VAL A 464 45.67 -16.63 -23.49
C VAL A 464 46.95 -16.65 -22.69
N ALA A 465 47.96 -15.88 -23.13
CA ALA A 465 49.24 -15.88 -22.42
C ALA A 465 49.08 -15.37 -20.99
N MET A 466 48.30 -14.30 -20.78
CA MET A 466 48.01 -13.87 -19.42
C MET A 466 47.25 -14.94 -18.63
N SER A 467 46.08 -15.35 -19.12
CA SER A 467 45.21 -16.19 -18.30
C SER A 467 45.83 -17.53 -17.94
N ASN A 468 46.87 -17.95 -18.63
CA ASN A 468 47.44 -19.25 -18.32
C ASN A 468 48.66 -19.14 -17.42
N GLY A 469 49.02 -17.92 -17.03
CA GLY A 469 50.07 -17.67 -16.08
C GLY A 469 51.44 -17.75 -16.71
N GLN A 470 52.39 -17.06 -16.06
CA GLN A 470 53.80 -17.36 -16.24
C GLN A 470 54.07 -18.82 -15.91
N ASP A 471 53.59 -19.26 -14.75
CA ASP A 471 53.68 -20.64 -14.30
C ASP A 471 52.54 -20.90 -13.33
N SER A 472 52.60 -22.01 -12.62
CA SER A 472 51.51 -22.34 -11.71
C SER A 472 51.34 -21.31 -10.60
N ARG A 473 52.35 -20.48 -10.34
CA ARG A 473 52.31 -19.56 -9.20
C ARG A 473 52.31 -18.08 -9.59
N ILE A 474 53.02 -17.68 -10.63
CA ILE A 474 53.00 -16.30 -11.10
C ILE A 474 51.84 -16.15 -12.09
N ARG A 475 50.81 -15.40 -11.67
CA ARG A 475 49.57 -15.26 -12.42
C ARG A 475 49.34 -13.81 -12.81
N PHE A 476 48.39 -13.61 -13.72
CA PHE A 476 48.08 -12.30 -14.26
C PHE A 476 46.58 -12.04 -14.27
N ALA A 477 46.21 -10.81 -13.94
CA ALA A 477 44.87 -10.30 -14.10
C ALA A 477 44.97 -8.88 -14.61
N GLY A 478 43.81 -8.29 -14.90
CA GLY A 478 43.73 -6.96 -15.46
C GLY A 478 42.84 -6.91 -16.68
N GLU A 479 42.57 -5.68 -17.13
CA GLU A 479 41.69 -5.52 -18.27
C GLU A 479 42.25 -6.22 -19.51
N HIS A 480 43.56 -6.29 -19.61
CA HIS A 480 44.24 -6.90 -20.74
C HIS A 480 44.31 -8.42 -20.66
N THR A 481 43.63 -9.07 -19.70
CA THR A 481 43.82 -10.49 -19.45
C THR A 481 42.53 -11.32 -19.55
N ILE A 482 41.51 -10.82 -20.25
CA ILE A 482 40.23 -11.53 -20.28
C ILE A 482 39.48 -11.13 -21.54
N MET A 483 38.76 -12.10 -22.13
CA MET A 483 37.92 -11.84 -23.31
C MET A 483 36.70 -11.00 -22.95
N ASP A 484 35.82 -11.54 -22.12
CA ASP A 484 34.59 -10.85 -21.72
C ASP A 484 34.95 -9.63 -20.87
N GLY A 485 34.76 -8.46 -21.45
CA GLY A 485 35.10 -7.22 -20.80
C GLY A 485 36.51 -6.73 -21.02
N ALA A 486 37.21 -7.23 -22.06
CA ALA A 486 38.54 -6.73 -22.39
C ALA A 486 38.54 -5.21 -22.40
N GLY A 487 39.60 -4.63 -21.79
CA GLY A 487 39.75 -3.18 -21.64
C GLY A 487 38.78 -2.49 -20.71
N CYS A 488 37.80 -3.21 -20.14
CA CYS A 488 36.71 -2.62 -19.39
C CYS A 488 36.84 -2.97 -17.90
N ALA A 489 36.36 -2.06 -17.05
CA ALA A 489 36.58 -2.26 -15.61
C ALA A 489 36.05 -3.61 -15.15
N TYR A 490 34.91 -4.07 -15.71
CA TYR A 490 34.39 -5.36 -15.29
C TYR A 490 35.22 -6.52 -15.84
N GLY A 491 35.88 -6.31 -16.98
CA GLY A 491 36.87 -7.28 -17.41
C GLY A 491 37.98 -7.44 -16.40
N ALA A 492 38.63 -6.32 -16.03
CA ALA A 492 39.59 -6.36 -14.92
C ALA A 492 38.95 -6.96 -13.68
N TRP A 493 37.72 -6.55 -13.38
CA TRP A 493 37.06 -7.00 -12.15
C TRP A 493 36.90 -8.51 -12.16
N GLU A 494 36.36 -9.07 -13.26
CA GLU A 494 36.17 -10.51 -13.34
C GLU A 494 37.51 -11.24 -13.37
N SER A 495 38.55 -10.65 -13.97
CA SER A 495 39.84 -11.31 -14.02
C SER A 495 40.45 -11.47 -12.63
N GLY A 496 40.26 -10.49 -11.75
CA GLY A 496 40.78 -10.62 -10.41
C GLY A 496 40.08 -11.73 -9.64
N ARG A 497 38.76 -11.86 -9.85
CA ARG A 497 37.99 -12.95 -9.25
C ARG A 497 38.51 -14.28 -9.74
N ARG A 498 38.86 -14.34 -11.01
CA ARG A 498 39.37 -15.56 -11.60
C ARG A 498 40.58 -16.12 -10.88
N GLU A 499 41.70 -15.39 -10.99
CA GLU A 499 42.96 -15.88 -10.43
C GLU A 499 42.81 -16.20 -8.95
N ALA A 500 42.01 -15.40 -8.24
CA ALA A 500 41.82 -15.60 -6.81
C ALA A 500 40.92 -16.79 -6.52
N THR A 501 39.86 -17.00 -7.31
CA THR A 501 39.04 -18.19 -7.10
C THR A 501 39.88 -19.44 -7.29
N ARG A 502 40.64 -19.51 -8.39
CA ARG A 502 41.49 -20.68 -8.61
C ARG A 502 42.50 -20.85 -7.48
N ILE A 503 43.17 -19.77 -7.08
CA ILE A 503 44.13 -19.89 -5.98
C ILE A 503 43.41 -20.34 -4.71
N SER A 504 42.20 -19.82 -4.47
CA SER A 504 41.43 -20.19 -3.29
C SER A 504 41.26 -21.70 -3.21
N ASP A 505 40.74 -22.29 -4.30
CA ASP A 505 40.52 -23.73 -4.34
C ASP A 505 41.80 -24.51 -4.13
N LEU A 506 42.89 -24.12 -4.80
CA LEU A 506 44.14 -24.84 -4.66
C LEU A 506 44.62 -24.85 -3.20
N LEU A 507 44.48 -23.72 -2.51
CA LEU A 507 44.96 -23.63 -1.13
C LEU A 507 44.05 -24.33 -0.15
N LYS A 508 42.75 -24.41 -0.47
CA LYS A 508 41.84 -25.23 0.32
C LYS A 508 42.34 -26.68 0.39
N LEU A 509 42.74 -27.24 -0.76
CA LEU A 509 43.24 -28.61 -0.81
C LEU A 509 44.70 -28.69 -0.38
N GLU A 510 45.36 -27.54 -0.19
CA GLU A 510 46.76 -27.49 0.19
C GLU A 510 46.96 -28.06 1.59
N HIS A 511 47.27 -29.35 1.64
CA HIS A 511 47.92 -30.05 2.75
C HIS A 511 47.23 -29.84 4.10
N HIS A 512 45.93 -30.19 4.14
CA HIS A 512 45.17 -30.32 5.39
C HIS A 512 45.00 -29.00 6.16
N HIS A 513 43.74 -28.61 6.35
CA HIS A 513 43.41 -27.47 7.20
C HIS A 513 41.97 -27.64 7.74
N LYS B 8 7.48 -33.39 -76.80
CA LYS B 8 6.93 -32.04 -76.94
C LYS B 8 7.91 -30.96 -76.47
N LYS B 9 8.09 -30.78 -75.15
CA LYS B 9 8.73 -29.58 -74.63
C LYS B 9 9.99 -29.91 -73.84
N LYS B 10 11.07 -29.18 -74.10
CA LYS B 10 12.31 -29.42 -73.37
C LYS B 10 12.14 -29.13 -71.87
N VAL B 11 11.63 -27.95 -71.52
CA VAL B 11 11.40 -27.59 -70.12
C VAL B 11 10.01 -26.98 -70.02
N ILE B 12 9.24 -27.40 -69.03
CA ILE B 12 7.99 -26.71 -68.70
C ILE B 12 8.14 -26.11 -67.33
N ILE B 13 8.00 -24.79 -67.25
CA ILE B 13 8.02 -24.04 -66.01
C ILE B 13 6.59 -23.85 -65.55
N ILE B 14 6.29 -24.27 -64.33
CA ILE B 14 5.01 -23.97 -63.71
C ILE B 14 5.15 -22.65 -62.96
N GLY B 15 4.20 -21.74 -63.15
CA GLY B 15 4.22 -20.42 -62.53
C GLY B 15 5.11 -19.38 -63.19
N ALA B 16 4.56 -18.19 -63.43
CA ALA B 16 5.28 -17.11 -64.09
C ALA B 16 5.51 -15.92 -63.15
N GLY B 17 5.78 -16.25 -61.87
CA GLY B 17 6.33 -15.29 -60.94
C GLY B 17 7.78 -14.98 -61.29
N ILE B 18 8.46 -14.28 -60.38
CA ILE B 18 9.83 -13.91 -60.72
C ILE B 18 10.70 -15.16 -60.85
N ALA B 19 10.39 -16.22 -60.09
CA ALA B 19 11.13 -17.48 -60.23
C ALA B 19 10.99 -18.00 -61.66
N GLY B 20 9.76 -18.35 -62.06
CA GLY B 20 9.56 -18.95 -63.37
C GLY B 20 10.08 -18.07 -64.48
N LEU B 21 9.89 -16.75 -64.34
CA LEU B 21 10.32 -15.82 -65.38
C LEU B 21 11.83 -15.85 -65.53
N LYS B 22 12.56 -15.80 -64.40
CA LYS B 22 14.01 -15.83 -64.47
C LYS B 22 14.48 -17.17 -65.01
N ALA B 23 13.81 -18.24 -64.58
CA ALA B 23 14.12 -19.57 -65.10
C ALA B 23 13.93 -19.65 -66.62
N ALA B 24 12.86 -19.08 -67.15
CA ALA B 24 12.70 -19.08 -68.59
C ALA B 24 13.78 -18.26 -69.26
N SER B 25 14.03 -17.07 -68.71
CA SER B 25 15.07 -16.18 -69.22
C SER B 25 16.44 -16.86 -69.23
N THR B 26 16.79 -17.58 -68.17
CA THR B 26 18.08 -18.26 -68.14
C THR B 26 18.11 -19.37 -69.19
N LEU B 27 17.05 -20.19 -69.22
CA LEU B 27 16.89 -21.19 -70.28
C LEU B 27 17.13 -20.55 -71.65
N HIS B 28 16.45 -19.44 -71.93
CA HIS B 28 16.66 -18.79 -73.23
C HIS B 28 18.10 -18.34 -73.38
N GLN B 29 18.68 -17.78 -72.33
CA GLN B 29 20.02 -17.21 -72.44
C GLN B 29 21.04 -18.28 -72.79
N ASN B 30 20.83 -19.51 -72.35
CA ASN B 30 21.72 -20.63 -72.63
C ASN B 30 21.36 -21.36 -73.93
N GLY B 31 20.40 -20.86 -74.71
CA GLY B 31 20.12 -21.44 -76.01
C GLY B 31 19.17 -22.61 -76.00
N ILE B 32 18.38 -22.78 -74.95
CA ILE B 32 17.39 -23.85 -74.90
C ILE B 32 16.10 -23.34 -75.51
N GLN B 33 15.59 -24.07 -76.50
CA GLN B 33 14.33 -23.71 -77.14
C GLN B 33 13.24 -24.64 -76.63
N ASP B 34 12.03 -24.44 -77.14
CA ASP B 34 10.90 -25.33 -76.87
C ASP B 34 10.67 -25.50 -75.37
N CYS B 35 10.63 -24.38 -74.67
CA CYS B 35 10.19 -24.37 -73.29
C CYS B 35 8.83 -23.67 -73.21
N LEU B 36 8.06 -24.03 -72.18
CA LEU B 36 6.79 -23.39 -71.90
C LEU B 36 6.78 -22.83 -70.47
N VAL B 37 6.11 -21.70 -70.29
CA VAL B 37 5.83 -21.15 -68.98
C VAL B 37 4.33 -21.14 -68.82
N LEU B 38 3.82 -21.96 -67.91
CA LEU B 38 2.40 -22.14 -67.67
C LEU B 38 2.00 -21.38 -66.40
N GLU B 39 1.15 -20.37 -66.55
CA GLU B 39 0.73 -19.50 -65.46
C GLU B 39 -0.77 -19.60 -65.22
N ALA B 40 -1.16 -19.78 -63.95
CA ALA B 40 -2.56 -19.95 -63.58
C ALA B 40 -3.37 -18.64 -63.62
N ARG B 41 -2.72 -17.51 -63.33
CA ARG B 41 -3.35 -16.21 -63.39
C ARG B 41 -3.32 -15.69 -64.83
N ASP B 42 -4.01 -14.57 -65.08
CA ASP B 42 -4.04 -14.00 -66.43
C ASP B 42 -2.92 -12.98 -66.68
N ARG B 43 -2.00 -12.83 -65.74
CA ARG B 43 -0.84 -11.95 -65.87
C ARG B 43 0.41 -12.68 -65.44
N VAL B 44 1.55 -12.12 -65.80
CA VAL B 44 2.81 -12.56 -65.25
C VAL B 44 3.03 -11.84 -63.92
N GLY B 45 4.08 -12.20 -63.20
CA GLY B 45 4.58 -11.44 -62.08
C GLY B 45 4.31 -12.06 -60.73
N GLY B 46 3.20 -12.78 -60.60
CA GLY B 46 2.80 -13.43 -59.37
C GLY B 46 2.73 -12.47 -58.20
N ARG B 47 3.55 -12.73 -57.19
CA ARG B 47 3.49 -11.86 -56.02
C ARG B 47 4.18 -10.54 -56.27
N LEU B 48 4.64 -10.31 -57.49
CA LEU B 48 4.96 -8.96 -57.95
C LEU B 48 3.75 -8.48 -58.76
N GLN B 49 3.09 -7.41 -58.30
CA GLN B 49 1.91 -6.89 -58.98
C GLN B 49 1.84 -5.39 -58.75
N THR B 50 2.06 -4.63 -59.81
CA THR B 50 1.90 -3.18 -59.78
C THR B 50 0.48 -2.84 -60.20
N VAL B 51 -0.23 -2.12 -59.32
CA VAL B 51 -1.65 -1.81 -59.52
C VAL B 51 -1.80 -0.33 -59.82
N THR B 52 -2.79 0.00 -60.65
CA THR B 52 -3.07 1.39 -61.00
C THR B 52 -4.33 1.87 -60.26
N GLY B 53 -4.22 3.01 -59.57
CA GLY B 53 -5.35 3.59 -58.86
C GLY B 53 -5.74 4.98 -59.34
N TYR B 54 -5.99 5.87 -58.39
CA TYR B 54 -6.44 7.22 -58.71
C TYR B 54 -5.44 7.96 -59.59
N GLN B 55 -5.94 8.50 -60.70
CA GLN B 55 -5.20 9.39 -61.59
C GLN B 55 -3.88 8.77 -62.00
N GLY B 56 -3.92 7.49 -62.34
CA GLY B 56 -2.77 6.79 -62.87
C GLY B 56 -1.58 6.60 -61.94
N ARG B 57 -1.70 6.94 -60.65
CA ARG B 57 -0.68 6.51 -59.69
C ARG B 57 -0.56 4.99 -59.73
N LYS B 58 0.66 4.50 -59.61
CA LYS B 58 0.96 3.07 -59.62
C LYS B 58 1.49 2.64 -58.24
N TYR B 59 1.11 1.43 -57.82
CA TYR B 59 1.55 0.87 -56.55
C TYR B 59 1.86 -0.61 -56.69
N ASP B 60 2.91 -1.04 -55.98
CA ASP B 60 3.27 -2.44 -55.84
C ASP B 60 2.46 -3.03 -54.70
N ILE B 61 1.31 -3.64 -55.04
CA ILE B 61 0.49 -4.26 -54.01
C ILE B 61 1.12 -5.55 -53.52
N GLY B 62 2.09 -6.09 -54.26
CA GLY B 62 2.89 -7.21 -53.81
C GLY B 62 4.22 -6.71 -53.29
N ALA B 63 5.30 -7.40 -53.62
CA ALA B 63 6.61 -6.97 -53.15
C ALA B 63 6.88 -5.53 -53.53
N SER B 64 7.64 -4.85 -52.68
CA SER B 64 7.75 -3.41 -52.83
C SER B 64 9.20 -2.92 -52.72
N TRP B 65 10.03 -3.61 -51.92
CA TRP B 65 11.41 -3.19 -51.74
C TRP B 65 12.40 -4.25 -52.21
N HIS B 66 13.54 -3.80 -52.70
CA HIS B 66 14.77 -4.57 -52.60
C HIS B 66 15.29 -4.50 -51.16
N HIS B 67 15.40 -5.66 -50.52
CA HIS B 67 16.03 -5.78 -49.23
C HIS B 67 17.49 -6.21 -49.41
N ASP B 68 18.27 -6.04 -48.34
CA ASP B 68 19.65 -6.53 -48.32
C ASP B 68 20.47 -5.95 -49.48
N THR B 69 20.42 -4.63 -49.65
CA THR B 69 20.92 -4.08 -50.89
C THR B 69 22.43 -4.11 -51.03
N LEU B 70 23.17 -4.49 -49.99
CA LEU B 70 24.62 -4.60 -50.14
C LEU B 70 25.00 -5.83 -50.97
N THR B 71 24.16 -6.85 -50.95
CA THR B 71 24.46 -8.15 -51.54
C THR B 71 23.42 -8.66 -52.54
N ASN B 72 22.19 -8.11 -52.53
CA ASN B 72 21.08 -8.50 -53.38
C ASN B 72 21.49 -8.56 -54.86
N PRO B 73 21.66 -9.74 -55.43
CA PRO B 73 22.15 -9.80 -56.81
C PRO B 73 21.15 -9.26 -57.81
N LEU B 74 19.84 -9.37 -57.53
CA LEU B 74 18.85 -8.75 -58.39
C LEU B 74 18.95 -7.23 -58.34
N PHE B 75 19.08 -6.68 -57.12
CA PHE B 75 19.15 -5.22 -56.99
C PHE B 75 20.36 -4.66 -57.73
N LEU B 76 21.53 -5.29 -57.56
CA LEU B 76 22.73 -4.82 -58.23
C LEU B 76 22.52 -4.75 -59.73
N GLU B 77 22.02 -5.84 -60.31
CA GLU B 77 21.55 -5.83 -61.69
C GLU B 77 20.76 -4.56 -62.01
N GLU B 78 19.72 -4.25 -61.21
CA GLU B 78 18.95 -3.03 -61.44
C GLU B 78 19.82 -1.79 -61.31
N ALA B 79 20.71 -1.75 -60.30
CA ALA B 79 21.55 -0.56 -60.14
C ALA B 79 22.45 -0.37 -61.35
N GLN B 80 23.02 -1.45 -61.86
CA GLN B 80 23.88 -1.35 -63.03
C GLN B 80 23.12 -0.82 -64.24
N LEU B 81 21.82 -1.07 -64.32
CA LEU B 81 21.04 -0.41 -65.38
C LEU B 81 20.93 1.08 -65.13
N SER B 82 20.67 1.46 -63.88
CA SER B 82 20.47 2.89 -63.60
C SER B 82 21.76 3.64 -63.76
N LEU B 83 22.88 2.96 -63.53
CA LEU B 83 24.19 3.54 -63.74
C LEU B 83 24.43 3.86 -65.22
N ASN B 84 23.77 3.14 -66.13
CA ASN B 84 23.95 3.30 -67.57
C ASN B 84 23.00 4.31 -68.19
N ASP B 85 21.70 4.17 -67.97
CA ASP B 85 20.72 5.06 -68.58
C ASP B 85 20.29 6.21 -67.67
N GLY B 86 20.86 6.30 -66.47
CA GLY B 86 20.57 7.41 -65.57
C GLY B 86 19.21 7.42 -64.90
N ARG B 87 18.22 6.71 -65.45
CA ARG B 87 16.87 6.85 -64.91
C ARG B 87 16.74 6.16 -63.55
N THR B 88 15.66 6.49 -62.84
CA THR B 88 15.49 6.11 -61.45
C THR B 88 14.55 4.90 -61.35
N ARG B 89 15.11 3.76 -60.96
CA ARG B 89 14.35 2.51 -60.85
C ARG B 89 13.95 2.21 -59.43
N PHE B 90 14.55 2.90 -58.46
CA PHE B 90 14.30 2.65 -57.06
C PHE B 90 14.75 3.90 -56.32
N VAL B 91 14.27 4.04 -55.10
CA VAL B 91 14.67 5.11 -54.22
C VAL B 91 14.94 4.51 -52.85
N PHE B 92 15.99 4.98 -52.19
CA PHE B 92 16.32 4.52 -50.85
C PHE B 92 15.47 5.32 -49.87
N ASP B 93 14.50 4.67 -49.25
CA ASP B 93 13.48 5.36 -48.48
C ASP B 93 13.54 5.01 -47.00
N ASP B 94 14.59 4.31 -46.57
CA ASP B 94 14.84 4.20 -45.15
C ASP B 94 14.89 5.59 -44.54
N ASP B 95 14.18 5.75 -43.43
CA ASP B 95 13.97 7.07 -42.82
C ASP B 95 13.84 6.89 -41.31
N ASN B 96 13.83 8.02 -40.59
CA ASN B 96 13.63 7.99 -39.14
C ASN B 96 12.14 7.81 -38.86
N PHE B 97 11.80 6.65 -38.33
CA PHE B 97 10.40 6.30 -38.11
C PHE B 97 9.72 7.33 -37.23
N ILE B 98 8.52 7.73 -37.64
CA ILE B 98 7.64 8.56 -36.83
C ILE B 98 6.66 7.62 -36.15
N TYR B 99 6.70 7.56 -34.83
CA TYR B 99 5.92 6.59 -34.06
C TYR B 99 4.81 7.34 -33.34
N ILE B 100 3.57 6.87 -33.50
CA ILE B 100 2.43 7.59 -32.98
C ILE B 100 1.62 6.65 -32.10
N ASP B 101 1.40 7.05 -30.86
CA ASP B 101 0.43 6.43 -29.98
C ASP B 101 -0.82 7.30 -30.01
N GLU B 102 -1.99 6.66 -30.08
CA GLU B 102 -3.26 7.38 -30.13
C GLU B 102 -3.36 8.46 -29.04
N GLU B 103 -3.04 8.10 -27.80
CA GLU B 103 -3.17 9.07 -26.70
C GLU B 103 -2.01 10.06 -26.68
N ARG B 104 -0.79 9.55 -26.73
CA ARG B 104 0.37 10.41 -26.52
C ARG B 104 0.76 11.22 -27.74
N GLY B 105 0.39 10.78 -28.95
CA GLY B 105 0.93 11.37 -30.16
C GLY B 105 2.29 10.79 -30.51
N ARG B 106 3.21 11.64 -30.94
CA ARG B 106 4.52 11.19 -31.44
C ARG B 106 5.41 10.76 -30.28
N VAL B 107 5.75 9.47 -30.21
CA VAL B 107 6.69 8.95 -29.23
C VAL B 107 8.09 8.75 -29.80
N ASP B 108 8.31 9.01 -31.09
CA ASP B 108 9.64 8.78 -31.68
C ASP B 108 10.62 9.85 -31.24
N HIS B 109 11.89 9.47 -31.16
CA HIS B 109 13.01 10.38 -30.90
C HIS B 109 12.68 11.30 -29.72
N ASP B 110 12.29 10.71 -28.61
CA ASP B 110 11.85 11.47 -27.46
C ASP B 110 12.97 11.65 -26.42
N LYS B 111 13.13 12.89 -25.91
CA LYS B 111 14.19 13.19 -24.93
C LYS B 111 14.04 12.36 -23.67
N GLU B 112 12.80 12.09 -23.25
CA GLU B 112 12.51 11.34 -22.04
C GLU B 112 12.22 9.87 -22.30
N LEU B 113 11.52 9.55 -23.40
CA LEU B 113 11.12 8.16 -23.67
C LEU B 113 12.27 7.31 -24.19
N LEU B 114 13.11 7.86 -25.07
CA LEU B 114 14.25 7.14 -25.63
C LEU B 114 13.87 5.71 -26.04
N LEU B 115 12.80 5.61 -26.84
CA LEU B 115 12.23 4.30 -27.13
C LEU B 115 13.14 3.48 -28.03
N GLU B 116 13.78 4.14 -29.00
CA GLU B 116 14.62 3.42 -29.94
C GLU B 116 15.85 2.83 -29.25
N ILE B 117 16.30 3.49 -28.18
CA ILE B 117 17.50 3.05 -27.48
C ILE B 117 17.23 1.74 -26.76
N VAL B 118 16.14 1.67 -25.99
CA VAL B 118 15.83 0.41 -25.34
C VAL B 118 15.29 -0.62 -26.34
N ASP B 119 14.69 -0.19 -27.44
CA ASP B 119 14.41 -1.12 -28.53
C ASP B 119 15.71 -1.79 -28.97
N ASN B 120 16.74 -0.98 -29.20
CA ASN B 120 18.05 -1.53 -29.53
C ASN B 120 18.52 -2.53 -28.47
N GLU B 121 18.33 -2.21 -27.17
CA GLU B 121 18.78 -3.14 -26.13
C GLU B 121 18.02 -4.45 -26.21
N MET B 122 16.71 -4.39 -26.49
CA MET B 122 15.92 -5.62 -26.55
C MET B 122 16.34 -6.49 -27.72
N SER B 123 16.63 -5.88 -28.87
CA SER B 123 17.16 -6.65 -29.99
C SER B 123 18.45 -7.37 -29.59
N LYS B 124 19.37 -6.66 -28.93
CA LYS B 124 20.61 -7.28 -28.47
C LYS B 124 20.33 -8.34 -27.42
N PHE B 125 19.41 -8.05 -26.49
CA PHE B 125 18.95 -9.06 -25.57
C PHE B 125 18.47 -10.31 -26.30
N ALA B 126 17.78 -10.12 -27.44
CA ALA B 126 17.24 -11.25 -28.19
C ALA B 126 18.35 -12.04 -28.85
N GLU B 127 19.29 -11.33 -29.50
CA GLU B 127 20.44 -11.98 -30.12
C GLU B 127 21.22 -12.79 -29.09
N LEU B 128 21.35 -12.27 -27.86
CA LEU B 128 21.95 -13.04 -26.77
C LEU B 128 21.09 -14.25 -26.41
N GLU B 129 19.81 -14.02 -26.13
CA GLU B 129 18.94 -15.06 -25.61
C GLU B 129 18.94 -16.30 -26.49
N PHE B 130 19.32 -16.15 -27.75
CA PHE B 130 19.35 -17.26 -28.68
C PHE B 130 20.78 -17.66 -29.01
N HIS B 131 21.48 -16.86 -29.81
CA HIS B 131 22.75 -17.25 -30.44
C HIS B 131 23.74 -17.83 -29.43
N GLN B 132 24.13 -19.09 -29.66
CA GLN B 132 25.02 -19.86 -28.79
C GLN B 132 24.43 -19.99 -27.38
N HIS B 133 23.42 -20.85 -27.29
CA HIS B 133 22.75 -21.26 -26.06
C HIS B 133 21.69 -22.30 -26.38
N LEU B 134 20.94 -22.07 -27.47
CA LEU B 134 19.91 -22.95 -28.02
C LEU B 134 18.90 -23.38 -26.96
N GLY B 135 19.14 -24.53 -26.35
CA GLY B 135 18.36 -25.01 -25.22
C GLY B 135 16.92 -25.33 -25.55
N VAL B 136 16.61 -25.64 -26.82
CA VAL B 136 15.24 -25.62 -27.33
C VAL B 136 14.58 -24.34 -26.85
N SER B 137 15.17 -23.19 -27.18
CA SER B 137 14.49 -21.94 -26.93
C SER B 137 13.30 -21.80 -27.88
N ASP B 138 13.31 -20.71 -28.64
CA ASP B 138 12.21 -20.25 -29.49
C ASP B 138 10.88 -20.12 -28.78
N CYS B 139 10.32 -18.91 -28.87
CA CYS B 139 9.05 -18.57 -28.26
C CYS B 139 8.41 -17.54 -29.17
N SER B 140 7.15 -17.24 -28.91
CA SER B 140 6.49 -16.18 -29.66
C SER B 140 7.26 -14.88 -29.48
N PHE B 141 7.43 -14.13 -30.56
CA PHE B 141 8.05 -12.81 -30.45
C PHE B 141 7.49 -12.09 -29.23
N PHE B 142 6.19 -12.26 -29.00
CA PHE B 142 5.57 -11.71 -27.79
C PHE B 142 6.21 -12.25 -26.52
N GLN B 143 6.37 -13.58 -26.42
CA GLN B 143 6.95 -14.16 -25.20
C GLN B 143 8.35 -13.60 -24.95
N LEU B 144 9.12 -13.40 -26.02
CA LEU B 144 10.47 -12.87 -25.90
C LEU B 144 10.47 -11.47 -25.33
N VAL B 145 9.48 -10.65 -25.70
CA VAL B 145 9.45 -9.26 -25.25
C VAL B 145 9.04 -9.20 -23.78
N MET B 146 8.13 -10.09 -23.36
CA MET B 146 7.81 -10.21 -21.94
C MET B 146 9.04 -10.58 -21.12
N LYS B 147 9.77 -11.62 -21.54
CA LYS B 147 11.03 -12.00 -20.89
C LYS B 147 11.90 -10.78 -20.67
N TYR B 148 12.24 -10.08 -21.77
CA TYR B 148 13.03 -8.87 -21.66
C TYR B 148 12.47 -7.94 -20.59
N LEU B 149 11.15 -7.70 -20.65
CA LEU B 149 10.56 -6.74 -19.72
C LEU B 149 10.77 -7.20 -18.28
N LEU B 150 10.65 -8.51 -18.03
CA LEU B 150 10.92 -9.02 -16.69
C LEU B 150 12.35 -8.76 -16.27
N GLN B 151 13.30 -9.21 -17.08
CA GLN B 151 14.70 -9.12 -16.69
C GLN B 151 15.12 -7.67 -16.47
N ARG B 152 14.56 -6.74 -17.23
CA ARG B 152 15.08 -5.39 -17.26
C ARG B 152 14.18 -4.33 -16.61
N ARG B 153 13.09 -4.74 -15.93
CA ARG B 153 12.17 -3.74 -15.43
C ARG B 153 12.86 -2.73 -14.51
N GLN B 154 13.80 -3.21 -13.66
CA GLN B 154 14.55 -2.33 -12.78
C GLN B 154 15.16 -1.16 -13.54
N PHE B 155 15.52 -1.38 -14.81
CA PHE B 155 16.21 -0.40 -15.61
C PHE B 155 15.32 0.19 -16.72
N LEU B 156 14.00 0.21 -16.52
CA LEU B 156 13.09 0.85 -17.46
C LEU B 156 12.09 1.73 -16.71
N THR B 157 11.75 2.85 -17.33
CA THR B 157 10.68 3.69 -16.82
C THR B 157 9.31 3.05 -17.07
N ASN B 158 8.29 3.57 -16.38
CA ASN B 158 6.93 3.08 -16.62
C ASN B 158 6.50 3.29 -18.07
N ASP B 159 6.79 4.47 -18.63
CA ASP B 159 6.45 4.74 -20.01
C ASP B 159 7.22 3.82 -20.97
N GLN B 160 8.49 3.56 -20.67
CA GLN B 160 9.23 2.62 -21.47
C GLN B 160 8.55 1.26 -21.43
N ILE B 161 8.10 0.84 -20.25
CA ILE B 161 7.41 -0.43 -20.19
C ILE B 161 6.08 -0.34 -20.92
N ARG B 162 5.45 0.83 -20.93
CA ARG B 162 4.18 0.96 -21.63
C ARG B 162 4.38 0.90 -23.14
N TYR B 163 5.29 1.70 -23.63
CA TYR B 163 5.30 2.00 -25.04
C TYR B 163 6.32 1.20 -25.83
N LEU B 164 7.46 0.85 -25.23
CA LEU B 164 8.42 0.03 -25.96
C LEU B 164 7.79 -1.25 -26.53
N PRO B 165 7.04 -2.05 -25.77
CA PRO B 165 6.53 -3.29 -26.36
C PRO B 165 5.57 -3.06 -27.54
N GLN B 166 4.89 -1.91 -27.60
CA GLN B 166 4.09 -1.58 -28.76
C GLN B 166 4.96 -1.12 -29.94
N LEU B 167 5.97 -0.31 -29.65
CA LEU B 167 6.83 0.23 -30.69
C LEU B 167 7.54 -0.89 -31.45
N CYS B 168 8.07 -1.87 -30.73
CA CYS B 168 8.80 -2.94 -31.39
C CYS B 168 7.88 -3.87 -32.18
N ARG B 169 6.57 -3.75 -32.00
CA ARG B 169 5.72 -4.54 -32.86
C ARG B 169 5.72 -4.03 -34.31
N TYR B 170 6.53 -3.02 -34.66
CA TYR B 170 6.77 -2.77 -36.07
C TYR B 170 7.32 -4.00 -36.76
N LEU B 171 7.82 -4.97 -35.99
CA LEU B 171 8.45 -6.15 -36.54
C LEU B 171 7.42 -7.11 -37.13
N GLU B 172 6.15 -6.98 -36.73
CA GLU B 172 5.09 -7.77 -37.33
C GLU B 172 5.03 -7.52 -38.83
N LEU B 173 5.17 -6.27 -39.26
CA LEU B 173 5.04 -6.01 -40.69
C LEU B 173 6.24 -6.50 -41.50
N TRP B 174 7.31 -6.97 -40.84
CA TRP B 174 8.41 -7.56 -41.60
C TRP B 174 8.04 -8.97 -42.07
N HIS B 175 7.32 -9.72 -41.25
CA HIS B 175 6.87 -11.05 -41.61
C HIS B 175 5.38 -11.12 -41.94
N GLY B 176 4.59 -10.12 -41.57
CA GLY B 176 3.16 -10.19 -41.66
C GLY B 176 2.54 -11.18 -40.71
N LEU B 177 3.06 -11.28 -39.48
CA LEU B 177 2.46 -12.08 -38.41
C LEU B 177 2.33 -11.28 -37.12
N ASP B 178 1.24 -11.47 -36.39
CA ASP B 178 1.12 -10.92 -35.04
C ASP B 178 2.18 -11.54 -34.13
N TRP B 179 2.69 -10.71 -33.20
CA TRP B 179 3.85 -11.12 -32.39
C TRP B 179 3.61 -12.38 -31.57
N LYS B 180 2.36 -12.79 -31.36
CA LYS B 180 2.11 -14.08 -30.73
C LYS B 180 2.19 -15.24 -31.71
N LEU B 181 2.25 -14.98 -33.02
CA LEU B 181 2.46 -16.04 -33.98
C LEU B 181 3.87 -16.06 -34.54
N LEU B 182 4.61 -14.99 -34.38
CA LEU B 182 5.95 -14.87 -34.91
C LEU B 182 6.95 -15.64 -34.05
N SER B 183 7.85 -16.37 -34.71
CA SER B 183 9.01 -16.93 -34.05
C SER B 183 9.94 -15.81 -33.60
N ALA B 184 10.15 -15.72 -32.28
CA ALA B 184 11.15 -14.79 -31.78
C ALA B 184 12.51 -15.02 -32.45
N LYS B 185 12.88 -16.29 -32.66
CA LYS B 185 14.07 -16.62 -33.45
C LYS B 185 14.12 -15.84 -34.76
N ASP B 186 13.09 -16.02 -35.62
CA ASP B 186 13.05 -15.35 -36.91
C ASP B 186 12.83 -13.84 -36.79
N THR B 187 12.27 -13.38 -35.66
CA THR B 187 11.93 -11.98 -35.53
C THR B 187 13.14 -11.09 -35.72
N TYR B 188 14.28 -11.52 -35.20
CA TYR B 188 15.50 -10.71 -35.22
C TYR B 188 16.49 -11.41 -36.14
N PHE B 189 16.48 -10.98 -37.39
CA PHE B 189 17.45 -11.38 -38.40
C PHE B 189 18.08 -10.09 -38.92
N GLY B 190 19.36 -10.15 -39.24
CA GLY B 190 20.07 -9.02 -39.80
C GLY B 190 19.54 -8.65 -41.17
N HIS B 191 20.08 -7.55 -41.69
CA HIS B 191 19.66 -7.03 -42.98
C HIS B 191 20.90 -6.53 -43.69
N GLN B 192 21.14 -7.00 -44.91
CA GLN B 192 22.33 -6.57 -45.62
C GLN B 192 22.18 -5.14 -46.13
N GLY B 193 21.94 -4.18 -45.24
CA GLY B 193 22.02 -2.80 -45.64
C GLY B 193 20.66 -2.16 -45.81
N ARG B 194 20.68 -1.00 -46.47
CA ARG B 194 19.46 -0.23 -46.61
C ARG B 194 18.46 -0.97 -47.49
N ASN B 195 17.22 -0.54 -47.38
CA ASN B 195 16.18 -1.00 -48.30
C ASN B 195 16.08 -0.01 -49.45
N ALA B 196 15.76 -0.52 -50.66
CA ALA B 196 15.47 0.36 -51.78
C ALA B 196 14.06 0.09 -52.26
N PHE B 197 13.21 1.10 -52.15
CA PHE B 197 11.84 1.01 -52.65
C PHE B 197 11.83 0.95 -54.17
N ALA B 198 11.34 -0.16 -54.73
CA ALA B 198 11.29 -0.31 -56.18
C ALA B 198 10.26 0.64 -56.78
N LEU B 199 10.70 1.42 -57.77
CA LEU B 199 9.82 2.38 -58.42
C LEU B 199 9.33 1.65 -59.66
N ASN B 200 8.34 0.78 -59.39
CA ASN B 200 7.78 -0.21 -60.28
C ASN B 200 8.61 -1.50 -60.25
N TYR B 201 8.22 -2.44 -59.39
CA TYR B 201 8.65 -3.83 -59.53
C TYR B 201 8.14 -4.47 -60.84
N ASP B 202 6.98 -4.04 -61.37
CA ASP B 202 6.54 -4.56 -62.66
C ASP B 202 7.57 -4.32 -63.75
N SER B 203 8.41 -3.28 -63.61
CA SER B 203 9.44 -3.07 -64.62
C SER B 203 10.53 -4.12 -64.51
N VAL B 204 10.78 -4.63 -63.30
CA VAL B 204 11.66 -5.80 -63.17
C VAL B 204 11.01 -7.00 -63.87
N VAL B 205 9.71 -7.22 -63.62
CA VAL B 205 8.97 -8.31 -64.26
C VAL B 205 9.01 -8.17 -65.78
N GLN B 206 8.58 -7.01 -66.26
CA GLN B 206 8.62 -6.70 -67.68
C GLN B 206 9.98 -7.02 -68.28
N ARG B 207 11.05 -6.57 -67.63
CA ARG B 207 12.39 -6.83 -68.14
C ARG B 207 12.65 -8.32 -68.29
N ILE B 208 12.29 -9.11 -67.31
CA ILE B 208 12.69 -10.50 -67.36
C ILE B 208 11.80 -11.26 -68.32
N ALA B 209 10.51 -10.88 -68.36
CA ALA B 209 9.51 -11.58 -69.15
C ALA B 209 9.73 -11.38 -70.64
N GLN B 210 10.08 -10.17 -71.08
CA GLN B 210 10.31 -9.98 -72.50
C GLN B 210 11.67 -10.47 -72.95
N SER B 211 12.40 -11.18 -72.10
CA SER B 211 13.74 -11.69 -72.43
C SER B 211 13.73 -13.15 -72.87
N PHE B 212 12.56 -13.74 -73.09
CA PHE B 212 12.45 -15.04 -73.74
C PHE B 212 11.26 -15.02 -74.68
N PRO B 213 11.21 -15.94 -75.65
CA PRO B 213 10.10 -15.95 -76.62
C PRO B 213 8.73 -15.89 -75.97
N GLN B 214 7.91 -14.95 -76.42
CA GLN B 214 6.57 -14.79 -75.87
C GLN B 214 5.67 -15.99 -76.13
N ASN B 215 5.97 -16.80 -77.17
CA ASN B 215 5.14 -17.98 -77.41
C ASN B 215 5.44 -19.09 -76.39
N TRP B 216 6.45 -18.90 -75.53
CA TRP B 216 6.65 -19.80 -74.40
C TRP B 216 5.60 -19.58 -73.33
N LEU B 217 5.14 -18.35 -73.16
CA LEU B 217 4.23 -18.01 -72.08
C LEU B 217 2.79 -18.37 -72.45
N LYS B 218 2.20 -19.32 -71.73
CA LYS B 218 0.76 -19.62 -71.81
C LYS B 218 0.06 -19.14 -70.54
N LEU B 219 -0.91 -18.25 -70.70
CA LEU B 219 -1.53 -17.62 -69.55
C LEU B 219 -2.85 -18.29 -69.22
N SER B 220 -3.41 -17.95 -68.06
CA SER B 220 -4.69 -18.48 -67.59
C SER B 220 -4.75 -19.98 -67.83
N CYS B 221 -3.81 -20.71 -67.24
CA CYS B 221 -3.78 -22.17 -67.43
C CYS B 221 -3.25 -22.80 -66.14
N GLU B 222 -4.19 -23.17 -65.26
CA GLU B 222 -3.80 -23.82 -64.02
C GLU B 222 -3.33 -25.25 -64.29
N VAL B 223 -2.32 -25.69 -63.57
CA VAL B 223 -1.81 -27.05 -63.71
C VAL B 223 -2.44 -27.92 -62.64
N LYS B 224 -2.91 -29.11 -63.03
CA LYS B 224 -3.62 -29.97 -62.11
C LYS B 224 -2.87 -31.24 -61.74
N SER B 225 -1.90 -31.70 -62.53
CA SER B 225 -1.15 -32.87 -62.10
C SER B 225 0.15 -32.94 -62.87
N ILE B 226 1.09 -33.64 -62.26
CA ILE B 226 2.43 -33.83 -62.78
C ILE B 226 2.81 -35.27 -62.53
N THR B 227 3.23 -35.97 -63.57
CA THR B 227 3.46 -37.40 -63.43
C THR B 227 4.75 -37.79 -64.13
N ARG B 228 5.63 -38.45 -63.39
CA ARG B 228 6.88 -38.94 -63.95
C ARG B 228 6.64 -40.37 -64.40
N GLU B 229 6.11 -40.50 -65.62
CA GLU B 229 6.16 -41.77 -66.32
C GLU B 229 7.61 -42.26 -66.27
N PRO B 230 7.89 -43.38 -65.58
CA PRO B 230 9.30 -43.68 -65.26
C PRO B 230 10.17 -43.82 -66.49
N SER B 231 9.54 -43.85 -67.69
CA SER B 231 10.15 -43.83 -69.00
C SER B 231 10.83 -42.51 -69.34
N LYS B 232 11.16 -41.71 -68.33
CA LYS B 232 12.09 -40.58 -68.44
C LYS B 232 11.49 -39.36 -69.15
N ASN B 233 10.25 -39.01 -68.80
CA ASN B 233 9.66 -37.74 -69.20
C ASN B 233 8.60 -37.38 -68.17
N VAL B 234 8.17 -36.13 -68.18
CA VAL B 234 7.23 -35.61 -67.19
C VAL B 234 5.94 -35.22 -67.89
N THR B 235 4.82 -35.76 -67.41
CA THR B 235 3.51 -35.40 -67.93
C THR B 235 2.96 -34.26 -67.09
N VAL B 236 2.73 -33.12 -67.73
CA VAL B 236 2.01 -32.01 -67.12
C VAL B 236 0.61 -31.98 -67.73
N ASN B 237 -0.42 -31.90 -66.86
CA ASN B 237 -1.81 -31.85 -67.28
C ASN B 237 -2.42 -30.51 -66.85
N CYS B 238 -2.61 -29.59 -67.81
CA CYS B 238 -3.29 -28.33 -67.52
C CYS B 238 -4.75 -28.62 -67.14
N GLU B 239 -5.43 -27.59 -66.63
CA GLU B 239 -6.81 -27.77 -66.18
C GLU B 239 -7.77 -27.88 -67.37
N ASP B 240 -7.51 -27.15 -68.45
CA ASP B 240 -8.37 -27.17 -69.62
C ASP B 240 -8.29 -28.50 -70.35
N GLY B 241 -7.37 -29.38 -69.97
CA GLY B 241 -7.25 -30.68 -70.57
C GLY B 241 -6.02 -30.88 -71.42
N THR B 242 -5.38 -29.80 -71.91
CA THR B 242 -4.17 -29.98 -72.68
C THR B 242 -3.09 -30.62 -71.79
N VAL B 243 -2.39 -31.60 -72.33
CA VAL B 243 -1.40 -32.37 -71.59
C VAL B 243 -0.06 -32.16 -72.28
N TYR B 244 1.01 -32.19 -71.51
CA TYR B 244 2.31 -31.90 -72.09
C TYR B 244 3.33 -32.98 -71.75
N ASN B 245 4.24 -33.23 -72.71
CA ASN B 245 5.35 -34.17 -72.58
C ASN B 245 6.64 -33.35 -72.41
N ALA B 246 7.16 -33.34 -71.18
CA ALA B 246 8.28 -32.47 -70.82
C ALA B 246 9.50 -33.30 -70.44
N ASP B 247 10.67 -32.88 -70.96
CA ASP B 247 11.91 -33.46 -70.48
C ASP B 247 12.16 -33.07 -69.02
N TYR B 248 12.02 -31.79 -68.70
CA TYR B 248 12.16 -31.31 -67.33
C TYR B 248 10.97 -30.43 -66.97
N VAL B 249 10.80 -30.21 -65.65
CA VAL B 249 9.76 -29.33 -65.14
C VAL B 249 10.33 -28.53 -63.98
N ILE B 250 10.09 -27.21 -63.99
CA ILE B 250 10.49 -26.32 -62.91
C ILE B 250 9.19 -25.78 -62.29
N ILE B 251 8.86 -26.30 -61.11
CA ILE B 251 7.64 -25.93 -60.40
C ILE B 251 7.97 -24.78 -59.45
N THR B 252 7.38 -23.61 -59.71
CA THR B 252 7.62 -22.42 -58.90
C THR B 252 6.36 -22.00 -58.14
N VAL B 253 5.43 -22.91 -57.88
CA VAL B 253 4.18 -22.50 -57.25
C VAL B 253 4.54 -22.13 -55.83
N PRO B 254 3.83 -21.19 -55.21
CA PRO B 254 4.13 -20.80 -53.83
C PRO B 254 4.20 -21.98 -52.86
N GLN B 255 4.93 -21.80 -51.74
CA GLN B 255 5.01 -22.82 -50.71
C GLN B 255 3.63 -23.24 -50.24
N SER B 256 2.77 -22.25 -49.96
CA SER B 256 1.42 -22.55 -49.49
C SER B 256 0.64 -23.36 -50.51
N VAL B 257 0.85 -23.08 -51.80
CA VAL B 257 0.17 -23.84 -52.83
C VAL B 257 0.66 -25.27 -52.83
N LEU B 258 1.99 -25.45 -52.89
CA LEU B 258 2.56 -26.79 -52.91
C LEU B 258 2.10 -27.60 -51.71
N ASN B 259 1.81 -26.93 -50.59
CA ASN B 259 1.38 -27.62 -49.39
C ASN B 259 0.07 -28.37 -49.61
N LEU B 260 -0.82 -27.84 -50.46
CA LEU B 260 -2.06 -28.55 -50.75
C LEU B 260 -1.81 -29.91 -51.39
N SER B 261 -0.67 -30.09 -52.08
CA SER B 261 -0.38 -31.38 -52.72
C SER B 261 -0.37 -32.54 -51.72
N VAL B 262 -0.09 -32.27 -50.44
CA VAL B 262 0.07 -33.37 -49.47
C VAL B 262 -1.16 -33.49 -48.57
N GLN B 263 -2.32 -33.04 -49.04
CA GLN B 263 -3.59 -33.26 -48.37
C GLN B 263 -4.54 -33.93 -49.35
N PRO B 264 -5.42 -34.79 -48.85
CA PRO B 264 -6.49 -35.32 -49.70
C PRO B 264 -7.46 -34.25 -50.18
N GLU B 265 -8.48 -34.65 -50.96
CA GLU B 265 -9.39 -33.80 -51.76
C GLU B 265 -8.59 -32.84 -52.61
N LYS B 266 -8.68 -33.02 -53.92
CA LYS B 266 -7.85 -32.29 -54.89
C LYS B 266 -8.60 -31.19 -55.62
N ASN B 267 -9.86 -30.93 -55.24
CA ASN B 267 -10.60 -29.84 -55.87
C ASN B 267 -9.97 -28.48 -55.58
N LEU B 268 -9.35 -28.32 -54.39
CA LEU B 268 -8.69 -27.09 -53.98
C LEU B 268 -7.87 -26.49 -55.13
N ARG B 269 -8.35 -25.37 -55.66
CA ARG B 269 -7.76 -24.75 -56.85
C ARG B 269 -6.29 -24.42 -56.62
N GLY B 270 -5.46 -24.77 -57.61
CA GLY B 270 -4.02 -24.58 -57.56
C GLY B 270 -3.24 -25.82 -57.18
N ARG B 271 -3.87 -26.75 -56.46
CA ARG B 271 -3.20 -27.97 -56.07
C ARG B 271 -2.67 -28.72 -57.27
N ILE B 272 -1.63 -29.50 -57.06
CA ILE B 272 -1.03 -30.33 -58.09
C ILE B 272 -1.00 -31.77 -57.59
N GLU B 273 -1.56 -32.67 -58.38
CA GLU B 273 -1.50 -34.08 -58.05
C GLU B 273 -0.17 -34.64 -58.52
N PHE B 274 0.62 -35.18 -57.59
CA PHE B 274 1.93 -35.72 -57.93
C PHE B 274 1.85 -37.24 -57.93
N GLN B 275 2.38 -37.84 -58.99
CA GLN B 275 2.49 -39.28 -59.11
C GLN B 275 3.86 -39.61 -59.70
N PRO B 276 4.79 -40.20 -58.93
CA PRO B 276 4.60 -40.56 -57.51
C PRO B 276 4.55 -39.30 -56.64
N PRO B 277 3.87 -39.35 -55.49
CA PRO B 277 3.62 -38.11 -54.75
C PRO B 277 4.93 -37.50 -54.22
N LEU B 278 4.82 -36.29 -53.69
CA LEU B 278 6.00 -35.62 -53.17
C LEU B 278 6.70 -36.49 -52.14
N LYS B 279 8.01 -36.71 -52.34
CA LYS B 279 8.71 -37.71 -51.55
C LYS B 279 8.80 -37.30 -50.08
N PRO B 280 8.91 -38.28 -49.17
CA PRO B 280 8.73 -37.99 -47.73
C PRO B 280 9.56 -36.83 -47.20
N VAL B 281 10.83 -36.74 -47.58
CA VAL B 281 11.67 -35.63 -47.13
C VAL B 281 11.12 -34.28 -47.56
N ILE B 282 10.20 -34.24 -48.53
CA ILE B 282 9.52 -33.00 -48.92
C ILE B 282 8.31 -32.74 -48.05
N GLN B 283 7.45 -33.74 -47.85
CA GLN B 283 6.21 -33.49 -47.11
C GLN B 283 6.50 -33.10 -45.66
N ASP B 284 7.61 -33.58 -45.12
CA ASP B 284 7.88 -33.36 -43.71
C ASP B 284 8.30 -31.92 -43.43
N ALA B 285 8.88 -31.24 -44.43
CA ALA B 285 9.32 -29.86 -44.22
C ALA B 285 8.16 -28.90 -43.99
N PHE B 286 6.98 -29.20 -44.55
CA PHE B 286 5.82 -28.33 -44.29
C PHE B 286 5.51 -28.21 -42.82
N ASP B 287 5.95 -29.16 -42.00
CA ASP B 287 5.75 -29.08 -40.57
C ASP B 287 6.65 -28.04 -39.90
N LYS B 288 7.81 -27.76 -40.48
CA LYS B 288 8.81 -26.87 -39.87
C LYS B 288 8.98 -25.54 -40.61
N ILE B 289 7.91 -25.02 -41.23
CA ILE B 289 7.94 -23.72 -41.94
C ILE B 289 6.53 -23.43 -42.43
N HIS B 290 6.11 -22.17 -42.32
CA HIS B 290 4.73 -21.81 -42.63
C HIS B 290 4.72 -20.59 -43.56
N PHE B 291 3.60 -19.86 -43.52
CA PHE B 291 3.28 -18.82 -44.48
C PHE B 291 2.67 -17.68 -43.69
N GLY B 292 3.12 -16.46 -43.94
CA GLY B 292 2.61 -15.30 -43.26
C GLY B 292 1.62 -14.54 -44.12
N ALA B 293 0.87 -13.64 -43.48
CA ALA B 293 -0.17 -12.88 -44.18
C ALA B 293 0.08 -11.37 -44.19
N LEU B 294 1.26 -10.95 -44.63
CA LEU B 294 1.49 -9.53 -44.86
C LEU B 294 0.53 -9.01 -45.92
N GLY B 295 -0.25 -7.98 -45.59
CA GLY B 295 -1.17 -7.39 -46.55
C GLY B 295 -0.94 -5.89 -46.67
N LYS B 296 -1.59 -5.29 -47.67
CA LYS B 296 -1.39 -3.89 -47.98
C LYS B 296 -2.72 -3.16 -48.14
N VAL B 297 -2.69 -1.85 -47.87
CA VAL B 297 -3.80 -0.95 -48.11
C VAL B 297 -3.25 0.36 -48.63
N ILE B 298 -3.71 0.81 -49.80
CA ILE B 298 -3.28 2.10 -50.33
C ILE B 298 -4.37 3.14 -50.09
N PHE B 299 -4.01 4.23 -49.44
CA PHE B 299 -4.88 5.39 -49.29
C PHE B 299 -4.37 6.46 -50.24
N GLU B 300 -5.22 6.87 -51.17
CA GLU B 300 -4.80 7.84 -52.17
C GLU B 300 -5.51 9.15 -51.91
N PHE B 301 -4.74 10.17 -51.59
CA PHE B 301 -5.25 11.51 -51.34
C PHE B 301 -5.04 12.38 -52.58
N GLU B 302 -5.90 13.40 -52.71
CA GLU B 302 -5.83 14.28 -53.85
C GLU B 302 -4.46 14.93 -53.96
N GLU B 303 -4.01 15.57 -52.87
CA GLU B 303 -2.70 16.20 -52.87
C GLU B 303 -2.21 16.36 -51.45
N CYS B 304 -0.91 16.39 -51.30
CA CYS B 304 -0.32 16.35 -49.98
C CYS B 304 -0.45 17.71 -49.30
N CYS B 305 -1.08 17.73 -48.13
CA CYS B 305 -1.19 18.92 -47.30
C CYS B 305 -0.77 18.60 -45.89
N TRP B 306 0.26 17.77 -45.77
CA TRP B 306 0.79 17.30 -44.50
C TRP B 306 2.31 17.32 -44.61
N SER B 307 2.99 17.40 -43.45
CA SER B 307 4.44 17.51 -43.44
C SER B 307 5.08 16.29 -44.06
N ASN B 308 6.16 16.49 -44.79
CA ASN B 308 6.91 15.36 -45.31
C ASN B 308 8.22 15.13 -44.55
N GLU B 309 8.15 15.18 -43.21
CA GLU B 309 9.33 14.90 -42.39
C GLU B 309 9.87 13.49 -42.65
N SER B 310 9.01 12.52 -42.89
CA SER B 310 9.49 11.16 -43.05
C SER B 310 8.51 10.32 -43.87
N SER B 311 9.05 9.29 -44.51
CA SER B 311 8.21 8.32 -45.22
C SER B 311 7.86 7.10 -44.39
N LYS B 312 8.32 7.03 -43.16
CA LYS B 312 8.07 5.88 -42.29
C LYS B 312 7.29 6.36 -41.08
N ILE B 313 6.07 5.85 -40.94
CA ILE B 313 5.16 6.23 -39.87
C ILE B 313 4.49 4.98 -39.38
N VAL B 314 4.70 4.62 -38.11
CA VAL B 314 4.09 3.45 -37.51
C VAL B 314 3.20 3.89 -36.37
N THR B 315 1.95 3.47 -36.41
CA THR B 315 1.02 3.74 -35.31
C THR B 315 1.05 2.58 -34.32
N LEU B 316 1.06 2.93 -33.05
CA LEU B 316 1.20 1.95 -31.97
C LEU B 316 -0.18 1.48 -31.52
N ALA B 317 -0.30 0.19 -31.26
CA ALA B 317 -1.51 -0.32 -30.64
C ALA B 317 -1.68 0.28 -29.26
N ASN B 318 -2.93 0.39 -28.84
CA ASN B 318 -3.22 0.99 -27.53
C ASN B 318 -2.47 0.24 -26.44
N SER B 319 -1.92 1.00 -25.48
CA SER B 319 -1.26 0.42 -24.31
C SER B 319 -1.93 0.95 -23.03
N THR B 320 -1.66 0.29 -21.89
CA THR B 320 -2.36 0.64 -20.66
C THR B 320 -1.44 0.81 -19.46
N ASN B 321 -1.90 1.68 -18.55
CA ASN B 321 -1.28 1.83 -17.24
C ASN B 321 -1.18 0.52 -16.48
N GLU B 322 -2.16 -0.36 -16.65
CA GLU B 322 -2.14 -1.60 -15.89
C GLU B 322 -1.24 -2.66 -16.51
N PHE B 323 -0.90 -2.56 -17.79
CA PHE B 323 0.17 -3.41 -18.29
C PHE B 323 1.45 -3.11 -17.55
N VAL B 324 1.70 -1.82 -17.28
CA VAL B 324 2.88 -1.45 -16.50
C VAL B 324 2.80 -2.08 -15.11
N GLU B 325 1.62 -2.05 -14.50
CA GLU B 325 1.48 -2.55 -13.13
C GLU B 325 1.74 -4.05 -13.07
N ILE B 326 1.06 -4.82 -13.93
CA ILE B 326 1.26 -6.27 -14.00
C ILE B 326 2.72 -6.62 -14.19
N VAL B 327 3.42 -5.86 -15.05
CA VAL B 327 4.84 -6.09 -15.26
C VAL B 327 5.59 -5.86 -13.96
N ARG B 328 5.31 -4.75 -13.28
CA ARG B 328 6.00 -4.43 -12.04
C ARG B 328 5.64 -5.37 -10.90
N ASN B 329 4.64 -6.25 -11.06
CA ASN B 329 4.22 -7.12 -9.97
C ASN B 329 4.62 -8.57 -10.12
N ALA B 330 4.76 -9.09 -11.34
CA ALA B 330 4.93 -10.52 -11.52
C ALA B 330 6.19 -11.05 -10.85
N GLU B 331 6.08 -12.25 -10.25
CA GLU B 331 7.25 -12.90 -9.68
C GLU B 331 8.13 -13.51 -10.75
N ASN B 332 7.52 -13.94 -11.85
CA ASN B 332 8.20 -14.69 -12.91
C ASN B 332 7.28 -14.73 -14.12
N LEU B 333 7.76 -15.37 -15.19
CA LEU B 333 7.10 -15.26 -16.50
C LEU B 333 5.74 -15.93 -16.51
N ASP B 334 5.59 -17.08 -15.85
CA ASP B 334 4.29 -17.74 -15.79
C ASP B 334 3.27 -16.87 -15.09
N GLU B 335 3.67 -16.26 -13.97
CA GLU B 335 2.81 -15.28 -13.30
C GLU B 335 2.53 -14.11 -14.24
N LEU B 336 3.54 -13.67 -15.00
CA LEU B 336 3.32 -12.57 -15.94
C LEU B 336 2.39 -12.96 -17.08
N ASP B 337 2.58 -14.15 -17.67
CA ASP B 337 1.70 -14.56 -18.74
C ASP B 337 0.26 -14.69 -18.24
N SER B 338 0.10 -15.29 -17.05
CA SER B 338 -1.23 -15.57 -16.50
C SER B 338 -1.97 -14.29 -16.15
N MET B 339 -1.30 -13.32 -15.53
CA MET B 339 -1.96 -12.09 -15.14
C MET B 339 -2.56 -11.35 -16.33
N LEU B 340 -1.88 -11.39 -17.47
CA LEU B 340 -2.39 -10.66 -18.63
C LEU B 340 -3.69 -11.25 -19.19
N GLU B 341 -4.24 -12.29 -18.58
CA GLU B 341 -5.61 -12.69 -18.87
C GLU B 341 -6.58 -11.58 -18.44
N ARG B 342 -6.97 -10.74 -19.40
CA ARG B 342 -7.89 -9.63 -19.17
C ARG B 342 -8.73 -9.34 -20.42
N THR B 349 -14.36 -6.91 -26.25
CA THR B 349 -13.05 -6.77 -26.87
C THR B 349 -13.14 -6.10 -28.26
N SER B 350 -13.38 -6.90 -29.31
CA SER B 350 -13.58 -6.42 -30.69
C SER B 350 -12.36 -5.69 -31.25
N VAL B 351 -12.22 -5.64 -32.57
CA VAL B 351 -11.00 -5.17 -33.21
C VAL B 351 -11.23 -3.79 -33.82
N THR B 352 -10.25 -2.91 -33.66
CA THR B 352 -10.26 -1.61 -34.31
C THR B 352 -8.96 -1.38 -35.04
N CYS B 353 -8.70 -0.13 -35.46
CA CYS B 353 -7.44 0.17 -36.11
C CYS B 353 -6.31 0.38 -35.10
N TRP B 354 -6.64 0.59 -33.83
CA TRP B 354 -5.66 0.74 -32.77
C TRP B 354 -5.35 -0.57 -32.08
N SER B 355 -5.89 -1.67 -32.57
CA SER B 355 -5.74 -2.95 -31.91
C SER B 355 -4.46 -3.67 -32.30
N GLN B 356 -3.65 -3.07 -33.17
CA GLN B 356 -2.42 -3.67 -33.67
C GLN B 356 -1.58 -2.56 -34.28
N PRO B 357 -0.26 -2.76 -34.39
CA PRO B 357 0.57 -1.75 -35.07
C PRO B 357 0.28 -1.70 -36.56
N LEU B 358 0.36 -0.51 -37.13
CA LEU B 358 0.21 -0.31 -38.57
C LEU B 358 1.42 0.42 -39.12
N PHE B 359 1.86 0.02 -40.30
CA PHE B 359 3.06 0.60 -40.90
C PHE B 359 2.63 1.37 -42.13
N PHE B 360 2.90 2.68 -42.13
CA PHE B 360 2.47 3.61 -43.17
C PHE B 360 3.67 4.18 -43.91
N VAL B 361 3.77 3.90 -45.20
CA VAL B 361 4.76 4.53 -46.06
C VAL B 361 4.18 5.83 -46.57
N ASN B 362 4.76 6.96 -46.16
CA ASN B 362 4.34 8.25 -46.69
C ASN B 362 5.04 8.47 -48.03
N LEU B 363 4.34 8.10 -49.12
CA LEU B 363 4.97 8.14 -50.44
C LEU B 363 5.27 9.55 -50.90
N SER B 364 4.65 10.56 -50.29
CA SER B 364 4.83 11.93 -50.75
C SER B 364 6.27 12.43 -50.61
N LYS B 365 6.98 11.95 -49.59
CA LYS B 365 8.36 12.35 -49.34
C LYS B 365 9.34 11.62 -50.25
N SER B 366 9.06 10.35 -50.56
CA SER B 366 10.05 9.51 -51.24
C SER B 366 9.80 9.34 -52.72
N THR B 367 8.54 9.38 -53.17
CA THR B 367 8.23 9.33 -54.59
C THR B 367 7.43 10.52 -55.06
N GLY B 368 7.07 11.43 -54.16
CA GLY B 368 6.31 12.60 -54.53
C GLY B 368 4.85 12.36 -54.82
N VAL B 369 4.27 11.23 -54.40
CA VAL B 369 2.88 10.93 -54.70
C VAL B 369 2.08 10.96 -53.39
N ALA B 370 1.05 11.79 -53.35
CA ALA B 370 0.21 12.02 -52.18
C ALA B 370 -0.58 10.79 -51.77
N SER B 371 0.09 9.67 -51.50
CA SER B 371 -0.59 8.46 -51.04
C SER B 371 0.16 7.87 -49.87
N PHE B 372 -0.54 7.09 -49.04
CA PHE B 372 0.08 6.26 -48.02
C PHE B 372 0.01 4.81 -48.44
N MET B 373 1.11 4.10 -48.21
CA MET B 373 1.18 2.67 -48.42
C MET B 373 1.17 2.00 -47.06
N MET B 374 0.06 1.41 -46.69
CA MET B 374 -0.02 0.87 -45.34
C MET B 374 0.15 -0.64 -45.38
N LEU B 375 0.96 -1.13 -44.44
CA LEU B 375 1.21 -2.56 -44.31
C LEU B 375 0.39 -3.07 -43.12
N MET B 376 -0.03 -4.33 -43.19
CA MET B 376 -0.81 -4.96 -42.11
C MET B 376 -0.42 -6.43 -42.05
N GLN B 377 -0.94 -7.13 -41.05
CA GLN B 377 -0.48 -8.47 -40.71
C GLN B 377 -1.67 -9.35 -40.31
N ALA B 378 -1.48 -10.65 -40.44
CA ALA B 378 -2.38 -11.60 -39.77
C ALA B 378 -2.40 -11.31 -38.26
N PRO B 379 -3.56 -11.43 -37.60
CA PRO B 379 -4.84 -11.87 -38.15
C PRO B 379 -5.62 -10.77 -38.90
N LEU B 380 -5.20 -9.50 -38.77
CA LEU B 380 -5.97 -8.40 -39.36
C LEU B 380 -6.05 -8.49 -40.89
N THR B 381 -5.02 -9.03 -41.54
CA THR B 381 -4.94 -8.97 -43.00
C THR B 381 -6.12 -9.68 -43.65
N ASN B 382 -6.39 -10.93 -43.26
CA ASN B 382 -7.49 -11.66 -43.86
C ASN B 382 -8.81 -10.92 -43.68
N HIS B 383 -9.07 -10.43 -42.47
CA HIS B 383 -10.33 -9.75 -42.22
C HIS B 383 -10.48 -8.53 -43.10
N ILE B 384 -9.46 -7.68 -43.16
CA ILE B 384 -9.55 -6.52 -44.04
C ILE B 384 -9.60 -6.93 -45.51
N GLU B 385 -8.96 -8.04 -45.88
CA GLU B 385 -8.99 -8.43 -47.29
C GLU B 385 -10.35 -8.99 -47.67
N SER B 386 -11.08 -9.53 -46.68
CA SER B 386 -12.42 -10.07 -46.92
C SER B 386 -13.45 -8.98 -47.14
N ILE B 387 -13.09 -7.72 -46.92
CA ILE B 387 -14.02 -6.61 -47.10
C ILE B 387 -13.38 -5.54 -47.98
N ARG B 388 -12.49 -5.97 -48.87
CA ARG B 388 -11.74 -5.04 -49.71
C ARG B 388 -12.65 -4.25 -50.64
N GLU B 389 -13.80 -4.81 -51.03
CA GLU B 389 -14.68 -4.03 -51.90
C GLU B 389 -15.58 -3.04 -51.14
N ASP B 390 -15.72 -3.18 -49.83
CA ASP B 390 -16.49 -2.21 -49.04
C ASP B 390 -15.60 -1.02 -48.72
N LYS B 391 -15.44 -0.13 -49.72
CA LYS B 391 -14.56 1.01 -49.54
C LYS B 391 -15.04 1.94 -48.43
N GLU B 392 -16.30 1.84 -48.04
CA GLU B 392 -16.80 2.72 -47.00
C GLU B 392 -16.53 2.15 -45.61
N ARG B 393 -16.66 0.82 -45.47
CA ARG B 393 -16.18 0.15 -44.27
C ARG B 393 -14.72 0.50 -44.02
N LEU B 394 -13.87 0.30 -45.03
CA LEU B 394 -12.45 0.57 -44.88
C LEU B 394 -12.22 1.98 -44.39
N PHE B 395 -12.88 2.96 -45.00
CA PHE B 395 -12.69 4.32 -44.51
C PHE B 395 -13.11 4.45 -43.05
N SER B 396 -14.08 3.65 -42.60
CA SER B 396 -14.50 3.75 -41.22
C SER B 396 -13.47 3.16 -40.29
N PHE B 397 -13.02 1.94 -40.60
CA PHE B 397 -12.05 1.23 -39.79
C PHE B 397 -10.76 2.02 -39.63
N PHE B 398 -10.25 2.58 -40.74
CA PHE B 398 -8.95 3.21 -40.73
C PHE B 398 -8.99 4.71 -40.45
N GLN B 399 -10.15 5.36 -40.54
CA GLN B 399 -10.24 6.79 -40.24
C GLN B 399 -9.55 7.21 -38.93
N PRO B 400 -9.67 6.49 -37.82
CA PRO B 400 -9.00 6.98 -36.59
C PRO B 400 -7.50 7.15 -36.73
N VAL B 401 -6.76 6.12 -37.17
CA VAL B 401 -5.31 6.27 -37.33
C VAL B 401 -4.99 7.29 -38.42
N LEU B 402 -5.80 7.34 -39.48
CA LEU B 402 -5.51 8.30 -40.53
C LEU B 402 -5.57 9.73 -40.01
N ASN B 403 -6.45 10.01 -39.03
CA ASN B 403 -6.53 11.37 -38.54
C ASN B 403 -5.41 11.63 -37.53
N LYS B 404 -5.10 10.64 -36.70
CA LYS B 404 -3.97 10.78 -35.79
C LYS B 404 -2.69 11.04 -36.56
N ILE B 405 -2.53 10.36 -37.72
CA ILE B 405 -1.37 10.61 -38.55
C ILE B 405 -1.36 12.06 -39.02
N MET B 406 -2.44 12.46 -39.69
CA MET B 406 -2.59 13.83 -40.17
C MET B 406 -2.31 14.86 -39.09
N LYS B 407 -2.96 14.73 -37.92
CA LYS B 407 -2.77 15.72 -36.86
C LYS B 407 -1.30 15.81 -36.43
N CYS B 408 -0.66 14.65 -36.19
CA CYS B 408 0.76 14.68 -35.86
C CYS B 408 1.62 15.18 -37.02
N LEU B 409 1.11 15.12 -38.25
CA LEU B 409 1.85 15.56 -39.41
C LEU B 409 1.46 16.97 -39.87
N ASP B 410 0.82 17.75 -38.99
CA ASP B 410 0.50 19.16 -39.21
C ASP B 410 -0.65 19.38 -40.18
N SER B 411 -1.56 18.42 -40.21
CA SER B 411 -2.73 18.50 -41.07
C SER B 411 -4.00 18.39 -40.23
N GLU B 412 -5.09 17.97 -40.85
CA GLU B 412 -6.41 17.99 -40.23
C GLU B 412 -7.12 16.70 -40.61
N ASP B 413 -8.34 16.52 -40.10
CA ASP B 413 -9.04 15.27 -40.35
C ASP B 413 -9.25 15.05 -41.85
N VAL B 414 -9.33 13.77 -42.21
CA VAL B 414 -9.32 13.35 -43.61
C VAL B 414 -10.77 13.34 -44.10
N ILE B 415 -11.03 14.07 -45.18
CA ILE B 415 -12.35 14.08 -45.80
C ILE B 415 -12.51 12.86 -46.70
N ASP B 416 -13.67 12.22 -46.62
CA ASP B 416 -14.02 11.10 -47.51
C ASP B 416 -14.52 11.66 -48.83
N GLY B 417 -13.62 11.76 -49.82
CA GLY B 417 -13.97 12.16 -51.18
C GLY B 417 -13.80 11.04 -52.20
N MET B 418 -14.40 9.89 -51.91
CA MET B 418 -14.23 8.69 -52.72
C MET B 418 -15.28 8.56 -53.82
N ARG B 419 -16.46 9.13 -53.62
CA ARG B 419 -17.44 9.41 -54.65
C ARG B 419 -17.45 10.91 -54.92
N PRO B 420 -17.97 11.37 -56.08
CA PRO B 420 -17.89 12.81 -56.42
C PRO B 420 -18.50 13.78 -55.40
N ILE B 421 -18.68 15.03 -55.85
CA ILE B 421 -19.13 16.18 -55.05
C ILE B 421 -17.98 16.69 -54.19
N GLU B 422 -17.18 17.59 -54.76
CA GLU B 422 -16.14 18.28 -54.01
C GLU B 422 -16.67 19.62 -53.51
N ASN B 423 -16.40 19.91 -52.24
CA ASN B 423 -16.89 21.13 -51.60
C ASN B 423 -16.11 22.38 -51.98
N ILE B 424 -14.84 22.22 -52.42
CA ILE B 424 -13.93 23.26 -52.92
C ILE B 424 -13.20 23.96 -51.77
N ALA B 425 -13.60 23.68 -50.53
CA ALA B 425 -13.09 24.39 -49.36
C ALA B 425 -11.99 23.63 -48.60
N ASN B 426 -11.40 22.61 -49.22
CA ASN B 426 -10.35 21.81 -48.58
C ASN B 426 -9.02 22.55 -48.55
N ALA B 427 -8.27 22.48 -49.65
CA ALA B 427 -7.03 23.23 -49.83
C ALA B 427 -5.97 22.87 -48.79
N ASN B 428 -6.33 22.90 -47.51
CA ASN B 428 -5.43 22.46 -46.45
C ASN B 428 -5.93 21.23 -45.71
N LYS B 429 -7.15 20.76 -46.02
CA LYS B 429 -7.71 19.50 -45.51
C LYS B 429 -7.34 18.36 -46.45
N PRO B 430 -6.91 17.21 -45.94
CA PRO B 430 -6.57 16.09 -46.83
C PRO B 430 -7.82 15.35 -47.28
N VAL B 431 -7.90 15.05 -48.58
CA VAL B 431 -9.10 14.51 -49.22
C VAL B 431 -8.77 13.13 -49.76
N LEU B 432 -9.35 12.10 -49.18
CA LEU B 432 -9.11 10.75 -49.67
C LEU B 432 -9.97 10.48 -50.90
N ARG B 433 -9.32 10.07 -51.99
CA ARG B 433 -9.99 9.79 -53.23
C ARG B 433 -10.18 8.30 -53.49
N ASN B 434 -9.29 7.45 -52.99
CA ASN B 434 -9.45 6.03 -53.26
C ASN B 434 -8.66 5.20 -52.26
N ILE B 435 -9.12 3.96 -52.07
CA ILE B 435 -8.46 2.94 -51.27
C ILE B 435 -8.30 1.70 -52.13
N ILE B 436 -7.08 1.16 -52.17
CA ILE B 436 -6.85 -0.14 -52.78
C ILE B 436 -6.45 -1.10 -51.68
N VAL B 437 -6.83 -2.37 -51.86
CA VAL B 437 -6.53 -3.41 -50.90
C VAL B 437 -5.97 -4.61 -51.63
N SER B 438 -5.05 -5.30 -50.97
CA SER B 438 -4.47 -6.52 -51.51
C SER B 438 -5.47 -7.67 -51.35
N ASN B 439 -5.10 -8.84 -51.85
CA ASN B 439 -6.00 -9.97 -51.85
C ASN B 439 -5.27 -11.29 -51.66
N TRP B 440 -4.02 -11.25 -51.19
CA TRP B 440 -3.19 -12.45 -51.30
C TRP B 440 -3.73 -13.60 -50.45
N THR B 441 -4.32 -13.31 -49.29
CA THR B 441 -4.88 -14.41 -48.48
C THR B 441 -6.03 -15.11 -49.19
N ARG B 442 -6.78 -14.41 -50.05
CA ARG B 442 -7.96 -15.00 -50.67
C ARG B 442 -7.70 -15.57 -52.06
N ASP B 443 -6.79 -14.96 -52.82
CA ASP B 443 -6.24 -15.45 -54.08
C ASP B 443 -5.73 -16.87 -53.92
N PRO B 444 -6.40 -17.87 -54.51
CA PRO B 444 -6.01 -19.27 -54.28
C PRO B 444 -4.60 -19.60 -54.72
N TYR B 445 -3.97 -18.77 -55.57
CA TYR B 445 -2.64 -19.02 -56.11
C TYR B 445 -1.53 -18.30 -55.35
N SER B 446 -1.85 -17.56 -54.28
CA SER B 446 -0.85 -17.09 -53.33
C SER B 446 -1.07 -17.65 -51.94
N ARG B 447 -2.28 -17.47 -51.38
CA ARG B 447 -2.70 -18.15 -50.15
C ARG B 447 -1.83 -17.72 -48.98
N GLY B 448 -1.71 -16.42 -48.82
CA GLY B 448 -0.75 -15.83 -47.92
C GLY B 448 0.21 -14.95 -48.67
N ALA B 449 1.22 -14.49 -47.95
CA ALA B 449 2.19 -13.55 -48.48
C ALA B 449 3.47 -14.24 -48.96
N TYR B 450 4.30 -14.67 -48.01
CA TYR B 450 5.53 -15.37 -48.31
C TYR B 450 5.81 -16.34 -47.16
N SER B 451 6.81 -17.18 -47.39
CA SER B 451 7.37 -18.00 -46.32
C SER B 451 7.63 -17.18 -45.04
N ALA B 452 7.29 -17.76 -43.92
CA ALA B 452 7.46 -17.13 -42.62
C ALA B 452 7.30 -18.21 -41.58
N CYS B 453 8.09 -18.18 -40.53
CA CYS B 453 8.04 -19.26 -39.56
C CYS B 453 7.37 -18.86 -38.26
N PHE B 454 6.56 -19.80 -37.76
CA PHE B 454 6.01 -19.79 -36.41
C PHE B 454 7.09 -20.21 -35.43
N PRO B 455 6.82 -20.11 -34.12
CA PRO B 455 7.84 -20.54 -33.17
C PRO B 455 8.08 -22.04 -33.32
N GLY B 456 9.35 -22.42 -33.36
CA GLY B 456 9.71 -23.80 -33.58
C GLY B 456 9.68 -24.24 -35.03
N ASP B 457 10.13 -23.39 -35.94
CA ASP B 457 10.31 -23.75 -37.34
C ASP B 457 11.79 -23.63 -37.69
N ASP B 458 12.09 -24.05 -38.91
CA ASP B 458 13.43 -24.02 -39.47
C ASP B 458 13.34 -24.16 -40.99
N PRO B 459 13.40 -23.06 -41.73
CA PRO B 459 13.37 -23.17 -43.21
C PRO B 459 14.35 -24.19 -43.74
N VAL B 460 15.46 -24.46 -43.01
CA VAL B 460 16.57 -25.25 -43.55
C VAL B 460 16.06 -26.53 -44.20
N ASP B 461 15.12 -27.19 -43.54
CA ASP B 461 14.55 -28.41 -44.06
C ASP B 461 13.83 -28.18 -45.39
N MET B 462 12.99 -27.15 -45.45
CA MET B 462 12.28 -26.82 -46.68
C MET B 462 13.26 -26.50 -47.80
N VAL B 463 14.21 -25.60 -47.54
CA VAL B 463 15.21 -25.24 -48.54
C VAL B 463 15.86 -26.48 -49.11
N VAL B 464 16.50 -27.29 -48.24
CA VAL B 464 17.18 -28.52 -48.65
C VAL B 464 16.28 -29.37 -49.53
N ALA B 465 15.10 -29.71 -49.03
CA ALA B 465 14.18 -30.58 -49.76
C ALA B 465 13.85 -29.97 -51.14
N MET B 466 13.44 -28.70 -51.15
CA MET B 466 13.13 -28.02 -52.40
C MET B 466 14.33 -27.96 -53.33
N SER B 467 15.50 -27.58 -52.79
CA SER B 467 16.65 -27.26 -53.66
C SER B 467 17.16 -28.48 -54.40
N ASN B 468 16.84 -29.69 -53.95
CA ASN B 468 17.44 -30.87 -54.52
C ASN B 468 16.45 -31.75 -55.28
N GLY B 469 15.18 -31.35 -55.37
CA GLY B 469 14.27 -31.84 -56.37
C GLY B 469 13.46 -33.04 -55.92
N GLN B 470 12.27 -33.18 -56.52
CA GLN B 470 11.50 -34.41 -56.38
C GLN B 470 12.27 -35.59 -56.98
N ASP B 471 12.70 -35.45 -58.23
CA ASP B 471 13.72 -36.32 -58.80
C ASP B 471 14.57 -35.45 -59.73
N SER B 472 15.35 -36.08 -60.58
CA SER B 472 16.15 -35.30 -61.50
C SER B 472 15.34 -34.56 -62.57
N ARG B 473 14.05 -34.88 -62.72
CA ARG B 473 13.20 -34.25 -63.73
C ARG B 473 12.19 -33.26 -63.17
N ILE B 474 11.71 -33.46 -61.95
CA ILE B 474 10.79 -32.56 -61.28
C ILE B 474 11.59 -31.67 -60.34
N ARG B 475 11.78 -30.40 -60.71
CA ARG B 475 12.53 -29.44 -59.91
C ARG B 475 11.62 -28.37 -59.31
N PHE B 476 12.22 -27.51 -58.47
CA PHE B 476 11.49 -26.51 -57.70
C PHE B 476 12.29 -25.21 -57.63
N ALA B 477 11.58 -24.11 -57.81
CA ALA B 477 12.11 -22.77 -57.60
C ALA B 477 11.06 -21.99 -56.83
N GLY B 478 11.41 -20.79 -56.41
CA GLY B 478 10.49 -19.99 -55.63
C GLY B 478 11.09 -19.51 -54.35
N GLU B 479 10.47 -18.49 -53.73
CA GLU B 479 11.09 -17.83 -52.58
C GLU B 479 11.27 -18.76 -51.41
N HIS B 480 10.55 -19.87 -51.37
CA HIS B 480 10.65 -20.81 -50.28
C HIS B 480 11.70 -21.88 -50.53
N THR B 481 12.50 -21.77 -51.59
CA THR B 481 13.33 -22.89 -52.01
C THR B 481 14.83 -22.57 -51.93
N ILE B 482 15.22 -21.57 -51.15
CA ILE B 482 16.60 -21.08 -51.20
C ILE B 482 16.90 -20.29 -49.93
N MET B 483 18.15 -20.41 -49.46
CA MET B 483 18.53 -19.86 -48.16
C MET B 483 18.78 -18.36 -48.23
N ASP B 484 19.70 -17.95 -49.09
CA ASP B 484 19.94 -16.53 -49.26
C ASP B 484 18.74 -15.86 -49.93
N GLY B 485 18.26 -14.80 -49.31
CA GLY B 485 17.07 -14.11 -49.80
C GLY B 485 15.81 -14.92 -49.62
N ALA B 486 15.81 -15.86 -48.67
CA ALA B 486 14.61 -16.65 -48.38
C ALA B 486 13.41 -15.74 -48.16
N GLY B 487 12.29 -16.07 -48.81
CA GLY B 487 11.10 -15.25 -48.73
C GLY B 487 11.11 -13.95 -49.52
N CYS B 488 12.24 -13.58 -50.13
CA CYS B 488 12.35 -12.35 -50.88
C CYS B 488 12.29 -12.60 -52.39
N ALA B 489 11.84 -11.56 -53.11
CA ALA B 489 11.77 -11.63 -54.56
C ALA B 489 13.10 -12.01 -55.17
N TYR B 490 14.21 -11.62 -54.54
CA TYR B 490 15.51 -11.90 -55.12
C TYR B 490 15.98 -13.31 -54.80
N GLY B 491 15.43 -13.94 -53.76
CA GLY B 491 15.70 -15.35 -53.57
C GLY B 491 14.99 -16.19 -54.61
N ALA B 492 13.68 -15.94 -54.76
CA ALA B 492 12.91 -16.50 -55.85
C ALA B 492 13.66 -16.36 -57.17
N TRP B 493 14.02 -15.13 -57.52
CA TRP B 493 14.81 -14.88 -58.70
C TRP B 493 16.01 -15.80 -58.77
N GLU B 494 16.83 -15.78 -57.73
CA GLU B 494 18.01 -16.64 -57.65
C GLU B 494 17.66 -18.11 -57.87
N SER B 495 16.65 -18.60 -57.16
CA SER B 495 16.25 -20.01 -57.28
C SER B 495 15.91 -20.36 -58.71
N GLY B 496 15.35 -19.39 -59.45
CA GLY B 496 15.08 -19.59 -60.84
C GLY B 496 16.37 -19.86 -61.58
N ARG B 497 17.26 -18.88 -61.56
CA ARG B 497 18.52 -19.04 -62.28
C ARG B 497 19.20 -20.34 -61.88
N ARG B 498 18.98 -20.78 -60.65
CA ARG B 498 19.62 -21.99 -60.15
C ARG B 498 19.13 -23.22 -60.92
N GLU B 499 17.81 -23.43 -60.93
CA GLU B 499 17.27 -24.61 -61.60
C GLU B 499 17.53 -24.57 -63.09
N ALA B 500 17.37 -23.40 -63.70
CA ALA B 500 17.53 -23.28 -65.14
C ALA B 500 18.98 -23.50 -65.54
N THR B 501 19.91 -22.94 -64.77
CA THR B 501 21.32 -23.18 -65.07
C THR B 501 21.63 -24.68 -65.10
N ARG B 502 21.13 -25.43 -64.11
CA ARG B 502 21.46 -26.86 -64.02
C ARG B 502 20.87 -27.63 -65.21
N ILE B 503 19.62 -27.33 -65.55
CA ILE B 503 18.95 -27.97 -66.67
C ILE B 503 19.60 -27.54 -67.99
N SER B 504 20.01 -26.28 -68.09
CA SER B 504 20.69 -25.83 -69.29
C SER B 504 21.93 -26.66 -69.54
N ASP B 505 22.73 -26.87 -68.51
CA ASP B 505 23.92 -27.68 -68.67
C ASP B 505 23.58 -29.10 -69.12
N LEU B 506 22.46 -29.64 -68.65
CA LEU B 506 22.10 -31.02 -68.97
C LEU B 506 21.59 -31.16 -70.41
N LEU B 507 20.72 -30.24 -70.85
CA LEU B 507 20.25 -30.29 -72.23
C LEU B 507 21.37 -29.98 -73.20
N LYS B 508 22.18 -28.96 -72.88
CA LYS B 508 23.24 -28.49 -73.76
C LYS B 508 24.29 -29.57 -73.95
N LEU B 509 23.97 -30.58 -74.77
CA LEU B 509 24.90 -31.64 -75.15
C LEU B 509 25.50 -31.39 -76.54
N PRO C 6 11.65 -12.04 77.50
CA PRO C 6 10.61 -12.79 76.77
C PRO C 6 9.20 -12.64 77.37
N ALA C 7 8.66 -11.42 77.40
CA ALA C 7 7.32 -11.19 77.93
C ALA C 7 6.23 -11.75 77.00
N LYS C 8 5.30 -12.49 77.59
CA LYS C 8 4.28 -13.22 76.84
C LYS C 8 3.00 -12.41 76.74
N LYS C 9 2.40 -12.39 75.55
CA LYS C 9 1.10 -11.77 75.31
C LYS C 9 0.26 -12.67 74.40
N LYS C 10 -1.07 -12.48 74.47
CA LYS C 10 -1.99 -13.35 73.76
C LYS C 10 -1.96 -13.11 72.26
N VAL C 11 -2.21 -11.87 71.83
CA VAL C 11 -2.08 -11.48 70.43
C VAL C 11 -1.22 -10.23 70.33
N ILE C 12 -0.34 -10.19 69.34
CA ILE C 12 0.47 -9.01 69.04
C ILE C 12 0.07 -8.50 67.66
N ILE C 13 -0.28 -7.23 67.60
CA ILE C 13 -0.66 -6.56 66.37
C ILE C 13 0.48 -5.63 65.97
N ILE C 14 1.00 -5.82 64.77
CA ILE C 14 2.08 -4.98 64.25
C ILE C 14 1.45 -3.97 63.30
N GLY C 15 1.52 -2.69 63.67
CA GLY C 15 0.98 -1.59 62.91
C GLY C 15 -0.26 -1.06 63.59
N ALA C 16 -0.37 0.27 63.63
CA ALA C 16 -1.47 0.92 64.32
C ALA C 16 -2.28 1.78 63.36
N GLY C 17 -2.35 1.35 62.12
CA GLY C 17 -3.37 1.83 61.20
C GLY C 17 -4.70 1.22 61.54
N ILE C 18 -5.71 1.60 60.74
CA ILE C 18 -7.08 1.17 60.94
C ILE C 18 -7.18 -0.34 60.96
N ALA C 19 -6.40 -1.04 60.13
CA ALA C 19 -6.36 -2.49 60.24
C ALA C 19 -5.87 -2.93 61.61
N GLY C 20 -4.70 -2.42 62.03
CA GLY C 20 -4.18 -2.80 63.33
C GLY C 20 -5.13 -2.42 64.45
N LEU C 21 -5.63 -1.20 64.40
CA LEU C 21 -6.49 -0.70 65.47
C LEU C 21 -7.80 -1.49 65.55
N LYS C 22 -8.50 -1.65 64.41
CA LYS C 22 -9.76 -2.39 64.43
C LYS C 22 -9.57 -3.78 65.00
N ALA C 23 -8.50 -4.47 64.57
CA ALA C 23 -8.18 -5.79 65.12
C ALA C 23 -8.18 -5.77 66.64
N ALA C 24 -7.39 -4.87 67.25
CA ALA C 24 -7.36 -4.79 68.70
C ALA C 24 -8.76 -4.46 69.25
N SER C 25 -9.38 -3.42 68.68
CA SER C 25 -10.77 -3.08 69.00
C SER C 25 -11.65 -4.32 69.05
N THR C 26 -11.57 -5.16 68.00
CA THR C 26 -12.42 -6.35 67.91
C THR C 26 -11.96 -7.44 68.87
N LEU C 27 -10.64 -7.68 68.93
CA LEU C 27 -10.09 -8.52 69.97
C LEU C 27 -10.67 -8.15 71.34
N HIS C 28 -10.62 -6.87 71.68
CA HIS C 28 -11.06 -6.45 73.01
C HIS C 28 -12.58 -6.52 73.14
N GLN C 29 -13.31 -6.33 72.04
CA GLN C 29 -14.76 -6.51 72.05
C GLN C 29 -15.12 -7.93 72.46
N ASN C 30 -14.30 -8.90 72.06
CA ASN C 30 -14.49 -10.29 72.38
C ASN C 30 -13.84 -10.69 73.70
N GLY C 31 -13.46 -9.70 74.52
CA GLY C 31 -12.94 -9.99 75.84
C GLY C 31 -11.65 -10.77 75.86
N ILE C 32 -10.82 -10.62 74.82
CA ILE C 32 -9.43 -11.08 74.89
C ILE C 32 -8.62 -10.07 75.72
N GLN C 33 -7.55 -10.55 76.34
CA GLN C 33 -6.71 -9.70 77.18
C GLN C 33 -5.23 -9.96 76.90
N ASP C 34 -4.41 -9.05 77.41
CA ASP C 34 -2.95 -9.12 77.26
C ASP C 34 -2.53 -9.12 75.79
N CYS C 35 -2.96 -8.09 75.08
CA CYS C 35 -2.60 -7.90 73.69
C CYS C 35 -1.72 -6.67 73.54
N LEU C 36 -1.14 -6.54 72.36
CA LEU C 36 -0.17 -5.50 72.12
C LEU C 36 -0.28 -5.05 70.67
N VAL C 37 -0.33 -3.73 70.46
CA VAL C 37 -0.15 -3.13 69.13
C VAL C 37 1.19 -2.41 69.17
N LEU C 38 2.16 -2.92 68.42
CA LEU C 38 3.44 -2.24 68.26
C LEU C 38 3.44 -1.44 66.96
N GLU C 39 3.81 -0.15 67.03
CA GLU C 39 3.76 0.72 65.87
C GLU C 39 5.04 1.52 65.73
N ALA C 40 5.66 1.43 64.55
CA ALA C 40 6.99 2.00 64.34
C ALA C 40 6.98 3.51 64.47
N ARG C 41 5.90 4.16 64.03
CA ARG C 41 5.84 5.60 64.16
C ARG C 41 5.51 5.99 65.60
N ASP C 42 5.58 7.28 65.89
CA ASP C 42 5.19 7.77 67.20
C ASP C 42 3.74 8.22 67.23
N ARG C 43 2.92 7.78 66.27
CA ARG C 43 1.50 8.08 66.24
C ARG C 43 0.76 6.85 65.74
N VAL C 44 -0.52 6.76 66.09
CA VAL C 44 -1.41 5.78 65.46
C VAL C 44 -1.94 6.46 64.20
N GLY C 45 -2.80 5.74 63.45
CA GLY C 45 -3.45 6.30 62.27
C GLY C 45 -3.01 5.66 60.97
N GLY C 46 -1.73 5.30 60.88
CA GLY C 46 -1.21 4.69 59.68
C GLY C 46 -1.38 5.63 58.52
N ARG C 47 -1.90 5.11 57.40
CA ARG C 47 -2.14 5.95 56.23
C ARG C 47 -3.39 6.78 56.38
N LEU C 48 -3.95 6.83 57.57
CA LEU C 48 -4.92 7.86 57.92
C LEU C 48 -4.18 8.88 58.79
N GLN C 49 -4.14 10.13 58.34
CA GLN C 49 -3.49 11.18 59.13
C GLN C 49 -4.13 12.51 58.79
N THR C 50 -4.85 13.10 59.74
CA THR C 50 -5.28 14.47 59.56
C THR C 50 -4.16 15.39 59.99
N VAL C 51 -3.94 16.44 59.21
CA VAL C 51 -2.88 17.40 59.46
C VAL C 51 -3.53 18.78 59.54
N THR C 52 -2.71 19.76 59.95
CA THR C 52 -3.22 21.08 60.28
C THR C 52 -2.40 22.14 59.54
N GLY C 53 -3.10 23.13 58.97
CA GLY C 53 -2.50 24.15 58.14
C GLY C 53 -2.92 25.54 58.59
N TYR C 54 -3.00 26.42 57.59
CA TYR C 54 -3.22 27.85 57.79
C TYR C 54 -4.48 28.10 58.63
N GLN C 55 -4.34 28.96 59.64
CA GLN C 55 -5.41 29.25 60.63
C GLN C 55 -5.97 27.97 61.25
N GLY C 56 -5.17 26.92 61.33
CA GLY C 56 -5.61 25.67 61.91
C GLY C 56 -6.54 24.83 61.05
N ARG C 57 -6.75 25.19 59.77
CA ARG C 57 -7.51 24.33 58.86
C ARG C 57 -6.96 22.90 58.89
N LYS C 58 -7.86 21.93 58.97
CA LYS C 58 -7.48 20.52 59.04
C LYS C 58 -7.80 19.83 57.72
N TYR C 59 -6.89 18.95 57.29
CA TYR C 59 -7.04 18.18 56.06
C TYR C 59 -6.54 16.76 56.27
N ASP C 60 -7.33 15.81 55.81
CA ASP C 60 -6.86 14.43 55.67
C ASP C 60 -5.85 14.36 54.55
N ILE C 61 -4.59 14.06 54.90
CA ILE C 61 -3.52 13.91 53.91
C ILE C 61 -3.38 12.46 53.48
N GLY C 62 -4.01 11.53 54.17
CA GLY C 62 -4.15 10.19 53.65
C GLY C 62 -5.55 10.08 53.10
N ALA C 63 -6.29 9.10 53.56
CA ALA C 63 -7.63 8.88 53.06
C ALA C 63 -8.57 10.01 53.44
N SER C 64 -9.49 10.31 52.53
CA SER C 64 -10.39 11.43 52.69
C SER C 64 -11.86 11.07 52.45
N TRP C 65 -12.14 10.00 51.68
CA TRP C 65 -13.50 9.62 51.32
C TRP C 65 -13.87 8.24 51.87
N HIS C 66 -15.12 8.12 52.28
CA HIS C 66 -15.76 6.83 52.42
C HIS C 66 -16.23 6.42 51.02
N HIS C 67 -15.69 5.33 50.49
CA HIS C 67 -16.12 4.84 49.19
C HIS C 67 -17.22 3.77 49.35
N ASP C 68 -17.87 3.45 48.24
CA ASP C 68 -18.92 2.42 48.18
C ASP C 68 -19.91 2.56 49.33
N THR C 69 -20.43 3.78 49.55
CA THR C 69 -21.24 3.98 50.75
C THR C 69 -22.52 3.17 50.80
N LEU C 70 -22.91 2.49 49.72
CA LEU C 70 -24.09 1.62 49.79
C LEU C 70 -23.84 0.38 50.64
N THR C 71 -22.58 -0.10 50.72
CA THR C 71 -22.27 -1.33 51.42
C THR C 71 -21.04 -1.25 52.32
N ASN C 72 -20.30 -0.14 52.30
CA ASN C 72 -19.16 0.12 53.17
C ASN C 72 -19.52 -0.04 54.64
N PRO C 73 -19.12 -1.15 55.29
CA PRO C 73 -19.55 -1.38 56.68
C PRO C 73 -18.98 -0.37 57.67
N LEU C 74 -17.78 0.18 57.41
CA LEU C 74 -17.25 1.24 58.25
C LEU C 74 -18.05 2.53 58.11
N PHE C 75 -18.39 2.90 56.88
CA PHE C 75 -19.23 4.08 56.69
C PHE C 75 -20.57 3.92 57.38
N LEU C 76 -21.22 2.77 57.21
CA LEU C 76 -22.53 2.58 57.84
C LEU C 76 -22.42 2.67 59.36
N GLU C 77 -21.40 2.04 59.93
CA GLU C 77 -21.12 2.27 61.36
C GLU C 77 -20.99 3.76 61.66
N GLU C 78 -20.30 4.52 60.80
CA GLU C 78 -20.17 5.97 61.01
C GLU C 78 -21.54 6.64 60.95
N ALA C 79 -22.32 6.33 59.91
CA ALA C 79 -23.62 6.94 59.69
C ALA C 79 -24.61 6.59 60.79
N GLN C 80 -24.53 5.37 61.35
CA GLN C 80 -25.37 5.03 62.49
C GLN C 80 -25.13 5.99 63.66
N LEU C 81 -23.85 6.15 64.06
CA LEU C 81 -23.50 7.12 65.10
C LEU C 81 -24.08 8.50 64.80
N SER C 82 -24.06 8.91 63.54
CA SER C 82 -24.61 10.23 63.22
C SER C 82 -26.14 10.25 63.21
N LEU C 83 -26.79 9.10 62.97
CA LEU C 83 -28.24 9.01 63.08
C LEU C 83 -28.68 9.06 64.54
N ASN C 84 -27.86 8.51 65.44
CA ASN C 84 -28.11 8.61 66.87
C ASN C 84 -27.93 10.05 67.36
N ASP C 85 -26.76 10.66 67.12
CA ASP C 85 -26.39 11.87 67.84
C ASP C 85 -26.27 13.11 66.96
N GLY C 86 -26.86 13.11 65.76
CA GLY C 86 -26.94 14.30 64.93
C GLY C 86 -25.66 15.07 64.63
N ARG C 87 -24.51 14.54 65.03
CA ARG C 87 -23.23 15.14 64.69
C ARG C 87 -22.86 14.84 63.24
N THR C 88 -22.20 15.81 62.61
CA THR C 88 -21.75 15.68 61.24
C THR C 88 -20.39 14.97 61.22
N ARG C 89 -20.40 13.69 60.87
CA ARG C 89 -19.16 12.98 60.67
C ARG C 89 -18.65 13.05 59.23
N PHE C 90 -19.52 13.35 58.26
CA PHE C 90 -19.13 13.30 56.86
C PHE C 90 -20.03 14.21 56.03
N VAL C 91 -19.66 14.37 54.77
CA VAL C 91 -20.49 15.10 53.81
C VAL C 91 -20.42 14.41 52.45
N PHE C 92 -21.58 14.27 51.80
CA PHE C 92 -21.66 13.66 50.46
C PHE C 92 -21.25 14.72 49.43
N ASP C 93 -20.11 14.52 48.78
CA ASP C 93 -19.45 15.56 48.01
C ASP C 93 -19.25 15.18 46.54
N ASP C 94 -19.82 14.06 46.10
CA ASP C 94 -19.93 13.85 44.67
C ASP C 94 -20.59 15.05 44.02
N ASP C 95 -20.17 15.36 42.82
CA ASP C 95 -20.58 16.59 42.17
C ASP C 95 -20.37 16.39 40.69
N ASN C 96 -20.92 17.29 39.90
CA ASN C 96 -20.69 17.27 38.46
C ASN C 96 -19.30 17.84 38.19
N PHE C 97 -18.41 16.96 37.72
CA PHE C 97 -17.02 17.34 37.49
C PHE C 97 -16.92 18.45 36.47
N ILE C 98 -16.28 19.54 36.88
CA ILE C 98 -15.84 20.55 35.92
C ILE C 98 -14.53 20.07 35.29
N TYR C 99 -14.45 20.13 33.97
CA TYR C 99 -13.30 19.63 33.20
C TYR C 99 -12.68 20.81 32.48
N ILE C 100 -11.36 20.96 32.62
CA ILE C 100 -10.67 22.19 32.23
C ILE C 100 -9.46 21.83 31.39
N ASP C 101 -9.42 22.34 30.16
CA ASP C 101 -8.31 22.17 29.25
C ASP C 101 -7.63 23.52 29.05
N GLU C 102 -6.32 23.51 28.82
CA GLU C 102 -5.61 24.78 28.92
C GLU C 102 -6.09 25.78 27.85
N GLU C 103 -6.32 25.31 26.61
CA GLU C 103 -6.75 26.21 25.53
C GLU C 103 -8.24 26.47 25.57
N ARG C 104 -9.02 25.41 25.68
CA ARG C 104 -10.45 25.48 25.50
C ARG C 104 -11.19 25.86 26.77
N GLY C 105 -10.49 25.89 27.91
CA GLY C 105 -11.23 26.17 29.12
C GLY C 105 -12.09 24.98 29.49
N ARG C 106 -13.23 25.26 30.10
CA ARG C 106 -14.14 24.19 30.49
C ARG C 106 -14.64 23.43 29.27
N VAL C 107 -14.75 22.11 29.41
CA VAL C 107 -15.21 21.24 28.34
C VAL C 107 -16.18 20.18 28.90
N ASP C 108 -16.46 20.25 30.20
CA ASP C 108 -17.44 19.37 30.82
C ASP C 108 -18.86 19.70 30.36
N HIS C 109 -19.70 18.66 30.31
CA HIS C 109 -21.12 18.81 30.00
C HIS C 109 -21.33 19.53 28.67
N ASP C 110 -20.41 19.33 27.72
CA ASP C 110 -20.39 20.17 26.53
C ASP C 110 -21.36 19.64 25.47
N LYS C 111 -22.12 20.56 24.88
CA LYS C 111 -23.23 20.18 24.00
C LYS C 111 -22.74 19.56 22.69
N GLU C 112 -21.52 19.88 22.28
CA GLU C 112 -20.87 19.26 21.12
C GLU C 112 -19.85 18.18 21.50
N LEU C 113 -19.16 18.30 22.64
CA LEU C 113 -18.14 17.30 22.95
C LEU C 113 -18.75 16.03 23.56
N LEU C 114 -19.69 16.17 24.49
CA LEU C 114 -20.36 15.01 25.09
C LEU C 114 -19.35 14.00 25.62
N LEU C 115 -18.19 14.49 26.09
CA LEU C 115 -17.12 13.59 26.45
C LEU C 115 -17.55 12.60 27.52
N GLU C 116 -18.35 13.06 28.50
CA GLU C 116 -18.88 12.14 29.50
C GLU C 116 -19.63 10.98 28.84
N ILE C 117 -20.46 11.26 27.81
CA ILE C 117 -21.21 10.20 27.15
C ILE C 117 -20.26 9.15 26.57
N VAL C 118 -19.27 9.58 25.80
CA VAL C 118 -18.40 8.60 25.18
C VAL C 118 -17.51 7.92 26.23
N ASP C 119 -17.12 8.64 27.30
CA ASP C 119 -16.39 8.01 28.39
C ASP C 119 -17.20 6.84 28.96
N ASN C 120 -18.48 7.06 29.19
CA ASN C 120 -19.35 5.97 29.59
C ASN C 120 -19.24 4.82 28.61
N GLU C 121 -19.39 5.11 27.30
CA GLU C 121 -19.31 4.06 26.30
C GLU C 121 -18.02 3.27 26.42
N MET C 122 -16.90 3.95 26.63
CA MET C 122 -15.67 3.19 26.69
C MET C 122 -15.57 2.32 27.95
N SER C 123 -16.26 2.67 29.03
CA SER C 123 -16.40 1.73 30.13
C SER C 123 -16.98 0.40 29.65
N LYS C 124 -18.11 0.46 28.93
CA LYS C 124 -18.66 -0.76 28.34
C LYS C 124 -17.64 -1.45 27.45
N PHE C 125 -16.94 -0.68 26.61
CA PHE C 125 -15.99 -1.28 25.68
C PHE C 125 -14.98 -2.15 26.41
N ALA C 126 -14.35 -1.60 27.46
CA ALA C 126 -13.34 -2.36 28.19
C ALA C 126 -13.95 -3.62 28.75
N GLU C 127 -15.14 -3.48 29.35
CA GLU C 127 -15.79 -4.62 29.99
C GLU C 127 -16.14 -5.70 28.96
N LEU C 128 -16.59 -5.29 27.77
CA LEU C 128 -16.79 -6.26 26.71
C LEU C 128 -15.48 -6.82 26.21
N GLU C 129 -14.47 -5.98 26.06
CA GLU C 129 -13.16 -6.45 25.63
C GLU C 129 -12.60 -7.49 26.62
N PHE C 130 -12.93 -7.37 27.89
CA PHE C 130 -12.46 -8.29 28.95
C PHE C 130 -13.49 -9.38 29.27
N HIS C 131 -14.31 -9.77 28.31
CA HIS C 131 -15.12 -10.98 28.41
C HIS C 131 -15.12 -11.65 27.04
N GLN C 132 -14.54 -10.97 26.04
CA GLN C 132 -14.42 -11.42 24.66
C GLN C 132 -13.03 -11.92 24.31
N HIS C 133 -12.08 -11.81 25.25
CA HIS C 133 -10.67 -12.11 25.01
C HIS C 133 -10.07 -13.13 25.98
N LEU C 134 -10.76 -13.49 27.09
CA LEU C 134 -10.45 -14.70 27.85
C LEU C 134 -9.19 -14.64 28.69
N GLY C 135 -8.16 -15.39 28.26
CA GLY C 135 -6.82 -15.18 28.78
C GLY C 135 -6.25 -13.83 28.41
N VAL C 136 -6.75 -13.24 27.31
CA VAL C 136 -6.51 -11.85 26.94
C VAL C 136 -5.03 -11.66 26.63
N SER C 137 -4.30 -11.01 27.54
CA SER C 137 -2.90 -10.66 27.31
C SER C 137 -2.35 -9.88 28.48
N ASP C 138 -2.53 -8.56 28.42
CA ASP C 138 -1.94 -7.67 29.40
C ASP C 138 -2.68 -6.34 29.32
N CYS C 139 -2.00 -5.34 28.74
CA CYS C 139 -2.55 -4.08 28.23
C CYS C 139 -2.62 -2.99 29.29
N SER C 140 -1.92 -1.88 29.05
CA SER C 140 -2.03 -0.72 29.93
C SER C 140 -3.35 0.00 29.69
N PHE C 141 -3.74 0.84 30.66
CA PHE C 141 -4.91 1.68 30.41
C PHE C 141 -4.73 2.50 29.15
N PHE C 142 -3.55 3.10 28.97
CA PHE C 142 -3.28 3.83 27.74
C PHE C 142 -3.63 3.00 26.51
N GLN C 143 -3.08 1.79 26.42
CA GLN C 143 -3.35 0.92 25.28
C GLN C 143 -4.84 0.69 25.11
N LEU C 144 -5.56 0.53 26.22
CA LEU C 144 -6.99 0.27 26.15
C LEU C 144 -7.72 1.41 25.45
N VAL C 145 -7.45 2.65 25.87
CA VAL C 145 -8.08 3.81 25.25
C VAL C 145 -7.72 3.86 23.76
N MET C 146 -6.47 3.57 23.41
CA MET C 146 -6.13 3.60 21.98
C MET C 146 -6.87 2.51 21.21
N LYS C 147 -7.04 1.31 21.80
CA LYS C 147 -7.91 0.32 21.16
C LYS C 147 -9.31 0.90 20.95
N TYR C 148 -9.84 1.58 21.97
CA TYR C 148 -11.19 2.12 21.91
C TYR C 148 -11.31 3.10 20.75
N LEU C 149 -10.32 4.00 20.61
CA LEU C 149 -10.40 5.04 19.59
C LEU C 149 -10.27 4.47 18.19
N LEU C 150 -9.36 3.50 17.97
CA LEU C 150 -9.22 2.96 16.63
C LEU C 150 -10.51 2.25 16.24
N GLN C 151 -10.99 1.35 17.10
CA GLN C 151 -12.20 0.61 16.83
C GLN C 151 -13.46 1.49 16.72
N ARG C 152 -13.46 2.71 17.26
CA ARG C 152 -14.70 3.48 17.24
C ARG C 152 -14.52 4.86 16.60
N ARG C 153 -13.45 5.07 15.82
CA ARG C 153 -13.20 6.37 15.22
C ARG C 153 -14.26 6.76 14.20
N GLN C 154 -14.85 5.79 13.49
CA GLN C 154 -15.92 6.10 12.57
C GLN C 154 -17.06 6.81 13.28
N PHE C 155 -17.20 6.61 14.59
CA PHE C 155 -18.31 7.15 15.37
C PHE C 155 -17.85 8.17 16.40
N LEU C 156 -16.80 8.91 16.12
CA LEU C 156 -16.31 9.90 17.07
C LEU C 156 -15.95 11.16 16.30
N THR C 157 -16.25 12.32 16.87
CA THR C 157 -15.78 13.53 16.24
C THR C 157 -14.30 13.70 16.50
N ASN C 158 -13.70 14.61 15.73
CA ASN C 158 -12.29 14.88 15.93
C ASN C 158 -12.03 15.34 17.35
N ASP C 159 -12.82 16.30 17.85
CA ASP C 159 -12.63 16.81 19.19
C ASP C 159 -12.90 15.75 20.25
N GLN C 160 -13.82 14.83 19.96
CA GLN C 160 -14.01 13.71 20.87
C GLN C 160 -12.74 12.87 20.96
N ILE C 161 -12.13 12.56 19.81
CA ILE C 161 -10.88 11.82 19.80
C ILE C 161 -9.78 12.58 20.52
N ARG C 162 -9.79 13.91 20.44
CA ARG C 162 -8.72 14.68 21.07
C ARG C 162 -8.87 14.67 22.58
N TYR C 163 -10.04 15.05 23.06
CA TYR C 163 -10.24 15.32 24.48
C TYR C 163 -10.70 14.09 25.28
N LEU C 164 -11.42 13.12 24.69
CA LEU C 164 -11.83 11.96 25.47
C LEU C 164 -10.66 11.28 26.19
N PRO C 165 -9.55 10.94 25.53
CA PRO C 165 -8.49 10.25 26.25
C PRO C 165 -7.85 11.10 27.33
N GLN C 166 -7.86 12.42 27.18
CA GLN C 166 -7.37 13.24 28.27
C GLN C 166 -8.33 13.23 29.45
N LEU C 167 -9.63 13.14 29.20
CA LEU C 167 -10.61 13.10 30.26
C LEU C 167 -10.61 11.77 31.01
N CYS C 168 -10.56 10.64 30.31
CA CYS C 168 -10.60 9.34 30.97
C CYS C 168 -9.59 9.25 32.08
N ARG C 169 -8.50 9.95 31.92
CA ARG C 169 -7.44 9.71 32.84
C ARG C 169 -7.73 10.22 34.24
N TYR C 170 -8.95 10.74 34.53
CA TYR C 170 -9.35 10.89 35.93
C TYR C 170 -9.20 9.57 36.67
N LEU C 171 -9.29 8.45 35.94
CA LEU C 171 -9.11 7.16 36.59
C LEU C 171 -7.71 6.99 37.12
N GLU C 172 -6.73 7.72 36.54
CA GLU C 172 -5.39 7.75 37.13
C GLU C 172 -5.42 8.20 38.60
N LEU C 173 -6.36 9.05 38.98
CA LEU C 173 -6.43 9.47 40.36
C LEU C 173 -7.22 8.50 41.24
N TRP C 174 -7.86 7.49 40.66
CA TRP C 174 -8.43 6.43 41.47
C TRP C 174 -7.38 5.41 41.89
N HIS C 175 -6.31 5.25 41.12
CA HIS C 175 -5.28 4.28 41.47
C HIS C 175 -3.95 4.90 41.87
N GLY C 176 -3.75 6.21 41.67
CA GLY C 176 -2.46 6.83 41.86
C GLY C 176 -1.39 6.40 40.87
N LEU C 177 -1.77 6.07 39.62
CA LEU C 177 -0.86 5.60 38.58
C LEU C 177 -1.16 6.24 37.24
N ASP C 178 -0.10 6.52 36.47
CA ASP C 178 -0.25 7.03 35.11
C ASP C 178 -0.85 5.95 34.20
N TRP C 179 -1.59 6.40 33.19
CA TRP C 179 -2.34 5.43 32.37
C TRP C 179 -1.45 4.45 31.60
N LYS C 180 -0.18 4.79 31.28
CA LYS C 180 0.70 3.76 30.71
C LYS C 180 1.30 2.84 31.76
N LEU C 181 1.15 3.18 33.05
CA LEU C 181 1.59 2.33 34.15
C LEU C 181 0.46 1.51 34.76
N LEU C 182 -0.79 1.79 34.41
CA LEU C 182 -1.94 1.18 35.07
C LEU C 182 -2.49 0.04 34.23
N SER C 183 -3.03 -0.98 34.90
CA SER C 183 -3.59 -2.14 34.25
C SER C 183 -5.00 -1.84 33.73
N ALA C 184 -5.22 -2.09 32.43
CA ALA C 184 -6.55 -1.90 31.86
C ALA C 184 -7.59 -2.72 32.61
N LYS C 185 -7.32 -4.02 32.79
CA LYS C 185 -8.24 -4.91 33.50
C LYS C 185 -8.66 -4.31 34.83
N ASP C 186 -7.72 -3.69 35.54
CA ASP C 186 -8.00 -3.13 36.85
C ASP C 186 -8.65 -1.74 36.78
N THR C 187 -8.42 -0.98 35.70
CA THR C 187 -8.87 0.40 35.62
C THR C 187 -10.32 0.60 36.04
N TYR C 188 -11.25 0.19 35.19
CA TYR C 188 -12.67 0.39 35.46
C TYR C 188 -13.16 -0.57 36.54
N PHE C 189 -13.84 -0.02 37.53
CA PHE C 189 -14.41 -0.81 38.61
C PHE C 189 -15.59 -0.06 39.19
N GLY C 190 -16.44 -0.80 39.90
CA GLY C 190 -17.74 -0.27 40.29
C GLY C 190 -17.70 0.51 41.59
N HIS C 191 -18.15 1.76 41.53
CA HIS C 191 -18.32 2.60 42.72
C HIS C 191 -19.71 2.29 43.30
N GLN C 192 -19.74 1.51 44.39
CA GLN C 192 -21.01 0.99 44.89
C GLN C 192 -21.69 2.04 45.77
N GLY C 193 -22.12 3.11 45.12
CA GLY C 193 -22.80 4.22 45.75
C GLY C 193 -22.04 5.51 45.59
N ARG C 194 -22.58 6.55 46.21
CA ARG C 194 -21.87 7.81 46.28
C ARG C 194 -20.68 7.69 47.24
N ASN C 195 -19.85 8.72 47.24
CA ASN C 195 -18.75 8.85 48.20
C ASN C 195 -19.10 9.90 49.24
N ALA C 196 -18.53 9.72 50.45
CA ALA C 196 -18.70 10.66 51.55
C ALA C 196 -17.33 11.06 52.09
N PHE C 197 -16.99 12.32 51.87
CA PHE C 197 -15.82 12.97 52.45
C PHE C 197 -15.87 12.92 53.98
N ALA C 198 -14.89 12.25 54.61
CA ALA C 198 -14.86 12.20 56.07
C ALA C 198 -14.51 13.57 56.62
N LEU C 199 -15.32 14.04 57.57
CA LEU C 199 -15.04 15.29 58.29
C LEU C 199 -14.22 14.91 59.51
N ASN C 200 -12.89 15.02 59.33
CA ASN C 200 -11.90 14.44 60.22
C ASN C 200 -12.02 12.92 60.10
N TYR C 201 -11.03 12.29 59.45
CA TYR C 201 -10.90 10.83 59.47
C TYR C 201 -10.13 10.38 60.71
N ASP C 202 -9.31 11.28 61.27
CA ASP C 202 -8.71 11.00 62.58
C ASP C 202 -9.76 10.81 63.65
N SER C 203 -10.95 11.39 63.44
CA SER C 203 -12.05 11.12 64.34
C SER C 203 -12.41 9.64 64.32
N VAL C 204 -12.46 9.03 63.13
CA VAL C 204 -12.60 7.58 63.04
C VAL C 204 -11.48 6.90 63.83
N VAL C 205 -10.24 7.30 63.56
CA VAL C 205 -9.06 6.68 64.16
C VAL C 205 -9.09 6.78 65.69
N GLN C 206 -9.32 7.98 66.21
CA GLN C 206 -9.33 8.12 67.67
C GLN C 206 -10.42 7.26 68.28
N ARG C 207 -11.59 7.18 67.63
CA ARG C 207 -12.68 6.39 68.22
C ARG C 207 -12.30 4.91 68.27
N ILE C 208 -11.61 4.40 67.26
CA ILE C 208 -11.24 2.99 67.28
C ILE C 208 -10.12 2.75 68.29
N ALA C 209 -9.06 3.57 68.21
CA ALA C 209 -7.95 3.50 69.17
C ALA C 209 -8.42 3.49 70.62
N GLN C 210 -9.45 4.25 70.94
CA GLN C 210 -9.87 4.42 72.33
C GLN C 210 -10.91 3.40 72.77
N SER C 211 -11.26 2.46 71.91
CA SER C 211 -12.10 1.32 72.26
C SER C 211 -11.30 0.09 72.68
N PHE C 212 -10.06 0.27 73.14
CA PHE C 212 -9.32 -0.85 73.71
C PHE C 212 -8.35 -0.31 74.75
N PRO C 213 -7.78 -1.17 75.59
CA PRO C 213 -6.94 -0.69 76.69
C PRO C 213 -5.78 0.17 76.19
N GLN C 214 -5.74 1.40 76.69
CA GLN C 214 -4.73 2.37 76.28
C GLN C 214 -3.31 1.88 76.51
N ASN C 215 -3.11 0.93 77.42
CA ASN C 215 -1.78 0.38 77.64
C ASN C 215 -1.45 -0.77 76.69
N TRP C 216 -2.33 -1.07 75.74
CA TRP C 216 -1.97 -1.99 74.66
C TRP C 216 -1.00 -1.36 73.68
N LEU C 217 -1.19 -0.05 73.41
CA LEU C 217 -0.38 0.68 72.43
C LEU C 217 1.06 0.81 72.89
N LYS C 218 2.00 0.34 72.08
CA LYS C 218 3.41 0.65 72.27
C LYS C 218 3.93 1.26 70.97
N LEU C 219 3.73 2.58 70.82
CA LEU C 219 4.24 3.28 69.65
C LEU C 219 5.77 3.40 69.71
N SER C 220 6.33 3.95 68.63
CA SER C 220 7.77 4.14 68.48
C SER C 220 8.55 2.85 68.69
N CYS C 221 7.93 1.69 68.46
CA CYS C 221 8.64 0.42 68.35
C CYS C 221 8.54 -0.09 66.92
N GLU C 222 9.68 -0.20 66.24
CA GLU C 222 9.78 -0.80 64.91
C GLU C 222 10.09 -2.28 65.07
N VAL C 223 9.13 -3.13 64.70
CA VAL C 223 9.35 -4.57 64.74
C VAL C 223 10.39 -4.94 63.69
N LYS C 224 11.43 -5.65 64.11
CA LYS C 224 12.53 -5.96 63.22
C LYS C 224 12.63 -7.44 62.88
N SER C 225 11.99 -8.32 63.65
CA SER C 225 12.11 -9.74 63.41
C SER C 225 10.86 -10.44 63.95
N ILE C 226 10.43 -11.48 63.23
CA ILE C 226 9.40 -12.41 63.68
C ILE C 226 9.89 -13.81 63.37
N THR C 227 10.00 -14.66 64.40
CA THR C 227 10.43 -16.04 64.23
C THR C 227 9.42 -16.99 64.86
N ARG C 228 9.04 -18.01 64.12
CA ARG C 228 8.04 -18.99 64.55
C ARG C 228 8.75 -20.10 65.30
N GLU C 229 8.45 -20.20 66.57
CA GLU C 229 8.94 -21.29 67.39
C GLU C 229 7.97 -22.47 67.25
N PRO C 230 8.41 -23.64 66.73
CA PRO C 230 7.45 -24.72 66.42
C PRO C 230 6.52 -25.06 67.58
N SER C 231 6.91 -24.64 68.79
CA SER C 231 6.08 -24.73 69.98
C SER C 231 4.91 -23.75 69.93
N LYS C 232 4.18 -23.74 68.82
CA LYS C 232 2.87 -23.10 68.73
C LYS C 232 2.87 -21.59 68.97
N ASN C 233 4.03 -21.00 69.28
CA ASN C 233 4.08 -19.60 69.68
C ASN C 233 5.21 -18.85 68.97
N VAL C 234 5.03 -17.53 68.87
CA VAL C 234 5.78 -16.66 67.96
C VAL C 234 6.63 -15.68 68.78
N THR C 235 7.83 -15.36 68.26
CA THR C 235 8.73 -14.41 68.88
C THR C 235 8.79 -13.13 68.05
N VAL C 236 8.67 -11.99 68.73
CA VAL C 236 8.64 -10.67 68.10
C VAL C 236 9.78 -9.84 68.68
N ASN C 237 10.66 -9.33 67.81
CA ASN C 237 11.84 -8.57 68.21
C ASN C 237 11.62 -7.09 67.87
N CYS C 238 11.48 -6.24 68.89
CA CYS C 238 11.50 -4.81 68.64
C CYS C 238 12.95 -4.38 68.37
N GLU C 239 13.11 -3.22 67.71
CA GLU C 239 14.46 -2.75 67.40
C GLU C 239 15.14 -2.11 68.61
N ASP C 240 14.37 -1.60 69.58
CA ASP C 240 14.97 -1.13 70.82
C ASP C 240 15.59 -2.27 71.60
N GLY C 241 15.10 -3.49 71.39
CA GLY C 241 15.68 -4.64 72.06
C GLY C 241 14.69 -5.55 72.74
N THR C 242 13.49 -5.07 73.08
CA THR C 242 12.55 -5.95 73.78
C THR C 242 12.10 -7.07 72.84
N VAL C 243 11.72 -8.19 73.46
CA VAL C 243 11.51 -9.47 72.78
C VAL C 243 10.20 -10.04 73.32
N TYR C 244 9.12 -9.91 72.56
CA TYR C 244 7.86 -10.46 73.02
C TYR C 244 7.70 -11.91 72.56
N ASN C 245 6.73 -12.59 73.19
CA ASN C 245 6.37 -13.96 72.86
C ASN C 245 4.85 -14.07 72.82
N ALA C 246 4.29 -14.35 71.63
CA ALA C 246 2.86 -14.23 71.42
C ALA C 246 2.24 -15.55 70.96
N ASP C 247 0.96 -15.72 71.28
CA ASP C 247 0.17 -16.83 70.76
C ASP C 247 -0.21 -16.63 69.30
N TYR C 248 -0.42 -15.38 68.89
CA TYR C 248 -0.76 -15.04 67.53
C TYR C 248 -0.22 -13.65 67.25
N VAL C 249 0.19 -13.40 66.01
CA VAL C 249 0.54 -12.07 65.57
C VAL C 249 -0.26 -11.74 64.31
N ILE C 250 -0.79 -10.53 64.26
CA ILE C 250 -1.45 -10.00 63.09
C ILE C 250 -0.57 -8.89 62.51
N ILE C 251 -0.12 -9.09 61.28
CA ILE C 251 0.84 -8.20 60.63
C ILE C 251 0.09 -7.31 59.65
N THR C 252 0.05 -6.01 59.94
CA THR C 252 -0.69 -5.04 59.14
C THR C 252 0.21 -4.02 58.45
N VAL C 253 1.51 -4.29 58.38
CA VAL C 253 2.45 -3.38 57.75
C VAL C 253 2.12 -3.28 56.27
N PRO C 254 2.34 -2.11 55.65
CA PRO C 254 1.94 -1.93 54.27
C PRO C 254 2.59 -2.98 53.38
N GLN C 255 1.85 -3.38 52.34
CA GLN C 255 2.34 -4.40 51.43
C GLN C 255 3.73 -4.07 50.89
N SER C 256 3.93 -2.81 50.46
CA SER C 256 5.25 -2.36 50.04
C SER C 256 6.30 -2.51 51.15
N VAL C 257 5.91 -2.36 52.42
CA VAL C 257 6.88 -2.59 53.48
C VAL C 257 7.10 -4.08 53.69
N LEU C 258 6.02 -4.86 53.69
CA LEU C 258 6.15 -6.30 53.86
C LEU C 258 6.91 -6.92 52.69
N ASN C 259 6.84 -6.27 51.52
CA ASN C 259 7.60 -6.69 50.34
C ASN C 259 9.10 -6.81 50.63
N LEU C 260 9.61 -6.01 51.56
CA LEU C 260 11.03 -5.96 51.87
C LEU C 260 11.52 -7.23 52.56
N SER C 261 10.60 -8.01 53.13
CA SER C 261 10.99 -9.25 53.78
C SER C 261 11.60 -10.22 52.78
N VAL C 262 10.96 -10.39 51.62
CA VAL C 262 11.49 -11.30 50.59
C VAL C 262 12.70 -10.70 49.88
N GLN C 263 12.85 -9.39 49.88
CA GLN C 263 14.04 -8.79 49.27
C GLN C 263 15.22 -9.00 50.20
N PRO C 264 16.29 -9.68 49.75
CA PRO C 264 17.45 -9.88 50.63
C PRO C 264 18.22 -8.60 50.89
N GLU C 265 18.04 -8.04 52.08
CA GLU C 265 18.81 -6.88 52.56
C GLU C 265 18.36 -6.58 53.99
N LYS C 266 18.91 -7.27 54.98
CA LYS C 266 18.37 -7.18 56.33
C LYS C 266 18.71 -5.82 56.93
N ASN C 267 18.26 -4.73 56.29
CA ASN C 267 18.84 -3.44 56.62
C ASN C 267 17.82 -2.30 56.69
N LEU C 268 16.95 -2.16 55.69
CA LEU C 268 16.18 -0.94 55.48
C LEU C 268 15.10 -0.76 56.57
N ARG C 269 14.55 0.46 56.64
CA ARG C 269 13.53 0.75 57.66
C ARG C 269 12.26 -0.07 57.48
N GLY C 270 11.80 -0.66 58.58
CA GLY C 270 10.55 -1.38 58.63
C GLY C 270 10.62 -2.81 58.15
N ARG C 271 11.68 -3.20 57.45
CA ARG C 271 11.87 -4.58 57.05
C ARG C 271 11.84 -5.52 58.25
N ILE C 272 10.84 -6.40 58.27
CA ILE C 272 10.77 -7.48 59.23
C ILE C 272 11.45 -8.70 58.64
N GLU C 273 12.38 -9.28 59.39
CA GLU C 273 12.91 -10.58 59.02
C GLU C 273 11.96 -11.66 59.52
N PHE C 274 11.73 -12.66 58.67
CA PHE C 274 10.80 -13.74 58.98
C PHE C 274 11.54 -15.07 59.05
N GLN C 275 11.29 -15.82 60.13
CA GLN C 275 11.88 -17.15 60.30
C GLN C 275 10.79 -18.13 60.71
N PRO C 276 10.59 -19.23 59.95
CA PRO C 276 11.25 -19.41 58.65
C PRO C 276 10.72 -18.39 57.65
N PRO C 277 11.37 -18.25 56.47
CA PRO C 277 10.94 -17.22 55.51
C PRO C 277 9.46 -17.30 55.17
N LEU C 278 8.96 -16.23 54.55
CA LEU C 278 7.60 -16.19 54.07
C LEU C 278 7.36 -17.31 53.06
N LYS C 279 6.20 -17.96 53.18
CA LYS C 279 5.66 -18.92 52.22
C LYS C 279 6.04 -18.55 50.79
N PRO C 280 6.47 -19.50 49.97
CA PRO C 280 6.66 -19.22 48.54
C PRO C 280 5.42 -18.61 47.84
N VAL C 281 4.21 -18.99 48.25
CA VAL C 281 3.01 -18.37 47.68
C VAL C 281 2.96 -16.88 48.02
N ILE C 282 3.23 -16.53 49.28
CA ILE C 282 3.30 -15.13 49.67
C ILE C 282 4.43 -14.42 48.93
N GLN C 283 5.65 -14.95 49.07
CA GLN C 283 6.78 -14.44 48.29
C GLN C 283 6.42 -14.16 46.83
N ASP C 284 5.76 -15.10 46.16
CA ASP C 284 5.46 -14.92 44.74
C ASP C 284 4.33 -13.93 44.53
N ALA C 285 3.36 -13.86 45.45
CA ALA C 285 2.26 -12.94 45.28
C ALA C 285 2.75 -11.49 45.16
N PHE C 286 3.98 -11.20 45.59
CA PHE C 286 4.50 -9.85 45.44
C PHE C 286 4.89 -9.56 44.00
N ASP C 287 5.04 -10.58 43.16
CA ASP C 287 5.38 -10.39 41.76
C ASP C 287 4.17 -10.06 40.90
N LYS C 288 2.96 -10.16 41.45
CA LYS C 288 1.74 -9.95 40.68
C LYS C 288 0.91 -8.80 41.23
N ILE C 289 1.44 -8.01 42.16
CA ILE C 289 0.79 -6.80 42.67
C ILE C 289 1.85 -5.76 42.96
N HIS C 290 1.53 -4.50 42.73
CA HIS C 290 2.47 -3.43 43.04
C HIS C 290 1.84 -2.36 43.93
N PHE C 291 2.39 -1.15 43.87
CA PHE C 291 2.02 -0.11 44.81
C PHE C 291 1.84 1.21 44.08
N GLY C 292 0.63 1.80 44.22
CA GLY C 292 0.38 3.11 43.66
C GLY C 292 0.85 4.24 44.56
N ALA C 293 0.90 5.44 43.99
CA ALA C 293 1.33 6.63 44.72
C ALA C 293 0.35 7.78 44.49
N LEU C 294 -0.92 7.60 44.88
CA LEU C 294 -1.77 8.77 45.07
C LEU C 294 -1.09 9.74 46.03
N GLY C 295 -0.95 11.01 45.61
CA GLY C 295 -0.41 12.03 46.47
C GLY C 295 -1.31 13.25 46.51
N LYS C 296 -1.22 14.01 47.60
CA LYS C 296 -2.03 15.21 47.78
C LYS C 296 -1.20 16.47 47.76
N VAL C 297 -1.79 17.56 47.27
CA VAL C 297 -1.28 18.90 47.51
C VAL C 297 -2.44 19.77 47.99
N ILE C 298 -2.27 20.42 49.14
CA ILE C 298 -3.29 21.31 49.71
C ILE C 298 -2.92 22.75 49.39
N PHE C 299 -3.72 23.41 48.56
CA PHE C 299 -3.53 24.83 48.26
C PHE C 299 -4.49 25.61 49.14
N GLU C 300 -3.95 26.27 50.17
CA GLU C 300 -4.74 27.00 51.16
C GLU C 300 -4.83 28.48 50.79
N PHE C 301 -6.05 28.94 50.51
CA PHE C 301 -6.28 30.33 50.14
C PHE C 301 -6.87 31.11 51.31
N GLU C 302 -6.65 32.42 51.28
CA GLU C 302 -7.18 33.33 52.29
C GLU C 302 -8.71 33.26 52.35
N GLU C 303 -9.40 33.74 51.33
CA GLU C 303 -10.84 33.58 51.25
C GLU C 303 -11.23 33.17 49.84
N CYS C 304 -12.39 32.53 49.73
CA CYS C 304 -12.91 32.12 48.44
C CYS C 304 -13.44 33.34 47.67
N CYS C 305 -12.90 33.58 46.48
CA CYS C 305 -13.46 34.55 45.52
C CYS C 305 -13.67 33.89 44.15
N TRP C 306 -13.93 32.59 44.15
CA TRP C 306 -14.17 31.80 42.96
C TRP C 306 -15.52 31.11 43.07
N SER C 307 -16.10 30.74 41.93
CA SER C 307 -17.43 30.13 41.95
C SER C 307 -17.42 28.81 42.69
N ASN C 308 -18.49 28.55 43.45
CA ASN C 308 -18.69 27.24 44.06
C ASN C 308 -19.69 26.41 43.26
N GLU C 309 -19.66 26.51 41.94
CA GLU C 309 -20.55 25.69 41.14
C GLU C 309 -20.33 24.22 41.46
N SER C 310 -19.08 23.79 41.53
CA SER C 310 -18.82 22.39 41.80
C SER C 310 -17.61 22.23 42.71
N SER C 311 -17.63 21.18 43.51
CA SER C 311 -16.48 20.84 44.33
C SER C 311 -15.54 19.85 43.65
N LYS C 312 -15.80 19.46 42.40
CA LYS C 312 -14.97 18.47 41.70
C LYS C 312 -14.46 19.08 40.41
N ILE C 313 -13.14 19.27 40.31
CA ILE C 313 -12.49 19.93 39.18
C ILE C 313 -11.29 19.10 38.71
N VAL C 314 -11.29 18.72 37.43
CA VAL C 314 -10.12 18.09 36.82
C VAL C 314 -9.57 18.98 35.72
N THR C 315 -8.26 19.14 35.70
CA THR C 315 -7.56 19.74 34.58
C THR C 315 -7.05 18.62 33.70
N LEU C 316 -7.24 18.77 32.39
CA LEU C 316 -6.75 17.78 31.44
C LEU C 316 -5.30 18.07 31.11
N ALA C 317 -4.51 17.02 30.93
CA ALA C 317 -3.23 17.24 30.30
C ALA C 317 -3.45 17.80 28.90
N ASN C 318 -2.52 18.63 28.45
CA ASN C 318 -2.52 19.13 27.08
C ASN C 318 -2.78 18.02 26.08
N SER C 319 -3.53 18.34 25.03
CA SER C 319 -3.70 17.45 23.89
C SER C 319 -3.40 18.20 22.60
N THR C 320 -3.29 17.49 21.48
CA THR C 320 -3.03 18.12 20.19
C THR C 320 -4.01 17.64 19.14
N ASN C 321 -4.27 18.46 18.13
CA ASN C 321 -5.04 17.98 16.98
C ASN C 321 -4.22 17.01 16.12
N GLU C 322 -2.88 17.06 16.20
CA GLU C 322 -2.06 16.08 15.51
C GLU C 322 -2.43 14.66 15.93
N PHE C 323 -2.60 14.44 17.23
CA PHE C 323 -2.95 13.11 17.75
C PHE C 323 -4.20 12.56 17.08
N VAL C 324 -5.09 13.43 16.61
CA VAL C 324 -6.31 12.99 15.93
C VAL C 324 -5.98 12.46 14.54
N GLU C 325 -5.22 13.24 13.78
CA GLU C 325 -4.69 12.81 12.49
C GLU C 325 -4.09 11.41 12.58
N ILE C 326 -3.24 11.21 13.59
CA ILE C 326 -2.55 9.93 13.76
C ILE C 326 -3.57 8.81 13.92
N VAL C 327 -4.62 9.05 14.71
CA VAL C 327 -5.63 8.03 14.95
C VAL C 327 -6.44 7.78 13.69
N ARG C 328 -6.80 8.84 12.96
CA ARG C 328 -7.56 8.62 11.73
C ARG C 328 -6.76 7.78 10.74
N ASN C 329 -5.47 8.09 10.56
CA ASN C 329 -4.68 7.49 9.49
C ASN C 329 -4.03 6.16 9.86
N ALA C 330 -4.02 5.79 11.14
CA ALA C 330 -3.45 4.51 11.56
C ALA C 330 -4.24 3.35 10.96
N GLU C 331 -3.53 2.29 10.57
CA GLU C 331 -4.15 1.13 9.96
C GLU C 331 -4.35 -0.03 10.92
N ASN C 332 -3.59 -0.09 12.00
CA ASN C 332 -3.72 -1.18 12.96
C ASN C 332 -3.21 -0.65 14.30
N LEU C 333 -3.43 -1.44 15.36
CA LEU C 333 -3.05 -0.96 16.69
C LEU C 333 -1.56 -0.65 16.75
N ASP C 334 -0.72 -1.62 16.35
CA ASP C 334 0.72 -1.40 16.45
C ASP C 334 1.17 -0.21 15.62
N GLU C 335 0.59 -0.04 14.42
CA GLU C 335 0.90 1.13 13.61
C GLU C 335 0.56 2.42 14.35
N LEU C 336 -0.60 2.47 15.02
CA LEU C 336 -0.91 3.63 15.86
C LEU C 336 0.11 3.80 16.99
N ASP C 337 0.55 2.68 17.59
CA ASP C 337 1.56 2.76 18.65
C ASP C 337 2.89 3.27 18.09
N SER C 338 3.26 2.80 16.88
CA SER C 338 4.48 3.27 16.22
C SER C 338 4.38 4.74 15.86
N MET C 339 3.28 5.14 15.22
CA MET C 339 3.13 6.54 14.82
C MET C 339 3.17 7.52 15.99
N LEU C 340 3.33 7.03 17.21
CA LEU C 340 3.51 7.94 18.34
C LEU C 340 5.01 8.11 18.67
N GLU C 341 5.73 8.60 17.65
CA GLU C 341 7.10 9.09 17.80
C GLU C 341 7.04 10.50 18.35
N ARG C 342 7.67 10.71 19.51
CA ARG C 342 7.77 12.00 20.21
C ARG C 342 9.04 12.76 19.82
N THR C 349 10.58 18.00 25.83
CA THR C 349 9.57 17.53 26.78
C THR C 349 9.55 18.49 27.99
N SER C 350 9.90 17.95 29.18
CA SER C 350 9.91 18.58 30.51
C SER C 350 8.52 18.67 31.15
N VAL C 351 8.30 17.86 32.18
CA VAL C 351 7.00 17.69 32.81
C VAL C 351 6.52 19.01 33.41
N THR C 352 5.32 19.43 33.04
CA THR C 352 4.69 20.59 33.67
C THR C 352 3.41 20.19 34.39
N CYS C 353 2.78 21.16 35.04
CA CYS C 353 1.47 20.91 35.63
C CYS C 353 0.48 20.45 34.58
N TRP C 354 0.74 20.72 33.29
CA TRP C 354 -0.15 20.33 32.19
C TRP C 354 0.21 18.99 31.56
N SER C 355 1.14 18.24 32.15
CA SER C 355 1.56 16.97 31.55
C SER C 355 0.68 15.79 31.94
N GLN C 356 -0.28 15.97 32.84
CA GLN C 356 -1.08 14.88 33.39
C GLN C 356 -2.35 15.47 33.98
N PRO C 357 -3.38 14.67 34.17
CA PRO C 357 -4.57 15.20 34.83
C PRO C 357 -4.23 15.58 36.26
N LEU C 358 -5.00 16.53 36.80
CA LEU C 358 -4.98 16.83 38.23
C LEU C 358 -6.41 16.94 38.72
N PHE C 359 -6.70 16.22 39.79
CA PHE C 359 -8.02 16.22 40.43
C PHE C 359 -7.99 17.21 41.57
N PHE C 360 -8.77 18.26 41.45
CA PHE C 360 -8.86 19.31 42.44
C PHE C 360 -10.16 19.19 43.21
N VAL C 361 -10.09 19.19 44.53
CA VAL C 361 -11.30 19.24 45.36
C VAL C 361 -11.46 20.66 45.87
N ASN C 362 -12.57 21.28 45.52
CA ASN C 362 -12.89 22.64 45.95
C ASN C 362 -13.67 22.53 47.25
N LEU C 363 -12.97 22.63 48.38
CA LEU C 363 -13.63 22.39 49.65
C LEU C 363 -14.59 23.50 50.04
N SER C 364 -14.55 24.64 49.34
CA SER C 364 -15.43 25.75 49.65
C SER C 364 -16.90 25.38 49.42
N LYS C 365 -17.20 24.63 48.37
CA LYS C 365 -18.55 24.11 48.19
C LYS C 365 -18.87 23.03 49.23
N SER C 366 -17.96 22.08 49.43
CA SER C 366 -18.27 20.93 50.27
C SER C 366 -18.11 21.25 51.74
N THR C 367 -17.11 22.06 52.13
CA THR C 367 -16.83 22.29 53.56
C THR C 367 -16.78 23.75 54.00
N GLY C 368 -16.86 24.71 53.09
CA GLY C 368 -16.76 26.11 53.39
C GLY C 368 -15.34 26.62 53.39
N VAL C 369 -14.37 25.76 53.72
CA VAL C 369 -12.97 26.16 53.79
C VAL C 369 -12.43 26.57 52.42
N ALA C 370 -11.65 27.66 52.40
CA ALA C 370 -11.16 28.21 51.13
C ALA C 370 -9.86 27.52 50.68
N SER C 371 -9.93 26.19 50.50
CA SER C 371 -8.75 25.46 50.08
C SER C 371 -9.09 24.42 49.02
N PHE C 372 -8.08 24.12 48.18
CA PHE C 372 -8.12 23.04 47.20
C PHE C 372 -7.39 21.83 47.74
N MET C 373 -7.99 20.65 47.60
CA MET C 373 -7.31 19.37 47.84
C MET C 373 -7.06 18.73 46.49
N MET C 374 -5.82 18.85 46.00
CA MET C 374 -5.42 18.33 44.70
C MET C 374 -4.84 16.93 44.84
N LEU C 375 -5.31 16.00 44.00
CA LEU C 375 -4.79 14.65 43.95
C LEU C 375 -3.85 14.52 42.77
N MET C 376 -2.73 13.84 42.97
CA MET C 376 -1.76 13.61 41.90
C MET C 376 -1.36 12.14 41.94
N GLN C 377 -0.67 11.71 40.90
CA GLN C 377 -0.41 10.31 40.67
C GLN C 377 1.06 10.11 40.33
N ALA C 378 1.55 8.89 40.53
CA ALA C 378 2.85 8.53 39.98
C ALA C 378 2.83 8.72 38.46
N PRO C 379 3.92 9.18 37.85
CA PRO C 379 5.20 9.47 38.48
C PRO C 379 5.29 10.89 39.06
N LEU C 380 4.30 11.76 38.80
CA LEU C 380 4.38 13.13 39.29
C LEU C 380 4.53 13.18 40.82
N THR C 381 3.85 12.27 41.54
CA THR C 381 3.75 12.34 43.00
C THR C 381 5.13 12.35 43.67
N ASN C 382 5.99 11.41 43.30
CA ASN C 382 7.35 11.32 43.86
C ASN C 382 8.12 12.62 43.64
N HIS C 383 8.17 13.10 42.40
CA HIS C 383 8.81 14.38 42.14
C HIS C 383 8.25 15.46 43.07
N ILE C 384 6.93 15.57 43.18
CA ILE C 384 6.36 16.66 43.96
C ILE C 384 6.60 16.46 45.44
N GLU C 385 6.53 15.21 45.90
CA GLU C 385 6.74 14.94 47.32
C GLU C 385 8.19 15.18 47.71
N SER C 386 9.11 14.86 46.82
CA SER C 386 10.52 15.02 47.13
C SER C 386 10.95 16.48 47.14
N ILE C 387 10.15 17.38 46.58
CA ILE C 387 10.45 18.79 46.65
C ILE C 387 9.42 19.53 47.52
N ARG C 388 8.76 18.81 48.43
CA ARG C 388 7.63 19.36 49.16
C ARG C 388 7.99 20.47 50.14
N GLU C 389 9.26 20.61 50.52
CA GLU C 389 9.69 21.69 51.41
C GLU C 389 10.05 22.99 50.67
N ASP C 390 10.12 22.93 49.33
CA ASP C 390 10.48 24.08 48.50
C ASP C 390 9.19 24.75 47.99
N LYS C 391 8.49 25.39 48.94
CA LYS C 391 7.14 25.89 48.71
C LYS C 391 7.05 26.83 47.51
N GLU C 392 8.15 27.46 47.12
CA GLU C 392 8.05 28.43 46.03
C GLU C 392 8.17 27.74 44.68
N ARG C 393 8.98 26.67 44.61
CA ARG C 393 8.98 25.84 43.42
C ARG C 393 7.60 25.24 43.21
N LEU C 394 7.01 24.69 44.28
CA LEU C 394 5.66 24.16 44.23
C LEU C 394 4.70 25.16 43.61
N PHE C 395 4.60 26.36 44.20
CA PHE C 395 3.64 27.35 43.73
C PHE C 395 3.86 27.64 42.26
N SER C 396 5.13 27.74 41.84
CA SER C 396 5.45 28.01 40.46
C SER C 396 5.12 26.82 39.57
N PHE C 397 5.17 25.61 40.13
CA PHE C 397 4.82 24.45 39.34
C PHE C 397 3.33 24.41 39.07
N PHE C 398 2.52 24.66 40.10
CA PHE C 398 1.09 24.58 39.94
C PHE C 398 0.44 25.92 39.56
N GLN C 399 1.22 26.99 39.39
CA GLN C 399 0.63 28.29 39.06
C GLN C 399 -0.23 28.27 37.80
N PRO C 400 0.24 27.76 36.65
CA PRO C 400 -0.63 27.77 35.47
C PRO C 400 -1.96 27.06 35.69
N VAL C 401 -1.98 25.91 36.39
CA VAL C 401 -3.26 25.24 36.58
C VAL C 401 -4.12 25.96 37.59
N LEU C 402 -3.52 26.56 38.63
CA LEU C 402 -4.32 27.32 39.57
C LEU C 402 -4.93 28.53 38.90
N ASN C 403 -4.14 29.23 38.08
CA ASN C 403 -4.66 30.37 37.32
C ASN C 403 -5.73 29.93 36.33
N LYS C 404 -5.56 28.77 35.69
CA LYS C 404 -6.60 28.33 34.78
C LYS C 404 -7.88 27.98 35.53
N ILE C 405 -7.77 27.41 36.74
CA ILE C 405 -8.96 27.07 37.50
C ILE C 405 -9.71 28.33 37.88
N MET C 406 -9.00 29.32 38.42
CA MET C 406 -9.66 30.57 38.79
C MET C 406 -10.20 31.29 37.57
N LYS C 407 -9.45 31.31 36.47
CA LYS C 407 -9.97 31.83 35.21
C LYS C 407 -11.30 31.15 34.86
N CYS C 408 -11.32 29.83 34.87
CA CYS C 408 -12.55 29.13 34.53
C CYS C 408 -13.56 29.11 35.68
N LEU C 409 -13.23 29.63 36.86
CA LEU C 409 -14.19 29.71 37.94
C LEU C 409 -14.60 31.15 38.21
N ASP C 410 -14.47 32.03 37.21
CA ASP C 410 -14.83 33.44 37.31
C ASP C 410 -13.99 34.16 38.36
N SER C 411 -12.68 34.00 38.27
CA SER C 411 -11.75 34.64 39.19
C SER C 411 -10.49 35.02 38.41
N GLU C 412 -9.48 35.47 39.14
CA GLU C 412 -8.27 35.99 38.50
C GLU C 412 -7.06 35.26 39.05
N ASP C 413 -5.90 35.60 38.50
CA ASP C 413 -4.65 34.94 38.85
C ASP C 413 -4.42 34.96 40.35
N VAL C 414 -3.89 33.84 40.85
CA VAL C 414 -3.58 33.72 42.27
C VAL C 414 -2.41 34.64 42.62
N ILE C 415 -2.49 35.23 43.80
CA ILE C 415 -1.39 36.02 44.36
C ILE C 415 -0.65 35.16 45.37
N ASP C 416 0.68 35.13 45.26
CA ASP C 416 1.56 34.39 46.17
C ASP C 416 1.66 35.15 47.48
N GLY C 417 1.03 34.62 48.52
CA GLY C 417 1.04 35.26 49.83
C GLY C 417 1.57 34.37 50.93
N MET C 418 2.59 33.57 50.60
CA MET C 418 3.09 32.54 51.50
C MET C 418 4.11 33.08 52.49
N ARG C 419 4.94 34.05 52.08
CA ARG C 419 5.87 34.74 52.96
C ARG C 419 5.31 36.11 53.29
N PRO C 420 5.04 36.44 54.60
CA PRO C 420 4.26 37.64 54.96
C PRO C 420 4.42 38.88 54.06
N ILE C 421 3.87 38.79 52.85
CA ILE C 421 3.72 39.95 51.96
C ILE C 421 2.48 40.73 52.38
N GLU C 422 2.61 42.05 52.41
CA GLU C 422 1.52 42.93 52.83
C GLU C 422 0.88 43.58 51.61
N ASN C 423 -0.45 43.72 51.66
CA ASN C 423 -1.21 44.41 50.64
C ASN C 423 -2.69 44.46 50.99
N ILE C 424 -3.34 45.56 50.62
CA ILE C 424 -4.78 45.69 50.72
C ILE C 424 -5.31 45.90 49.31
N ALA C 425 -4.82 45.09 48.36
CA ALA C 425 -5.32 45.07 46.99
C ALA C 425 -5.69 43.65 46.56
N ASN C 426 -6.10 42.81 47.51
CA ASN C 426 -6.55 41.46 47.24
C ASN C 426 -7.95 41.34 47.83
N ALA C 427 -8.94 41.78 47.06
CA ALA C 427 -10.34 41.78 47.51
C ALA C 427 -11.12 40.68 46.81
N ASN C 428 -11.32 40.80 45.49
CA ASN C 428 -11.80 39.70 44.66
C ASN C 428 -10.64 38.99 43.94
N LYS C 429 -9.42 39.10 44.48
CA LYS C 429 -8.24 38.43 43.91
C LYS C 429 -7.78 37.35 44.88
N PRO C 430 -7.70 36.08 44.46
CA PRO C 430 -7.48 34.99 45.43
C PRO C 430 -6.03 34.93 45.84
N VAL C 431 -5.80 34.70 47.13
CA VAL C 431 -4.46 34.82 47.69
C VAL C 431 -4.09 33.49 48.32
N LEU C 432 -3.00 32.91 47.81
CA LEU C 432 -2.50 31.63 48.29
C LEU C 432 -1.63 31.86 49.52
N ARG C 433 -1.98 31.18 50.60
CA ARG C 433 -1.27 31.36 51.86
C ARG C 433 -0.35 30.21 52.18
N ASN C 434 -0.78 28.97 51.96
CA ASN C 434 0.06 27.84 52.29
C ASN C 434 -0.11 26.73 51.26
N ILE C 435 0.89 25.87 51.19
CA ILE C 435 0.83 24.64 50.42
C ILE C 435 1.30 23.51 51.32
N ILE C 436 0.42 22.57 51.62
CA ILE C 436 0.80 21.33 52.24
C ILE C 436 1.07 20.32 51.13
N VAL C 437 1.85 19.30 51.44
CA VAL C 437 2.11 18.21 50.53
C VAL C 437 2.12 16.93 51.35
N SER C 438 1.63 15.85 50.73
CA SER C 438 1.73 14.52 51.28
C SER C 438 3.19 14.06 51.18
N ASN C 439 3.44 12.90 51.78
CA ASN C 439 4.82 12.46 51.93
C ASN C 439 4.91 10.94 51.92
N TRP C 440 3.85 10.23 51.47
CA TRP C 440 3.78 8.78 51.66
C TRP C 440 4.80 8.00 50.83
N THR C 441 5.32 8.59 49.75
CA THR C 441 6.32 7.88 48.94
C THR C 441 7.67 7.85 49.63
N ARG C 442 7.95 8.86 50.48
CA ARG C 442 9.26 9.04 51.10
C ARG C 442 9.29 8.56 52.55
N ASP C 443 8.16 8.51 53.23
CA ASP C 443 7.95 7.88 54.52
C ASP C 443 8.34 6.41 54.48
N PRO C 444 9.42 6.00 55.16
CA PRO C 444 9.86 4.58 55.06
C PRO C 444 8.82 3.56 55.52
N TYR C 445 7.80 3.99 56.26
CA TYR C 445 6.77 3.09 56.79
C TYR C 445 5.47 3.16 55.98
N SER C 446 5.44 3.86 54.84
CA SER C 446 4.39 3.59 53.85
C SER C 446 4.94 3.21 52.48
N ARG C 447 6.02 3.84 52.01
CA ARG C 447 6.62 3.47 50.72
C ARG C 447 5.56 3.45 49.61
N GLY C 448 4.66 4.45 49.65
CA GLY C 448 3.63 4.69 48.66
C GLY C 448 2.27 4.92 49.28
N ALA C 449 1.26 4.83 48.43
CA ALA C 449 -0.12 5.15 48.82
C ALA C 449 -0.88 3.90 49.24
N TYR C 450 -1.12 2.99 48.30
CA TYR C 450 -1.81 1.74 48.56
C TYR C 450 -1.48 0.78 47.42
N SER C 451 -1.94 -0.47 47.56
CA SER C 451 -1.68 -1.49 46.55
C SER C 451 -2.39 -1.16 45.26
N ALA C 452 -1.73 -1.46 44.13
CA ALA C 452 -2.28 -1.17 42.81
C ALA C 452 -1.69 -2.12 41.77
N CYS C 453 -2.38 -2.19 40.62
CA CYS C 453 -2.07 -3.15 39.56
C CYS C 453 -1.32 -2.48 38.43
N PHE C 454 -0.10 -2.95 38.18
CA PHE C 454 0.59 -2.68 36.91
C PHE C 454 0.03 -3.60 35.83
N PRO C 455 0.35 -3.35 34.57
CA PRO C 455 -0.11 -4.28 33.53
C PRO C 455 0.42 -5.69 33.80
N GLY C 456 -0.50 -6.64 33.88
CA GLY C 456 -0.20 -8.05 34.13
C GLY C 456 -0.49 -8.55 35.54
N ASP C 457 -1.15 -7.75 36.36
CA ASP C 457 -1.18 -7.97 37.80
C ASP C 457 -2.49 -8.61 38.21
N ASP C 458 -2.38 -9.58 39.11
CA ASP C 458 -3.56 -10.26 39.65
C ASP C 458 -3.59 -10.06 41.14
N PRO C 459 -4.35 -9.07 41.61
CA PRO C 459 -4.43 -8.82 43.05
C PRO C 459 -4.87 -10.02 43.85
N VAL C 460 -5.61 -10.96 43.23
CA VAL C 460 -6.20 -12.09 43.94
C VAL C 460 -5.12 -12.92 44.64
N ASP C 461 -3.94 -13.04 44.03
CA ASP C 461 -2.86 -13.82 44.64
C ASP C 461 -2.43 -13.22 45.98
N MET C 462 -2.20 -11.91 46.03
CA MET C 462 -1.88 -11.29 47.32
C MET C 462 -2.97 -11.57 48.34
N VAL C 463 -4.21 -11.18 48.03
CA VAL C 463 -5.31 -11.33 48.97
C VAL C 463 -5.40 -12.77 49.47
N VAL C 464 -5.26 -13.74 48.57
CA VAL C 464 -5.37 -15.12 48.98
C VAL C 464 -4.21 -15.50 49.88
N ALA C 465 -2.97 -15.19 49.45
CA ALA C 465 -1.81 -15.51 50.28
C ALA C 465 -1.89 -14.84 51.65
N MET C 466 -2.28 -13.56 51.69
CA MET C 466 -2.32 -12.83 52.96
C MET C 466 -3.36 -13.42 53.91
N SER C 467 -4.60 -13.59 53.43
CA SER C 467 -5.66 -14.04 54.33
C SER C 467 -5.53 -15.50 54.71
N ASN C 468 -4.69 -16.29 54.02
CA ASN C 468 -4.45 -17.65 54.48
C ASN C 468 -3.43 -17.66 55.62
N GLY C 469 -2.44 -16.80 55.53
CA GLY C 469 -1.46 -16.64 56.58
C GLY C 469 -0.16 -17.36 56.26
N GLN C 470 0.95 -16.80 56.73
CA GLN C 470 2.21 -17.53 56.71
C GLN C 470 2.00 -18.88 57.37
N ASP C 471 1.41 -18.88 58.56
CA ASP C 471 0.95 -20.09 59.22
C ASP C 471 -0.28 -19.74 60.05
N SER C 472 -0.68 -20.68 60.92
CA SER C 472 -1.93 -20.50 61.65
C SER C 472 -1.82 -19.43 62.71
N ARG C 473 -0.60 -19.09 63.14
CA ARG C 473 -0.41 -18.07 64.15
C ARG C 473 0.16 -16.76 63.61
N ILE C 474 0.73 -16.76 62.41
CA ILE C 474 1.30 -15.58 61.77
C ILE C 474 0.36 -15.17 60.63
N ARG C 475 -0.49 -14.17 60.89
CA ARG C 475 -1.59 -13.71 60.07
C ARG C 475 -1.31 -12.30 59.55
N PHE C 476 -2.12 -11.87 58.58
CA PHE C 476 -1.97 -10.55 57.97
C PHE C 476 -3.30 -9.83 57.94
N ALA C 477 -3.24 -8.51 57.83
CA ALA C 477 -4.42 -7.68 57.60
C ALA C 477 -3.96 -6.34 57.05
N GLY C 478 -4.91 -5.54 56.59
CA GLY C 478 -4.60 -4.31 55.89
C GLY C 478 -5.14 -4.31 54.48
N GLU C 479 -5.05 -3.14 53.84
CA GLU C 479 -5.81 -2.88 52.61
C GLU C 479 -5.41 -3.81 51.47
N HIS C 480 -4.26 -4.45 51.55
CA HIS C 480 -3.74 -5.33 50.52
C HIS C 480 -4.12 -6.77 50.77
N THR C 481 -4.93 -7.04 51.81
CA THR C 481 -5.19 -8.39 52.27
C THR C 481 -6.67 -8.79 52.17
N ILE C 482 -7.49 -8.04 51.44
CA ILE C 482 -8.94 -8.31 51.42
C ILE C 482 -9.48 -7.97 50.03
N MET C 483 -10.43 -8.78 49.54
CA MET C 483 -10.97 -8.49 48.21
C MET C 483 -11.90 -7.30 48.24
N ASP C 484 -12.86 -7.33 49.17
CA ASP C 484 -13.82 -6.25 49.31
C ASP C 484 -13.17 -5.00 49.87
N GLY C 485 -13.40 -3.87 49.21
CA GLY C 485 -12.67 -2.67 49.56
C GLY C 485 -11.16 -2.82 49.48
N ALA C 486 -10.67 -3.64 48.55
CA ALA C 486 -9.23 -3.71 48.32
C ALA C 486 -8.68 -2.30 48.15
N GLY C 487 -7.51 -2.07 48.79
CA GLY C 487 -6.84 -0.79 48.78
C GLY C 487 -7.44 0.28 49.66
N CYS C 488 -8.66 0.08 50.13
CA CYS C 488 -9.49 1.10 50.77
C CYS C 488 -9.43 0.99 52.28
N ALA C 489 -9.63 2.14 52.94
CA ALA C 489 -9.57 2.17 54.40
C ALA C 489 -10.53 1.15 55.00
N TYR C 490 -11.74 1.03 54.45
CA TYR C 490 -12.70 0.12 55.06
C TYR C 490 -12.34 -1.34 54.79
N GLY C 491 -11.58 -1.62 53.75
CA GLY C 491 -11.07 -2.96 53.57
C GLY C 491 -10.06 -3.31 54.64
N ALA C 492 -9.12 -2.38 54.90
CA ALA C 492 -8.17 -2.59 55.99
C ALA C 492 -8.90 -2.81 57.29
N TRP C 493 -9.92 -1.99 57.53
CA TRP C 493 -10.84 -2.15 58.66
C TRP C 493 -11.41 -3.56 58.71
N GLU C 494 -12.13 -3.98 57.65
CA GLU C 494 -12.67 -5.34 57.61
C GLU C 494 -11.60 -6.39 57.90
N SER C 495 -10.43 -6.26 57.28
CA SER C 495 -9.41 -7.27 57.44
C SER C 495 -8.91 -7.34 58.87
N GLY C 496 -8.95 -6.21 59.57
CA GLY C 496 -8.53 -6.21 60.96
C GLY C 496 -9.52 -6.94 61.84
N ARG C 497 -10.82 -6.62 61.68
CA ARG C 497 -11.87 -7.34 62.40
C ARG C 497 -11.78 -8.83 62.13
N ARG C 498 -11.27 -9.18 60.95
CA ARG C 498 -11.27 -10.54 60.42
C ARG C 498 -10.31 -11.45 61.16
N GLU C 499 -9.01 -11.19 61.03
CA GLU C 499 -8.03 -11.96 61.77
C GLU C 499 -8.34 -12.00 63.27
N ALA C 500 -8.84 -10.87 63.82
CA ALA C 500 -9.18 -10.81 65.24
C ALA C 500 -10.33 -11.74 65.59
N THR C 501 -11.29 -11.91 64.68
CA THR C 501 -12.42 -12.79 64.95
C THR C 501 -12.03 -14.25 64.81
N ARG C 502 -11.24 -14.58 63.79
CA ARG C 502 -10.70 -15.93 63.74
C ARG C 502 -9.84 -16.23 64.98
N ILE C 503 -9.18 -15.22 65.55
CA ILE C 503 -8.32 -15.54 66.68
C ILE C 503 -9.11 -15.63 67.98
N SER C 504 -10.20 -14.86 68.13
CA SER C 504 -11.03 -14.99 69.33
C SER C 504 -11.71 -16.35 69.39
N ASP C 505 -12.40 -16.72 68.32
CA ASP C 505 -13.03 -18.03 68.23
C ASP C 505 -12.06 -19.17 68.53
N LEU C 506 -10.79 -19.00 68.19
CA LEU C 506 -9.82 -20.08 68.34
C LEU C 506 -9.13 -20.07 69.71
N LEU C 507 -9.15 -18.95 70.44
CA LEU C 507 -8.74 -18.91 71.85
C LEU C 507 -9.89 -19.26 72.80
N LYS C 508 -11.13 -18.96 72.41
CA LYS C 508 -12.32 -19.45 73.10
C LYS C 508 -12.54 -20.93 72.74
N LEU C 509 -11.45 -21.69 72.69
CA LEU C 509 -11.46 -23.11 72.40
C LEU C 509 -10.26 -23.75 73.10
N GLU C 510 -9.06 -23.31 72.73
CA GLU C 510 -7.82 -23.84 73.28
C GLU C 510 -7.81 -23.76 74.79
N LYS D 8 -46.09 -26.68 -3.06
CA LYS D 8 -45.89 -25.56 -3.97
C LYS D 8 -44.61 -24.79 -3.66
N LYS D 9 -44.36 -24.48 -2.37
CA LYS D 9 -43.22 -23.65 -1.95
C LYS D 9 -42.42 -24.34 -0.87
N LYS D 10 -41.09 -24.28 -0.96
CA LYS D 10 -40.23 -24.95 0.01
C LYS D 10 -40.39 -24.32 1.39
N VAL D 11 -40.03 -23.05 1.53
CA VAL D 11 -40.19 -22.32 2.79
C VAL D 11 -41.25 -21.26 2.61
N ILE D 12 -42.15 -21.15 3.58
CA ILE D 12 -43.07 -20.02 3.65
C ILE D 12 -42.79 -19.23 4.92
N ILE D 13 -42.57 -17.94 4.76
CA ILE D 13 -42.45 -17.01 5.87
C ILE D 13 -43.77 -16.28 6.02
N ILE D 14 -44.17 -16.03 7.25
CA ILE D 14 -45.39 -15.31 7.58
C ILE D 14 -45.01 -14.02 8.28
N GLY D 15 -45.24 -12.88 7.63
CA GLY D 15 -44.91 -11.58 8.18
C GLY D 15 -43.68 -10.98 7.52
N ALA D 16 -43.74 -9.71 7.16
CA ALA D 16 -42.64 -9.06 6.49
C ALA D 16 -42.10 -7.91 7.34
N GLY D 17 -42.05 -8.13 8.66
CA GLY D 17 -41.17 -7.32 9.50
C GLY D 17 -39.72 -7.62 9.13
N ILE D 18 -38.78 -7.12 9.92
CA ILE D 18 -37.38 -7.39 9.62
C ILE D 18 -37.06 -8.87 9.80
N ALA D 19 -37.67 -9.52 10.80
CA ALA D 19 -37.46 -10.96 10.96
C ALA D 19 -37.84 -11.71 9.68
N GLY D 20 -39.06 -11.46 9.19
CA GLY D 20 -39.48 -12.11 7.96
C GLY D 20 -38.55 -11.79 6.81
N LEU D 21 -38.28 -10.50 6.59
CA LEU D 21 -37.49 -10.12 5.44
C LEU D 21 -36.10 -10.72 5.48
N LYS D 22 -35.45 -10.70 6.66
CA LYS D 22 -34.10 -11.21 6.74
C LYS D 22 -34.06 -12.71 6.48
N ALA D 23 -35.01 -13.46 7.02
CA ALA D 23 -35.08 -14.89 6.71
C ALA D 23 -35.17 -15.12 5.19
N ALA D 24 -36.14 -14.47 4.53
CA ALA D 24 -36.22 -14.57 3.07
C ALA D 24 -34.90 -14.19 2.42
N SER D 25 -34.27 -13.12 2.90
CA SER D 25 -33.01 -12.67 2.32
C SER D 25 -31.93 -13.73 2.45
N THR D 26 -31.91 -14.46 3.57
CA THR D 26 -30.87 -15.46 3.78
C THR D 26 -31.18 -16.73 2.99
N LEU D 27 -32.42 -17.20 3.05
CA LEU D 27 -32.87 -18.28 2.17
C LEU D 27 -32.37 -18.06 0.75
N HIS D 28 -32.63 -16.88 0.19
CA HIS D 28 -32.18 -16.58 -1.17
C HIS D 28 -30.66 -16.44 -1.23
N GLN D 29 -30.05 -15.88 -0.19
CA GLN D 29 -28.61 -15.80 -0.14
C GLN D 29 -27.99 -17.18 -0.22
N ASN D 30 -28.61 -18.16 0.45
CA ASN D 30 -28.14 -19.54 0.43
C ASN D 30 -28.74 -20.36 -0.72
N GLY D 31 -29.32 -19.70 -1.72
CA GLY D 31 -29.69 -20.37 -2.97
C GLY D 31 -30.97 -21.16 -2.95
N ILE D 32 -31.81 -21.02 -1.94
CA ILE D 32 -33.10 -21.69 -1.93
C ILE D 32 -34.08 -20.95 -2.83
N GLN D 33 -34.79 -21.70 -3.66
CA GLN D 33 -35.80 -21.15 -4.55
C GLN D 33 -37.19 -21.50 -4.04
N ASP D 34 -38.20 -20.90 -4.68
CA ASP D 34 -39.61 -21.16 -4.40
C ASP D 34 -39.91 -21.03 -2.92
N CYS D 35 -39.63 -19.86 -2.39
CA CYS D 35 -40.08 -19.46 -1.07
C CYS D 35 -41.04 -18.30 -1.21
N LEU D 36 -41.69 -17.96 -0.11
CA LEU D 36 -42.80 -17.02 -0.24
C LEU D 36 -43.01 -16.32 1.09
N VAL D 37 -43.26 -15.01 1.04
CA VAL D 37 -43.49 -14.19 2.23
C VAL D 37 -44.93 -13.72 2.22
N LEU D 38 -45.68 -14.09 3.25
CA LEU D 38 -47.08 -13.73 3.39
C LEU D 38 -47.22 -12.64 4.45
N GLU D 39 -47.47 -11.40 4.01
CA GLU D 39 -47.67 -10.26 4.89
C GLU D 39 -49.13 -9.80 4.83
N ALA D 40 -49.70 -9.55 6.01
CA ALA D 40 -51.10 -9.11 6.12
C ALA D 40 -51.28 -7.61 5.86
N ARG D 41 -50.26 -6.80 6.06
CA ARG D 41 -50.45 -5.39 5.75
C ARG D 41 -50.25 -5.15 4.26
N ASP D 42 -50.63 -3.96 3.79
CA ASP D 42 -50.31 -3.61 2.41
C ASP D 42 -48.85 -3.21 2.25
N ARG D 43 -48.05 -3.31 3.31
CA ARG D 43 -46.68 -2.82 3.27
C ARG D 43 -45.77 -3.84 3.95
N VAL D 44 -44.48 -3.64 3.71
CA VAL D 44 -43.45 -4.38 4.42
C VAL D 44 -43.01 -3.52 5.61
N GLY D 45 -42.39 -4.17 6.58
CA GLY D 45 -41.67 -3.49 7.64
C GLY D 45 -42.17 -3.77 9.04
N GLY D 46 -43.39 -4.27 9.18
CA GLY D 46 -44.01 -4.42 10.48
C GLY D 46 -43.81 -3.19 11.35
N ARG D 47 -43.35 -3.42 12.58
CA ARG D 47 -43.09 -2.35 13.53
C ARG D 47 -41.92 -1.45 13.13
N LEU D 48 -41.35 -1.67 11.93
CA LEU D 48 -40.53 -0.66 11.25
C LEU D 48 -41.43 0.04 10.23
N GLN D 49 -41.79 1.29 10.50
CA GLN D 49 -42.61 2.07 9.58
C GLN D 49 -42.14 3.53 9.60
N THR D 50 -41.58 3.97 8.49
CA THR D 50 -41.26 5.38 8.29
C THR D 50 -42.44 6.07 7.63
N VAL D 51 -42.91 7.16 8.23
CA VAL D 51 -44.04 7.88 7.65
C VAL D 51 -43.62 9.31 7.32
N THR D 52 -44.42 9.92 6.45
CA THR D 52 -44.24 11.30 6.03
C THR D 52 -45.30 12.21 6.64
N GLY D 53 -44.93 13.46 6.88
CA GLY D 53 -45.88 14.45 7.32
C GLY D 53 -45.65 15.83 6.73
N TYR D 54 -45.55 16.83 7.60
CA TYR D 54 -45.43 18.22 7.16
C TYR D 54 -44.24 18.42 6.24
N GLN D 55 -44.52 18.98 5.06
CA GLN D 55 -43.49 19.40 4.12
C GLN D 55 -42.45 18.32 3.86
N GLY D 56 -42.91 17.07 3.69
CA GLY D 56 -42.04 15.97 3.33
C GLY D 56 -41.13 15.46 4.42
N ARG D 57 -41.31 15.85 5.68
CA ARG D 57 -40.49 15.29 6.75
C ARG D 57 -40.77 13.80 6.92
N LYS D 58 -39.75 13.07 7.34
CA LYS D 58 -39.86 11.64 7.58
C LYS D 58 -39.51 11.29 9.03
N TYR D 59 -40.31 10.43 9.63
CA TYR D 59 -40.14 10.02 11.01
C TYR D 59 -40.36 8.52 11.12
N ASP D 60 -39.54 7.86 11.94
CA ASP D 60 -39.72 6.45 12.19
C ASP D 60 -40.81 6.30 13.25
N ILE D 61 -42.02 5.95 12.81
CA ILE D 61 -43.11 5.84 13.79
C ILE D 61 -42.99 4.56 14.62
N GLY D 62 -42.27 3.56 14.11
CA GLY D 62 -42.00 2.38 14.90
C GLY D 62 -40.62 2.49 15.51
N ALA D 63 -39.76 1.54 15.24
CA ALA D 63 -38.42 1.62 15.79
C ALA D 63 -37.67 2.81 15.19
N SER D 64 -36.95 3.53 16.04
CA SER D 64 -36.16 4.64 15.55
C SER D 64 -34.67 4.54 15.82
N TRP D 65 -34.23 3.77 16.84
CA TRP D 65 -32.82 3.74 17.24
C TRP D 65 -32.20 2.36 17.08
N HIS D 66 -30.93 2.35 16.69
CA HIS D 66 -30.08 1.20 16.92
C HIS D 66 -29.56 1.28 18.35
N HIS D 67 -29.85 0.26 19.14
CA HIS D 67 -29.27 0.16 20.48
C HIS D 67 -28.05 -0.76 20.44
N ASP D 68 -27.20 -0.63 21.46
CA ASP D 68 -26.04 -1.52 21.65
C ASP D 68 -25.09 -1.46 20.46
N THR D 69 -24.82 -0.26 19.99
CA THR D 69 -24.03 -0.13 18.78
C THR D 69 -22.60 -0.63 18.93
N LEU D 70 -22.17 -1.05 20.12
CA LEU D 70 -20.88 -1.70 20.23
C LEU D 70 -20.95 -3.15 19.78
N THR D 71 -22.12 -3.77 19.90
CA THR D 71 -22.28 -5.15 19.45
C THR D 71 -23.46 -5.37 18.52
N ASN D 72 -24.29 -4.38 18.26
CA ASN D 72 -25.42 -4.58 17.38
C ASN D 72 -24.95 -5.00 15.98
N PRO D 73 -25.23 -6.23 15.54
CA PRO D 73 -24.73 -6.66 14.22
C PRO D 73 -25.45 -6.00 13.06
N LEU D 74 -26.78 -5.80 13.16
CA LEU D 74 -27.47 -5.05 12.11
C LEU D 74 -26.84 -3.67 11.93
N PHE D 75 -26.57 -2.99 13.06
CA PHE D 75 -25.97 -1.65 12.98
C PHE D 75 -24.60 -1.70 12.32
N LEU D 76 -23.80 -2.70 12.68
CA LEU D 76 -22.51 -2.88 12.02
C LEU D 76 -22.70 -2.98 10.51
N GLU D 77 -23.68 -3.79 10.07
CA GLU D 77 -24.02 -3.87 8.65
C GLU D 77 -24.26 -2.47 8.10
N GLU D 78 -25.11 -1.69 8.78
CA GLU D 78 -25.39 -0.33 8.32
C GLU D 78 -24.14 0.52 8.31
N ALA D 79 -23.28 0.35 9.34
CA ALA D 79 -22.11 1.21 9.47
C ALA D 79 -21.11 0.94 8.35
N GLN D 80 -20.88 -0.34 8.04
CA GLN D 80 -19.95 -0.65 6.96
C GLN D 80 -20.46 -0.13 5.61
N LEU D 81 -21.77 0.06 5.46
CA LEU D 81 -22.27 0.76 4.28
C LEU D 81 -21.89 2.23 4.30
N SER D 82 -22.04 2.89 5.45
CA SER D 82 -21.74 4.32 5.52
C SER D 82 -20.25 4.57 5.33
N LEU D 83 -19.40 3.69 5.88
CA LEU D 83 -17.97 3.79 5.64
C LEU D 83 -17.68 3.93 4.16
N ASN D 84 -18.31 3.06 3.33
CA ASN D 84 -18.14 3.06 1.87
C ASN D 84 -18.65 4.31 1.19
N ASP D 85 -19.98 4.40 1.05
CA ASP D 85 -20.61 5.43 0.24
C ASP D 85 -20.76 6.76 0.97
N GLY D 86 -20.40 6.83 2.25
CA GLY D 86 -20.35 8.06 3.00
C GLY D 86 -21.68 8.67 3.40
N ARG D 87 -22.82 8.06 3.08
CA ARG D 87 -24.03 8.79 3.39
C ARG D 87 -24.46 8.60 4.85
N THR D 88 -25.03 9.66 5.40
CA THR D 88 -25.52 9.68 6.77
C THR D 88 -26.69 8.72 6.89
N ARG D 89 -26.43 7.51 7.37
CA ARG D 89 -27.51 6.58 7.67
C ARG D 89 -27.98 6.70 9.12
N PHE D 90 -27.23 7.39 9.97
CA PHE D 90 -27.60 7.40 11.36
C PHE D 90 -26.79 8.46 12.06
N VAL D 91 -27.31 8.91 13.20
CA VAL D 91 -26.62 9.91 14.00
C VAL D 91 -26.65 9.47 15.45
N PHE D 92 -25.50 9.58 16.11
CA PHE D 92 -25.42 9.32 17.54
C PHE D 92 -26.06 10.51 18.25
N ASP D 93 -27.23 10.29 18.83
CA ASP D 93 -28.05 11.38 19.34
C ASP D 93 -28.20 11.30 20.85
N ASP D 94 -27.40 10.47 21.51
CA ASP D 94 -27.34 10.53 22.97
C ASP D 94 -26.87 11.91 23.40
N ASP D 95 -27.45 12.40 24.47
CA ASP D 95 -27.21 13.76 24.85
C ASP D 95 -27.33 13.84 26.36
N ASN D 96 -27.00 15.00 26.90
CA ASN D 96 -27.32 15.27 28.30
C ASN D 96 -28.79 15.62 28.40
N PHE D 97 -29.52 14.84 29.21
CA PHE D 97 -30.97 14.98 29.30
C PHE D 97 -31.31 16.26 30.05
N ILE D 98 -31.91 17.21 29.33
CA ILE D 98 -32.66 18.28 29.97
C ILE D 98 -33.89 17.69 30.65
N TYR D 99 -34.05 17.95 31.94
CA TYR D 99 -35.20 17.47 32.70
C TYR D 99 -36.03 18.67 33.16
N ILE D 100 -37.34 18.61 32.93
CA ILE D 100 -38.25 19.73 33.15
C ILE D 100 -39.37 19.29 34.08
N ASP D 101 -39.61 20.09 35.13
CA ASP D 101 -40.77 19.94 36.02
C ASP D 101 -41.65 21.17 35.87
N GLU D 102 -42.97 20.96 35.86
CA GLU D 102 -43.90 22.05 35.59
C GLU D 102 -43.67 23.26 36.50
N GLU D 103 -43.35 23.03 37.77
CA GLU D 103 -43.13 24.12 38.73
C GLU D 103 -41.70 24.63 38.68
N ARG D 104 -40.77 23.77 39.08
CA ARG D 104 -39.38 24.19 39.17
C ARG D 104 -38.80 24.59 37.81
N GLY D 105 -39.24 23.93 36.74
CA GLY D 105 -38.59 24.10 35.44
C GLY D 105 -37.49 23.07 35.24
N ARG D 106 -36.34 23.53 34.75
CA ARG D 106 -35.21 22.61 34.56
C ARG D 106 -34.64 22.15 35.90
N VAL D 107 -34.38 20.84 36.00
CA VAL D 107 -33.75 20.24 37.17
C VAL D 107 -32.58 19.33 36.81
N ASP D 108 -32.23 19.20 35.53
CA ASP D 108 -31.04 18.48 35.13
C ASP D 108 -29.79 19.23 35.59
N HIS D 109 -28.70 18.46 35.80
CA HIS D 109 -27.33 18.99 35.98
C HIS D 109 -27.29 20.13 36.99
N ASP D 110 -27.92 19.92 38.14
CA ASP D 110 -28.18 20.97 39.11
C ASP D 110 -27.21 20.87 40.30
N LYS D 111 -26.51 21.97 40.58
CA LYS D 111 -25.44 21.96 41.58
C LYS D 111 -25.94 21.50 42.94
N GLU D 112 -27.17 21.88 43.30
CA GLU D 112 -27.75 21.42 44.56
C GLU D 112 -28.52 20.11 44.40
N LEU D 113 -29.20 19.89 43.26
CA LEU D 113 -30.08 18.74 43.21
C LEU D 113 -29.32 17.45 42.92
N LEU D 114 -28.30 17.52 42.06
CA LEU D 114 -27.48 16.37 41.72
C LEU D 114 -28.32 15.13 41.44
N LEU D 115 -29.42 15.31 40.71
CA LEU D 115 -30.37 14.21 40.59
C LEU D 115 -29.74 13.04 39.85
N GLU D 116 -28.95 13.34 38.84
CA GLU D 116 -28.35 12.28 38.05
C GLU D 116 -27.37 11.45 38.88
N ILE D 117 -26.66 12.08 39.81
CA ILE D 117 -25.71 11.34 40.62
C ILE D 117 -26.43 10.32 41.48
N VAL D 118 -27.49 10.76 42.17
CA VAL D 118 -28.22 9.80 42.99
C VAL D 118 -28.97 8.81 42.11
N ASP D 119 -29.38 9.23 40.91
CA ASP D 119 -29.93 8.26 39.96
C ASP D 119 -28.92 7.17 39.64
N ASN D 120 -27.64 7.53 39.51
CA ASN D 120 -26.62 6.51 39.34
C ASN D 120 -26.54 5.57 40.53
N GLU D 121 -26.61 6.12 41.75
CA GLU D 121 -26.62 5.28 42.95
C GLU D 121 -27.87 4.41 42.97
N MET D 122 -28.99 4.97 42.50
CA MET D 122 -30.21 4.20 42.25
C MET D 122 -29.92 2.91 41.49
N SER D 123 -29.37 3.04 40.29
CA SER D 123 -29.09 1.88 39.44
C SER D 123 -28.12 0.92 40.12
N LYS D 124 -27.08 1.45 40.77
CA LYS D 124 -26.13 0.57 41.44
C LYS D 124 -26.82 -0.25 42.51
N PHE D 125 -27.66 0.41 43.31
CA PHE D 125 -28.46 -0.27 44.32
C PHE D 125 -29.32 -1.36 43.71
N ALA D 126 -29.97 -1.09 42.57
CA ALA D 126 -30.78 -2.11 41.92
C ALA D 126 -29.93 -3.33 41.56
N GLU D 127 -28.75 -3.10 40.98
CA GLU D 127 -27.84 -4.21 40.71
C GLU D 127 -27.62 -5.06 41.97
N LEU D 128 -27.44 -4.39 43.11
CA LEU D 128 -27.07 -5.10 44.33
C LEU D 128 -28.22 -5.94 44.87
N GLU D 129 -29.45 -5.41 44.83
CA GLU D 129 -30.62 -6.19 45.20
C GLU D 129 -30.68 -7.50 44.42
N PHE D 130 -30.46 -7.42 43.11
CA PHE D 130 -30.39 -8.58 42.25
C PHE D 130 -28.91 -8.93 42.02
N HIS D 131 -28.42 -9.05 40.78
CA HIS D 131 -27.04 -9.37 40.38
C HIS D 131 -26.11 -9.94 41.46
N GLN D 132 -26.67 -10.49 42.55
CA GLN D 132 -25.95 -11.17 43.62
C GLN D 132 -26.91 -11.57 44.75
N HIS D 133 -27.90 -12.41 44.45
CA HIS D 133 -28.83 -12.90 45.46
C HIS D 133 -29.52 -14.15 44.94
N LEU D 134 -30.33 -14.74 45.80
CA LEU D 134 -31.09 -15.95 45.47
C LEU D 134 -32.58 -15.60 45.38
N GLY D 135 -32.95 -14.91 44.29
CA GLY D 135 -34.33 -14.65 43.95
C GLY D 135 -34.90 -13.36 44.50
N VAL D 136 -34.36 -12.88 45.62
CA VAL D 136 -34.78 -11.62 46.25
C VAL D 136 -36.28 -11.65 46.53
N SER D 137 -37.07 -11.37 45.47
CA SER D 137 -38.52 -11.32 45.53
C SER D 137 -39.04 -10.91 44.17
N ASP D 138 -38.21 -10.16 43.42
CA ASP D 138 -38.55 -9.61 42.11
C ASP D 138 -39.83 -8.79 42.16
N CYS D 139 -39.70 -7.49 42.44
CA CYS D 139 -40.80 -6.60 42.69
C CYS D 139 -41.00 -5.67 41.50
N SER D 140 -41.97 -4.76 41.63
CA SER D 140 -42.15 -3.74 40.61
C SER D 140 -40.97 -2.79 40.60
N PHE D 141 -40.94 -1.91 39.61
CA PHE D 141 -39.97 -0.83 39.57
C PHE D 141 -40.30 0.23 40.63
N PHE D 142 -41.55 0.70 40.65
CA PHE D 142 -41.96 1.70 41.63
C PHE D 142 -41.65 1.24 43.05
N GLN D 143 -41.85 -0.05 43.34
CA GLN D 143 -41.46 -0.60 44.63
C GLN D 143 -39.96 -0.52 44.85
N LEU D 144 -39.19 -0.54 43.76
CA LEU D 144 -37.74 -0.55 43.91
C LEU D 144 -37.20 0.84 44.22
N VAL D 145 -37.70 1.87 43.55
CA VAL D 145 -37.40 3.23 43.97
C VAL D 145 -37.82 3.41 45.42
N MET D 146 -38.96 2.83 45.80
CA MET D 146 -39.43 2.92 47.17
C MET D 146 -38.44 2.26 48.12
N LYS D 147 -37.95 1.06 47.79
CA LYS D 147 -36.96 0.41 48.67
C LYS D 147 -35.70 1.26 48.78
N TYR D 148 -35.26 1.84 47.66
CA TYR D 148 -34.10 2.73 47.69
C TYR D 148 -34.39 3.98 48.52
N LEU D 149 -35.51 4.65 48.25
CA LEU D 149 -35.80 5.90 48.94
C LEU D 149 -35.81 5.69 50.46
N LEU D 150 -36.36 4.56 50.91
CA LEU D 150 -36.40 4.30 52.35
C LEU D 150 -35.01 4.03 52.90
N GLN D 151 -34.25 3.17 52.21
CA GLN D 151 -32.95 2.76 52.74
C GLN D 151 -31.98 3.93 52.85
N ARG D 152 -32.08 4.92 51.95
CA ARG D 152 -31.06 5.96 51.83
C ARG D 152 -31.58 7.33 52.20
N ARG D 153 -32.70 7.41 52.93
CA ARG D 153 -33.26 8.70 53.27
C ARG D 153 -32.30 9.54 54.13
N GLN D 154 -31.54 8.89 55.03
CA GLN D 154 -30.54 9.64 55.80
C GLN D 154 -29.54 10.35 54.91
N PHE D 155 -29.49 9.99 53.64
CA PHE D 155 -28.46 10.42 52.71
C PHE D 155 -29.04 11.19 51.54
N LEU D 156 -30.34 11.51 51.60
CA LEU D 156 -31.01 12.22 50.52
C LEU D 156 -31.66 13.47 51.07
N THR D 157 -31.60 14.55 50.30
CA THR D 157 -32.36 15.74 50.63
C THR D 157 -33.84 15.54 50.31
N ASN D 158 -34.67 16.37 50.94
CA ASN D 158 -36.08 16.46 50.60
C ASN D 158 -36.29 16.52 49.09
N ASP D 159 -35.62 17.48 48.45
CA ASP D 159 -35.81 17.72 47.02
C ASP D 159 -35.39 16.50 46.20
N GLN D 160 -34.31 15.84 46.60
CA GLN D 160 -33.93 14.60 45.95
C GLN D 160 -35.04 13.56 46.10
N ILE D 161 -35.49 13.35 47.34
CA ILE D 161 -36.61 12.46 47.60
C ILE D 161 -37.81 12.83 46.74
N ARG D 162 -38.05 14.13 46.58
CA ARG D 162 -39.19 14.55 45.79
C ARG D 162 -38.96 14.27 44.31
N TYR D 163 -37.82 14.66 43.79
CA TYR D 163 -37.63 14.75 42.35
C TYR D 163 -36.99 13.51 41.74
N LEU D 164 -36.11 12.81 42.46
CA LEU D 164 -35.46 11.63 41.89
C LEU D 164 -36.47 10.59 41.42
N PRO D 165 -37.49 10.21 42.19
CA PRO D 165 -38.41 9.19 41.67
C PRO D 165 -39.13 9.62 40.40
N GLN D 166 -39.38 10.91 40.22
CA GLN D 166 -39.94 11.35 38.94
C GLN D 166 -38.89 11.35 37.84
N LEU D 167 -37.62 11.56 38.19
CA LEU D 167 -36.57 11.56 37.17
C LEU D 167 -36.34 10.16 36.63
N CYS D 168 -36.20 9.18 37.53
CA CYS D 168 -35.86 7.82 37.14
C CYS D 168 -36.97 7.12 36.37
N ARG D 169 -38.13 7.76 36.25
CA ARG D 169 -39.23 7.16 35.52
C ARG D 169 -39.08 7.27 34.01
N TYR D 170 -38.10 8.05 33.50
CA TYR D 170 -37.73 7.97 32.10
C TYR D 170 -37.56 6.54 31.63
N LEU D 171 -37.28 5.61 32.53
CA LEU D 171 -37.14 4.21 32.17
C LEU D 171 -38.46 3.61 31.72
N GLU D 172 -39.59 4.27 32.01
CA GLU D 172 -40.88 3.82 31.51
C GLU D 172 -40.90 3.86 29.99
N LEU D 173 -40.26 4.87 29.39
CA LEU D 173 -40.20 4.96 27.93
C LEU D 173 -39.20 3.98 27.33
N TRP D 174 -38.47 3.22 28.16
CA TRP D 174 -37.62 2.15 27.64
C TRP D 174 -38.42 0.89 27.35
N HIS D 175 -39.46 0.61 28.13
CA HIS D 175 -40.31 -0.54 27.88
C HIS D 175 -41.77 -0.17 27.66
N GLY D 176 -42.07 1.10 27.34
CA GLY D 176 -43.43 1.62 27.26
C GLY D 176 -44.42 1.13 28.31
N LEU D 177 -44.10 1.38 29.58
CA LEU D 177 -44.74 0.66 30.69
C LEU D 177 -44.64 1.54 31.93
N ASP D 178 -45.73 1.69 32.66
CA ASP D 178 -45.70 2.45 33.90
C ASP D 178 -44.89 1.72 34.96
N TRP D 179 -44.16 2.49 35.76
CA TRP D 179 -43.23 1.89 36.71
C TRP D 179 -43.91 0.98 37.71
N LYS D 180 -45.21 1.14 37.95
CA LYS D 180 -45.88 0.19 38.83
C LYS D 180 -46.16 -1.15 38.14
N LEU D 181 -46.20 -1.19 36.81
CA LEU D 181 -46.41 -2.45 36.10
C LEU D 181 -45.12 -3.07 35.62
N LEU D 182 -44.04 -2.32 35.57
CA LEU D 182 -42.79 -2.79 35.01
C LEU D 182 -41.96 -3.55 36.05
N SER D 183 -41.33 -4.64 35.62
CA SER D 183 -40.53 -5.45 36.53
C SER D 183 -39.23 -4.76 36.91
N ALA D 184 -38.82 -4.91 38.17
CA ALA D 184 -37.59 -4.27 38.63
C ALA D 184 -36.35 -4.93 38.02
N LYS D 185 -36.29 -6.26 38.08
CA LYS D 185 -35.13 -6.97 37.56
C LYS D 185 -34.84 -6.59 36.10
N ASP D 186 -35.88 -6.40 35.27
CA ASP D 186 -35.68 -6.09 33.86
C ASP D 186 -35.49 -4.59 33.58
N THR D 187 -35.64 -3.74 34.59
CA THR D 187 -35.58 -2.30 34.33
C THR D 187 -34.15 -1.83 34.11
N TYR D 188 -33.23 -2.29 34.95
CA TYR D 188 -31.82 -1.99 34.78
C TYR D 188 -31.22 -3.13 33.99
N PHE D 189 -31.04 -2.89 32.71
CA PHE D 189 -30.39 -3.82 31.81
C PHE D 189 -29.28 -3.06 31.10
N GLY D 190 -28.12 -3.72 30.96
CA GLY D 190 -26.96 -3.06 30.40
C GLY D 190 -27.20 -2.59 28.98
N HIS D 191 -26.36 -1.65 28.54
CA HIS D 191 -26.49 -1.06 27.22
C HIS D 191 -25.11 -0.92 26.61
N GLN D 192 -24.92 -1.57 25.46
CA GLN D 192 -23.59 -1.81 24.91
C GLN D 192 -23.22 -0.73 23.90
N GLY D 193 -22.94 0.45 24.45
CA GLY D 193 -22.55 1.57 23.64
C GLY D 193 -23.69 2.54 23.45
N ARG D 194 -23.36 3.62 22.74
CA ARG D 194 -24.35 4.65 22.47
C ARG D 194 -25.45 4.11 21.55
N ASN D 195 -26.53 4.87 21.48
CA ASN D 195 -27.57 4.58 20.50
C ASN D 195 -27.35 5.42 19.26
N ALA D 196 -27.77 4.88 18.11
CA ALA D 196 -27.71 5.59 16.85
C ALA D 196 -29.12 5.67 16.26
N PHE D 197 -29.63 6.89 16.17
CA PHE D 197 -30.92 7.17 15.59
C PHE D 197 -30.85 6.94 14.08
N ALA D 198 -31.74 6.09 13.55
CA ALA D 198 -31.70 5.75 12.12
C ALA D 198 -32.36 6.87 11.34
N LEU D 199 -31.60 7.42 10.40
CA LEU D 199 -32.11 8.46 9.51
C LEU D 199 -32.78 7.70 8.38
N ASN D 200 -34.07 7.42 8.61
CA ASN D 200 -34.89 6.45 7.90
C ASN D 200 -34.50 5.04 8.32
N TYR D 201 -35.33 4.36 9.12
CA TYR D 201 -35.24 2.92 9.25
C TYR D 201 -35.82 2.21 8.04
N ASP D 202 -36.62 2.90 7.23
CA ASP D 202 -37.16 2.24 6.05
C ASP D 202 -36.08 1.92 5.04
N SER D 203 -34.93 2.60 5.12
CA SER D 203 -33.79 2.19 4.28
C SER D 203 -33.25 0.84 4.71
N VAL D 204 -33.34 0.49 6.00
CA VAL D 204 -32.97 -0.85 6.41
C VAL D 204 -33.94 -1.85 5.81
N VAL D 205 -35.24 -1.55 5.92
CA VAL D 205 -36.28 -2.43 5.40
C VAL D 205 -36.17 -2.58 3.87
N GLN D 206 -36.01 -1.46 3.15
CA GLN D 206 -35.88 -1.54 1.69
C GLN D 206 -34.67 -2.38 1.28
N ARG D 207 -33.53 -2.19 1.94
CA ARG D 207 -32.33 -2.93 1.53
C ARG D 207 -32.55 -4.43 1.62
N ILE D 208 -33.10 -4.89 2.74
CA ILE D 208 -33.28 -6.31 2.94
C ILE D 208 -34.34 -6.86 1.99
N ALA D 209 -35.34 -6.04 1.65
CA ALA D 209 -36.49 -6.56 0.93
C ALA D 209 -36.20 -6.65 -0.57
N GLN D 210 -35.29 -5.81 -1.06
CA GLN D 210 -34.78 -5.93 -2.42
C GLN D 210 -33.67 -6.96 -2.55
N SER D 211 -33.33 -7.67 -1.47
CA SER D 211 -32.26 -8.66 -1.51
C SER D 211 -32.77 -10.07 -1.87
N PHE D 212 -33.98 -10.17 -2.40
CA PHE D 212 -34.56 -11.45 -2.76
C PHE D 212 -35.68 -11.19 -3.75
N PRO D 213 -36.11 -12.21 -4.50
CA PRO D 213 -36.97 -11.95 -5.65
C PRO D 213 -38.31 -11.36 -5.24
N GLN D 214 -38.74 -10.34 -6.00
CA GLN D 214 -39.98 -9.63 -5.68
C GLN D 214 -41.17 -10.58 -5.60
N ASN D 215 -41.24 -11.54 -6.53
CA ASN D 215 -42.35 -12.50 -6.64
C ASN D 215 -42.52 -13.40 -5.41
N TRP D 216 -41.58 -13.33 -4.45
CA TRP D 216 -41.82 -14.05 -3.22
C TRP D 216 -42.80 -13.33 -2.31
N LEU D 217 -43.00 -12.04 -2.53
CA LEU D 217 -43.70 -11.20 -1.56
C LEU D 217 -45.18 -11.13 -1.92
N LYS D 218 -46.03 -11.61 -1.02
CA LYS D 218 -47.48 -11.45 -1.18
C LYS D 218 -48.00 -10.53 -0.09
N LEU D 219 -48.41 -9.34 -0.47
CA LEU D 219 -48.93 -8.37 0.49
C LEU D 219 -50.42 -8.60 0.74
N SER D 220 -50.90 -8.07 1.86
CA SER D 220 -52.29 -8.20 2.27
C SER D 220 -52.79 -9.65 2.30
N CYS D 221 -51.89 -10.62 2.51
CA CYS D 221 -52.30 -12.01 2.74
C CYS D 221 -52.26 -12.30 4.24
N GLU D 222 -53.38 -12.06 4.92
CA GLU D 222 -53.51 -12.53 6.29
C GLU D 222 -53.55 -14.05 6.33
N VAL D 223 -52.77 -14.64 7.24
CA VAL D 223 -52.76 -16.10 7.41
C VAL D 223 -53.75 -16.45 8.51
N LYS D 224 -54.59 -17.44 8.24
CA LYS D 224 -55.65 -17.82 9.17
C LYS D 224 -55.35 -19.12 9.91
N SER D 225 -54.82 -20.13 9.22
CA SER D 225 -54.51 -21.39 9.88
C SER D 225 -53.21 -21.98 9.33
N ILE D 226 -52.61 -22.83 10.14
CA ILE D 226 -51.42 -23.60 9.79
C ILE D 226 -51.62 -25.02 10.30
N THR D 227 -51.22 -26.00 9.51
CA THR D 227 -51.53 -27.39 9.82
C THR D 227 -50.30 -28.26 9.59
N ARG D 228 -49.93 -29.03 10.62
CA ARG D 228 -48.90 -30.05 10.46
C ARG D 228 -49.39 -31.14 9.51
N GLU D 229 -48.45 -31.70 8.73
CA GLU D 229 -48.94 -32.67 7.76
C GLU D 229 -48.68 -34.10 8.23
N PRO D 230 -49.54 -35.06 7.84
CA PRO D 230 -49.13 -36.46 7.99
C PRO D 230 -47.72 -36.72 7.45
N SER D 231 -47.44 -36.23 6.24
CA SER D 231 -46.14 -36.30 5.60
C SER D 231 -45.22 -35.14 5.98
N LYS D 232 -45.55 -34.41 7.05
CA LYS D 232 -44.80 -33.26 7.55
C LYS D 232 -44.99 -31.99 6.70
N ASN D 233 -45.23 -32.11 5.39
CA ASN D 233 -45.32 -30.96 4.50
C ASN D 233 -46.45 -30.00 4.88
N VAL D 234 -46.10 -28.84 5.46
CA VAL D 234 -47.06 -27.94 6.12
C VAL D 234 -48.01 -27.29 5.11
N THR D 235 -49.24 -27.07 5.55
CA THR D 235 -50.29 -26.45 4.75
C THR D 235 -50.62 -25.07 5.29
N VAL D 236 -50.60 -24.06 4.42
CA VAL D 236 -50.82 -22.67 4.81
C VAL D 236 -52.11 -22.19 4.17
N ASN D 237 -53.09 -21.80 4.98
CA ASN D 237 -54.37 -21.29 4.51
C ASN D 237 -54.41 -19.76 4.65
N CYS D 238 -54.21 -19.05 3.54
CA CYS D 238 -54.43 -17.60 3.54
C CYS D 238 -55.92 -17.28 3.71
N GLU D 239 -56.19 -16.14 4.34
CA GLU D 239 -57.56 -15.69 4.58
C GLU D 239 -58.41 -15.71 3.31
N ASP D 240 -57.87 -15.18 2.21
CA ASP D 240 -58.61 -15.13 0.95
C ASP D 240 -58.80 -16.53 0.33
N GLY D 241 -58.61 -17.61 1.08
CA GLY D 241 -58.89 -18.93 0.61
C GLY D 241 -57.71 -19.63 -0.02
N THR D 242 -56.78 -18.90 -0.63
CA THR D 242 -55.66 -19.56 -1.30
C THR D 242 -54.87 -20.34 -0.27
N VAL D 243 -54.63 -21.62 -0.57
CA VAL D 243 -53.92 -22.52 0.32
C VAL D 243 -52.57 -22.83 -0.28
N TYR D 244 -51.54 -22.83 0.56
CA TYR D 244 -50.19 -23.17 0.15
C TYR D 244 -49.73 -24.37 0.96
N ASN D 245 -48.96 -25.25 0.32
CA ASN D 245 -48.22 -26.29 1.03
C ASN D 245 -46.73 -25.96 1.01
N ALA D 246 -46.04 -26.36 2.07
CA ALA D 246 -44.65 -25.97 2.22
C ALA D 246 -43.90 -27.01 3.01
N ASP D 247 -42.60 -27.14 2.71
CA ASP D 247 -41.74 -28.00 3.51
C ASP D 247 -41.46 -27.38 4.88
N TYR D 248 -41.25 -26.07 4.93
CA TYR D 248 -40.99 -25.41 6.19
C TYR D 248 -41.73 -24.09 6.24
N VAL D 249 -42.10 -23.68 7.46
CA VAL D 249 -42.88 -22.47 7.68
C VAL D 249 -42.27 -21.71 8.86
N ILE D 250 -41.76 -20.51 8.59
CA ILE D 250 -41.19 -19.64 9.62
C ILE D 250 -42.26 -18.63 10.02
N ILE D 251 -42.77 -18.73 11.24
CA ILE D 251 -43.79 -17.80 11.73
C ILE D 251 -43.11 -16.68 12.50
N THR D 252 -43.30 -15.44 12.02
CA THR D 252 -42.64 -14.26 12.57
C THR D 252 -43.64 -13.26 13.12
N VAL D 253 -44.77 -13.71 13.64
CA VAL D 253 -45.84 -12.77 14.03
C VAL D 253 -45.50 -12.24 15.40
N PRO D 254 -46.00 -11.06 15.79
CA PRO D 254 -45.74 -10.57 17.15
C PRO D 254 -46.20 -11.56 18.21
N GLN D 255 -45.41 -11.64 19.28
CA GLN D 255 -45.78 -12.46 20.43
C GLN D 255 -47.23 -12.26 20.81
N SER D 256 -47.68 -11.01 20.87
CA SER D 256 -49.08 -10.73 21.17
C SER D 256 -50.00 -11.40 20.15
N VAL D 257 -49.65 -11.34 18.87
CA VAL D 257 -50.53 -11.91 17.85
C VAL D 257 -50.56 -13.44 17.94
N LEU D 258 -49.40 -14.05 18.14
CA LEU D 258 -49.33 -15.50 18.32
C LEU D 258 -50.06 -15.91 19.60
N ASN D 259 -49.94 -15.10 20.65
CA ASN D 259 -50.64 -15.32 21.92
C ASN D 259 -52.12 -15.58 21.71
N LEU D 260 -52.71 -14.95 20.70
CA LEU D 260 -54.14 -15.02 20.49
C LEU D 260 -54.59 -16.45 20.18
N SER D 261 -53.72 -17.24 19.55
CA SER D 261 -54.05 -18.64 19.24
C SER D 261 -54.51 -19.41 20.47
N VAL D 262 -53.84 -19.20 21.61
CA VAL D 262 -54.24 -19.88 22.85
C VAL D 262 -55.64 -19.42 23.26
N GLN D 263 -55.92 -18.12 23.18
CA GLN D 263 -57.26 -17.61 23.42
C GLN D 263 -58.26 -18.29 22.49
N PRO D 264 -59.56 -18.31 22.87
CA PRO D 264 -60.57 -19.00 22.04
C PRO D 264 -61.20 -18.12 20.95
N GLU D 265 -62.25 -18.64 20.31
CA GLU D 265 -63.02 -17.98 19.26
C GLU D 265 -62.16 -17.54 18.07
N LYS D 266 -62.51 -18.01 16.87
CA LYS D 266 -61.80 -17.68 15.65
C LYS D 266 -62.16 -16.29 15.15
N ASN D 267 -62.46 -15.38 16.09
CA ASN D 267 -63.00 -14.06 15.77
C ASN D 267 -61.91 -13.02 15.54
N LEU D 268 -60.84 -13.06 16.35
CA LEU D 268 -59.82 -12.02 16.34
C LEU D 268 -59.09 -11.95 14.99
N ARG D 269 -58.75 -10.73 14.58
CA ARG D 269 -58.04 -10.45 13.34
C ARG D 269 -56.53 -10.62 13.52
N GLY D 270 -55.89 -11.36 12.60
CA GLY D 270 -54.48 -11.68 12.65
C GLY D 270 -54.17 -13.04 13.24
N ARG D 271 -55.13 -13.63 13.95
CA ARG D 271 -54.93 -14.89 14.66
C ARG D 271 -54.63 -16.05 13.72
N ILE D 272 -53.63 -16.86 14.08
CA ILE D 272 -53.35 -18.11 13.38
C ILE D 272 -53.92 -19.26 14.18
N GLU D 273 -54.68 -20.14 13.51
CA GLU D 273 -55.21 -21.34 14.13
C GLU D 273 -54.25 -22.49 13.84
N PHE D 274 -53.73 -23.08 14.90
CA PHE D 274 -52.74 -24.15 14.76
C PHE D 274 -53.40 -25.51 14.92
N GLN D 275 -53.22 -26.37 13.93
CA GLN D 275 -53.55 -27.79 14.04
C GLN D 275 -52.29 -28.61 13.83
N PRO D 276 -51.79 -29.30 14.86
CA PRO D 276 -52.36 -29.27 16.22
C PRO D 276 -52.03 -28.02 17.02
N PRO D 277 -52.88 -27.70 18.04
CA PRO D 277 -52.59 -26.60 18.97
C PRO D 277 -51.15 -26.47 19.40
N LEU D 278 -50.74 -25.24 19.70
CA LEU D 278 -49.36 -24.97 20.08
C LEU D 278 -49.03 -25.75 21.33
N LYS D 279 -47.90 -26.45 21.31
CA LYS D 279 -47.58 -27.40 22.37
C LYS D 279 -47.48 -26.67 23.73
N PRO D 280 -47.69 -27.41 24.82
CA PRO D 280 -47.70 -26.75 26.15
C PRO D 280 -46.53 -25.83 26.44
N VAL D 281 -45.29 -26.27 26.18
CA VAL D 281 -44.12 -25.45 26.49
C VAL D 281 -44.22 -24.06 25.86
N ILE D 282 -44.87 -23.98 24.69
CA ILE D 282 -45.18 -22.68 24.09
C ILE D 282 -46.42 -22.07 24.74
N GLN D 283 -47.47 -22.87 24.89
CA GLN D 283 -48.69 -22.45 25.60
C GLN D 283 -48.36 -21.78 26.94
N ASP D 284 -47.66 -22.52 27.82
CA ASP D 284 -47.37 -22.03 29.17
C ASP D 284 -46.43 -20.83 29.16
N ALA D 285 -45.54 -20.76 28.16
CA ALA D 285 -44.53 -19.70 28.14
C ALA D 285 -45.16 -18.30 28.19
N PHE D 286 -46.44 -18.16 27.87
CA PHE D 286 -47.10 -16.87 27.89
C PHE D 286 -47.47 -16.42 29.28
N ASP D 287 -47.62 -17.36 30.22
CA ASP D 287 -47.91 -17.00 31.61
C ASP D 287 -46.94 -15.94 32.11
N LYS D 288 -45.67 -16.03 31.70
CA LYS D 288 -44.62 -15.33 32.42
C LYS D 288 -43.72 -14.55 31.47
N ILE D 289 -44.28 -13.89 30.43
CA ILE D 289 -43.43 -13.06 29.56
C ILE D 289 -44.06 -11.72 29.19
N HIS D 290 -45.33 -11.70 28.76
CA HIS D 290 -46.10 -10.46 28.54
C HIS D 290 -45.53 -9.45 27.51
N PHE D 291 -46.17 -8.27 27.41
CA PHE D 291 -46.01 -7.33 26.29
C PHE D 291 -46.00 -5.89 26.81
N GLY D 292 -45.61 -4.95 25.94
CA GLY D 292 -45.54 -3.54 26.31
C GLY D 292 -46.15 -2.65 25.24
N ALA D 293 -46.31 -1.36 25.56
CA ALA D 293 -47.08 -0.46 24.70
C ALA D 293 -46.44 0.93 24.54
N LEU D 294 -45.22 0.96 24.01
CA LEU D 294 -44.55 2.23 23.75
C LEU D 294 -45.16 2.92 22.53
N GLY D 295 -45.58 4.19 22.70
CA GLY D 295 -46.25 4.92 21.64
C GLY D 295 -45.56 6.24 21.36
N LYS D 296 -45.93 6.85 20.22
CA LYS D 296 -45.19 8.01 19.74
C LYS D 296 -46.14 9.08 19.24
N VAL D 297 -45.79 10.35 19.54
CA VAL D 297 -46.46 11.49 18.94
C VAL D 297 -45.39 12.37 18.31
N ILE D 298 -45.66 12.90 17.13
CA ILE D 298 -44.72 13.78 16.46
C ILE D 298 -45.30 15.18 16.44
N PHE D 299 -44.57 16.15 16.97
CA PHE D 299 -44.95 17.55 16.93
C PHE D 299 -44.12 18.23 15.85
N GLU D 300 -44.77 18.61 14.76
CA GLU D 300 -44.09 19.24 13.64
C GLU D 300 -44.28 20.75 13.71
N PHE D 301 -43.18 21.47 13.80
CA PHE D 301 -43.20 22.91 13.84
C PHE D 301 -42.66 23.45 12.52
N GLU D 302 -43.09 24.67 12.19
CA GLU D 302 -42.73 25.25 10.89
C GLU D 302 -41.23 25.47 10.79
N GLU D 303 -40.65 26.17 11.75
CA GLU D 303 -39.20 26.34 11.78
C GLU D 303 -38.76 26.28 13.23
N CYS D 304 -37.49 25.99 13.43
CA CYS D 304 -36.99 25.90 14.79
C CYS D 304 -36.67 27.31 15.27
N CYS D 305 -37.10 27.62 16.49
CA CYS D 305 -36.79 28.89 17.13
C CYS D 305 -36.52 28.71 18.61
N TRP D 306 -36.23 27.49 19.04
CA TRP D 306 -35.87 27.12 20.40
C TRP D 306 -34.39 26.76 20.47
N SER D 307 -33.87 26.71 21.70
CA SER D 307 -32.48 26.32 21.92
C SER D 307 -32.24 24.88 21.50
N ASN D 308 -31.11 24.63 20.85
CA ASN D 308 -30.72 23.28 20.51
C ASN D 308 -29.63 22.74 21.44
N GLU D 309 -29.62 23.21 22.70
CA GLU D 309 -28.69 22.68 23.69
C GLU D 309 -28.69 21.15 23.69
N SER D 310 -29.87 20.52 23.62
CA SER D 310 -29.86 19.07 23.71
C SER D 310 -30.97 18.45 22.86
N SER D 311 -30.68 17.25 22.36
CA SER D 311 -31.62 16.45 21.59
C SER D 311 -32.50 15.57 22.45
N LYS D 312 -32.30 15.59 23.77
CA LYS D 312 -33.00 14.71 24.71
C LYS D 312 -33.58 15.56 25.83
N ILE D 313 -34.92 15.55 25.94
CA ILE D 313 -35.66 16.31 26.93
C ILE D 313 -36.74 15.43 27.53
N VAL D 314 -36.84 15.40 28.86
CA VAL D 314 -37.84 14.58 29.52
C VAL D 314 -38.62 15.45 30.52
N THR D 315 -39.96 15.40 30.41
CA THR D 315 -40.85 16.13 31.30
C THR D 315 -41.22 15.23 32.48
N LEU D 316 -40.96 15.69 33.70
CA LEU D 316 -41.33 14.95 34.90
C LEU D 316 -42.82 15.04 35.17
N ALA D 317 -43.42 13.92 35.59
CA ALA D 317 -44.74 13.97 36.19
C ALA D 317 -44.70 14.82 37.47
N ASN D 318 -45.86 15.37 37.85
CA ASN D 318 -45.96 16.24 39.02
C ASN D 318 -45.46 15.51 40.28
N SER D 319 -44.85 16.26 41.20
CA SER D 319 -44.42 15.69 42.46
C SER D 319 -44.96 16.50 43.64
N THR D 320 -45.19 15.82 44.75
CA THR D 320 -45.79 16.41 45.93
C THR D 320 -44.79 16.51 47.08
N ASN D 321 -44.80 17.66 47.79
CA ASN D 321 -44.17 17.72 49.10
C ASN D 321 -44.75 16.64 50.01
N GLU D 322 -46.04 16.33 49.84
CA GLU D 322 -46.68 15.28 50.61
C GLU D 322 -45.91 13.97 50.52
N PHE D 323 -45.47 13.63 49.30
CA PHE D 323 -44.69 12.40 49.13
C PHE D 323 -43.43 12.43 49.98
N VAL D 324 -42.82 13.62 50.11
CA VAL D 324 -41.59 13.74 50.91
C VAL D 324 -41.88 13.38 52.36
N GLU D 325 -42.86 14.06 52.96
CA GLU D 325 -43.15 13.84 54.37
C GLU D 325 -43.48 12.39 54.65
N ILE D 326 -44.14 11.72 53.69
CA ILE D 326 -44.47 10.31 53.87
C ILE D 326 -43.21 9.48 54.00
N VAL D 327 -42.22 9.75 53.16
CA VAL D 327 -41.03 8.91 53.18
C VAL D 327 -40.21 9.20 54.43
N ARG D 328 -40.22 10.46 54.90
CA ARG D 328 -39.55 10.77 56.16
C ARG D 328 -40.11 9.94 57.30
N ASN D 329 -41.43 9.69 57.28
CA ASN D 329 -42.14 9.15 58.41
C ASN D 329 -42.16 7.63 58.44
N ALA D 330 -42.31 6.99 57.29
CA ALA D 330 -42.52 5.55 57.26
C ALA D 330 -41.42 4.81 58.01
N GLU D 331 -41.81 3.93 58.93
CA GLU D 331 -40.88 3.14 59.70
C GLU D 331 -40.56 1.80 59.04
N ASN D 332 -41.09 1.56 57.85
CA ASN D 332 -40.82 0.33 57.11
C ASN D 332 -41.43 0.40 55.73
N LEU D 333 -40.96 -0.49 54.85
CA LEU D 333 -41.52 -0.57 53.51
C LEU D 333 -43.03 -0.82 53.57
N ASP D 334 -43.46 -1.81 54.36
CA ASP D 334 -44.88 -2.11 54.48
C ASP D 334 -45.67 -0.88 54.92
N GLU D 335 -45.18 -0.20 55.95
CA GLU D 335 -45.80 1.06 56.35
C GLU D 335 -45.80 2.06 55.22
N LEU D 336 -44.71 2.10 54.44
CA LEU D 336 -44.57 3.11 53.40
C LEU D 336 -45.55 2.87 52.25
N ASP D 337 -45.58 1.64 51.72
CA ASP D 337 -46.47 1.34 50.62
C ASP D 337 -47.90 1.67 51.00
N SER D 338 -48.34 1.18 52.16
CA SER D 338 -49.67 1.52 52.70
C SER D 338 -49.89 3.02 52.71
N MET D 339 -49.00 3.75 53.37
CA MET D 339 -49.15 5.20 53.48
C MET D 339 -49.24 5.86 52.11
N LEU D 340 -48.63 5.25 51.10
CA LEU D 340 -48.75 5.72 49.72
C LEU D 340 -49.99 5.09 49.06
N GLU D 341 -51.13 5.36 49.68
CA GLU D 341 -52.45 5.07 49.14
C GLU D 341 -53.28 6.27 49.62
N ARG D 342 -53.17 7.37 48.87
CA ARG D 342 -53.71 8.65 49.30
C ARG D 342 -54.02 9.52 48.11
N THR D 349 -59.05 14.37 40.33
CA THR D 349 -57.78 13.64 40.36
C THR D 349 -57.22 13.45 38.94
N SER D 350 -57.93 13.99 37.93
CA SER D 350 -57.81 13.65 36.50
C SER D 350 -56.41 13.49 35.90
N VAL D 351 -56.36 13.05 34.63
CA VAL D 351 -55.09 12.77 33.96
C VAL D 351 -54.80 13.83 32.92
N THR D 352 -53.60 14.39 32.98
CA THR D 352 -53.15 15.37 31.99
C THR D 352 -51.79 15.01 31.43
N CYS D 353 -51.18 15.96 30.75
CA CYS D 353 -49.85 15.77 30.19
C CYS D 353 -48.77 15.76 31.27
N TRP D 354 -49.13 15.94 32.53
CA TRP D 354 -48.18 15.98 33.63
C TRP D 354 -48.31 14.78 34.55
N SER D 355 -49.24 13.87 34.26
CA SER D 355 -49.50 12.74 35.14
C SER D 355 -48.51 11.59 34.95
N GLN D 356 -47.54 11.76 34.05
CA GLN D 356 -46.56 10.72 33.75
C GLN D 356 -45.39 11.37 33.04
N PRO D 357 -44.23 10.73 33.00
CA PRO D 357 -43.09 11.32 32.29
C PRO D 357 -43.26 11.17 30.79
N LEU D 358 -42.74 12.13 30.04
CA LEU D 358 -42.77 12.03 28.59
C LEU D 358 -41.36 12.24 28.06
N PHE D 359 -40.97 11.42 27.10
CA PHE D 359 -39.67 11.49 26.47
C PHE D 359 -39.80 12.28 25.17
N PHE D 360 -39.04 13.38 25.04
CA PHE D 360 -39.07 14.25 23.88
C PHE D 360 -37.71 14.27 23.19
N VAL D 361 -37.65 13.83 21.94
CA VAL D 361 -36.44 13.99 21.12
C VAL D 361 -36.55 15.30 20.37
N ASN D 362 -35.62 16.22 20.65
CA ASN D 362 -35.58 17.46 19.89
C ASN D 362 -34.84 17.15 18.61
N LEU D 363 -35.59 16.96 17.53
CA LEU D 363 -34.96 16.57 16.28
C LEU D 363 -34.14 17.70 15.68
N SER D 364 -34.46 18.95 16.03
CA SER D 364 -33.74 20.07 15.44
C SER D 364 -32.25 19.99 15.70
N LYS D 365 -31.85 19.51 16.88
CA LYS D 365 -30.42 19.47 17.14
C LYS D 365 -29.74 18.31 16.43
N SER D 366 -30.41 17.15 16.36
CA SER D 366 -29.75 15.93 15.89
C SER D 366 -29.90 15.69 14.39
N THR D 367 -31.01 16.14 13.81
CA THR D 367 -31.34 15.88 12.42
C THR D 367 -31.70 17.14 11.65
N GLY D 368 -31.60 18.30 12.27
CA GLY D 368 -31.91 19.55 11.59
C GLY D 368 -33.37 19.85 11.38
N VAL D 369 -34.29 18.96 11.81
CA VAL D 369 -35.71 19.09 11.48
C VAL D 369 -36.45 19.73 12.65
N ALA D 370 -37.39 20.63 12.32
CA ALA D 370 -38.05 21.45 13.32
C ALA D 370 -39.19 20.70 14.02
N SER D 371 -38.94 19.48 14.47
CA SER D 371 -39.98 18.65 15.04
C SER D 371 -39.54 18.03 16.35
N PHE D 372 -40.52 17.64 17.16
CA PHE D 372 -40.29 16.82 18.33
C PHE D 372 -40.82 15.42 18.06
N MET D 373 -40.01 14.41 18.37
CA MET D 373 -40.53 13.06 18.51
C MET D 373 -40.69 12.77 19.99
N MET D 374 -41.90 12.38 20.38
CA MET D 374 -42.27 12.15 21.76
C MET D 374 -42.63 10.69 22.01
N LEU D 375 -42.07 10.12 23.07
CA LEU D 375 -42.36 8.75 23.48
C LEU D 375 -43.32 8.78 24.66
N MET D 376 -44.33 7.91 24.63
CA MET D 376 -45.31 7.79 25.68
C MET D 376 -45.46 6.31 26.02
N GLN D 377 -46.15 6.03 27.11
CA GLN D 377 -46.20 4.67 27.62
C GLN D 377 -47.62 4.34 28.05
N ALA D 378 -47.84 3.06 28.29
CA ALA D 378 -49.12 2.62 28.82
C ALA D 378 -49.25 3.05 30.28
N PRO D 379 -50.43 3.43 30.72
CA PRO D 379 -51.71 3.35 29.99
C PRO D 379 -51.99 4.53 29.04
N LEU D 380 -51.16 5.57 29.07
CA LEU D 380 -51.49 6.77 28.32
C LEU D 380 -51.51 6.49 26.81
N THR D 381 -50.73 5.52 26.34
CA THR D 381 -50.57 5.31 24.90
C THR D 381 -51.91 4.95 24.27
N ASN D 382 -52.62 4.01 24.89
CA ASN D 382 -53.90 3.56 24.35
C ASN D 382 -54.87 4.71 24.19
N HIS D 383 -54.93 5.61 25.17
CA HIS D 383 -55.84 6.73 25.03
C HIS D 383 -55.38 7.69 23.94
N ILE D 384 -54.08 7.97 23.86
CA ILE D 384 -53.64 8.95 22.89
C ILE D 384 -53.77 8.37 21.48
N GLU D 385 -53.44 7.10 21.30
CA GLU D 385 -53.60 6.48 19.99
C GLU D 385 -55.08 6.40 19.61
N SER D 386 -55.95 6.20 20.59
CA SER D 386 -57.38 6.20 20.34
C SER D 386 -57.91 7.55 19.85
N ILE D 387 -57.21 8.65 20.10
CA ILE D 387 -57.66 9.96 19.64
C ILE D 387 -56.74 10.52 18.56
N ARG D 388 -56.04 9.63 17.86
CA ARG D 388 -55.00 10.06 16.93
C ARG D 388 -55.54 10.93 15.79
N GLU D 389 -56.83 10.81 15.45
CA GLU D 389 -57.34 11.61 14.34
C GLU D 389 -57.71 13.02 14.76
N ASP D 390 -57.92 13.24 16.06
CA ASP D 390 -58.36 14.54 16.61
C ASP D 390 -57.12 15.37 16.98
N LYS D 391 -56.62 16.15 16.02
CA LYS D 391 -55.41 16.93 16.22
C LYS D 391 -55.62 18.03 17.25
N GLU D 392 -56.79 18.68 17.24
CA GLU D 392 -57.05 19.75 18.19
C GLU D 392 -57.20 19.22 19.61
N ARG D 393 -57.68 17.99 19.77
CA ARG D 393 -57.74 17.42 21.10
C ARG D 393 -56.35 17.04 21.57
N LEU D 394 -55.51 16.58 20.63
CA LEU D 394 -54.14 16.25 20.97
C LEU D 394 -53.40 17.48 21.46
N PHE D 395 -53.42 18.54 20.65
CA PHE D 395 -52.78 19.80 21.02
C PHE D 395 -53.25 20.29 22.39
N SER D 396 -54.54 20.16 22.66
CA SER D 396 -55.05 20.55 23.95
C SER D 396 -54.41 19.72 25.06
N PHE D 397 -54.28 18.41 24.85
CA PHE D 397 -53.69 17.57 25.88
C PHE D 397 -52.22 17.92 26.11
N PHE D 398 -51.49 18.22 25.04
CA PHE D 398 -50.05 18.36 25.13
C PHE D 398 -49.61 19.82 25.18
N GLN D 399 -50.53 20.77 25.08
CA GLN D 399 -50.11 22.16 25.04
C GLN D 399 -49.31 22.57 26.27
N PRO D 400 -49.70 22.21 27.50
CA PRO D 400 -48.91 22.66 28.65
C PRO D 400 -47.49 22.09 28.67
N VAL D 401 -47.31 20.79 28.38
CA VAL D 401 -45.94 20.30 28.32
C VAL D 401 -45.21 20.92 27.13
N LEU D 402 -45.90 21.17 26.02
CA LEU D 402 -45.23 21.85 24.93
C LEU D 402 -44.82 23.27 25.34
N ASN D 403 -45.71 23.98 26.04
CA ASN D 403 -45.40 25.35 26.41
C ASN D 403 -44.31 25.41 27.47
N LYS D 404 -44.24 24.39 28.34
CA LYS D 404 -43.13 24.32 29.29
C LYS D 404 -41.82 24.05 28.58
N ILE D 405 -41.82 23.10 27.63
CA ILE D 405 -40.61 22.78 26.89
C ILE D 405 -40.08 24.02 26.17
N MET D 406 -40.96 24.71 25.44
CA MET D 406 -40.52 25.89 24.72
C MET D 406 -39.96 26.95 25.67
N LYS D 407 -40.56 27.09 26.86
CA LYS D 407 -40.08 28.10 27.80
C LYS D 407 -38.65 27.80 28.23
N CYS D 408 -38.42 26.61 28.79
CA CYS D 408 -37.11 26.13 29.17
C CYS D 408 -36.09 26.13 28.03
N LEU D 409 -36.52 26.22 26.77
CA LEU D 409 -35.57 26.28 25.67
C LEU D 409 -35.56 27.66 25.02
N ASP D 410 -35.79 28.71 25.80
CA ASP D 410 -35.62 30.10 25.40
C ASP D 410 -36.64 30.56 24.37
N SER D 411 -37.78 29.87 24.24
CA SER D 411 -38.78 30.23 23.26
C SER D 411 -40.07 30.71 23.96
N GLU D 412 -41.19 30.57 23.26
CA GLU D 412 -42.47 31.08 23.71
C GLU D 412 -43.54 30.00 23.57
N ASP D 413 -44.80 30.36 23.82
CA ASP D 413 -45.86 29.38 23.75
C ASP D 413 -46.15 28.94 22.32
N VAL D 414 -46.49 27.66 22.18
CA VAL D 414 -46.78 27.12 20.87
C VAL D 414 -48.00 27.82 20.30
N ILE D 415 -47.89 28.25 19.06
CA ILE D 415 -49.00 28.77 18.29
C ILE D 415 -49.67 27.61 17.55
N ASP D 416 -50.92 27.29 17.90
CA ASP D 416 -51.62 26.27 17.11
C ASP D 416 -51.75 26.73 15.67
N GLY D 417 -50.95 26.17 14.77
CA GLY D 417 -51.01 26.56 13.37
C GLY D 417 -51.50 25.45 12.47
N MET D 418 -52.39 24.64 12.98
CA MET D 418 -52.99 23.54 12.26
C MET D 418 -54.30 23.93 11.60
N ARG D 419 -54.82 25.13 11.90
CA ARG D 419 -56.00 25.71 11.28
C ARG D 419 -55.58 27.06 10.71
N PRO D 420 -55.07 27.12 9.46
CA PRO D 420 -54.16 28.20 9.02
C PRO D 420 -54.40 29.64 9.47
N ILE D 421 -54.72 29.91 10.74
CA ILE D 421 -54.87 31.29 11.21
C ILE D 421 -53.56 32.03 11.02
N GLU D 422 -53.34 32.57 9.80
CA GLU D 422 -52.13 33.34 9.49
C GLU D 422 -52.14 34.65 10.28
N ASN D 423 -51.42 34.65 11.39
CA ASN D 423 -51.31 35.83 12.26
C ASN D 423 -49.84 36.23 12.27
N ILE D 424 -49.50 37.26 11.49
CA ILE D 424 -48.11 37.68 11.27
C ILE D 424 -47.35 37.84 12.58
N ALA D 425 -48.06 37.93 13.71
CA ALA D 425 -47.47 38.22 15.01
C ALA D 425 -46.72 37.02 15.61
N ASN D 426 -46.01 36.26 14.77
CA ASN D 426 -45.19 35.15 15.24
C ASN D 426 -43.71 35.52 15.22
N ALA D 427 -43.12 35.52 14.03
CA ALA D 427 -41.69 35.67 13.84
C ALA D 427 -40.96 34.60 14.65
N ASN D 428 -40.61 34.92 15.90
CA ASN D 428 -39.93 34.00 16.78
C ASN D 428 -40.89 33.16 17.61
N LYS D 429 -42.07 32.87 17.08
CA LYS D 429 -42.93 32.03 17.90
C LYS D 429 -43.00 30.63 17.31
N PRO D 430 -43.05 29.59 18.15
CA PRO D 430 -43.10 28.22 17.63
C PRO D 430 -44.50 27.86 17.15
N VAL D 431 -44.63 27.62 15.84
CA VAL D 431 -45.92 27.38 15.19
C VAL D 431 -46.05 25.90 14.86
N LEU D 432 -46.91 25.19 15.58
CA LEU D 432 -47.16 23.78 15.33
C LEU D 432 -47.98 23.63 14.06
N ARG D 433 -47.45 22.89 13.07
CA ARG D 433 -48.19 22.66 11.82
C ARG D 433 -48.89 21.32 11.77
N ASN D 434 -48.52 20.35 12.61
CA ASN D 434 -49.05 19.02 12.43
C ASN D 434 -48.65 18.12 13.59
N ILE D 435 -49.54 17.16 13.88
CA ILE D 435 -49.34 16.15 14.91
C ILE D 435 -49.56 14.79 14.28
N ILE D 436 -48.65 13.86 14.54
CA ILE D 436 -48.78 12.48 14.08
C ILE D 436 -48.71 11.56 15.28
N VAL D 437 -49.59 10.55 15.33
CA VAL D 437 -49.61 9.59 16.42
C VAL D 437 -49.41 8.20 15.86
N SER D 438 -48.68 7.37 16.61
CA SER D 438 -48.53 5.97 16.27
C SER D 438 -49.88 5.28 16.41
N ASN D 439 -49.90 3.96 16.22
CA ASN D 439 -51.17 3.25 16.27
C ASN D 439 -50.96 1.78 16.65
N TRP D 440 -49.81 1.45 17.25
CA TRP D 440 -49.42 0.06 17.39
C TRP D 440 -50.30 -0.72 18.36
N THR D 441 -50.98 -0.06 19.29
CA THR D 441 -51.78 -0.79 20.26
C THR D 441 -53.05 -1.33 19.61
N ARG D 442 -53.73 -0.51 18.82
CA ARG D 442 -55.02 -0.87 18.23
C ARG D 442 -54.89 -1.63 16.91
N ASP D 443 -53.80 -1.42 16.15
CA ASP D 443 -53.42 -2.16 14.93
C ASP D 443 -53.41 -3.66 15.23
N PRO D 444 -54.37 -4.41 14.69
CA PRO D 444 -54.49 -5.83 15.06
C PRO D 444 -53.27 -6.65 14.75
N TYR D 445 -52.38 -6.18 13.86
CA TYR D 445 -51.23 -6.96 13.47
C TYR D 445 -49.99 -6.62 14.28
N SER D 446 -50.14 -5.78 15.31
CA SER D 446 -49.04 -5.47 16.21
C SER D 446 -49.50 -5.61 17.65
N ARG D 447 -50.60 -4.94 18.00
CA ARG D 447 -51.26 -5.14 19.31
C ARG D 447 -50.29 -4.86 20.47
N GLY D 448 -49.83 -3.62 20.54
CA GLY D 448 -48.76 -3.25 21.45
C GLY D 448 -47.47 -2.98 20.70
N ALA D 449 -46.40 -2.80 21.47
CA ALA D 449 -45.14 -2.30 20.92
C ALA D 449 -44.08 -3.38 20.72
N TYR D 450 -43.78 -4.15 21.76
CA TYR D 450 -42.79 -5.22 21.73
C TYR D 450 -42.82 -5.93 23.08
N SER D 451 -42.18 -7.09 23.13
CA SER D 451 -42.20 -7.92 24.33
C SER D 451 -41.51 -7.21 25.49
N ALA D 452 -42.17 -7.18 26.64
CA ALA D 452 -41.74 -6.47 27.82
C ALA D 452 -42.04 -7.32 29.05
N CYS D 453 -41.31 -7.10 30.14
CA CYS D 453 -41.39 -7.94 31.33
C CYS D 453 -42.23 -7.29 32.43
N PHE D 454 -43.22 -8.05 32.97
CA PHE D 454 -44.00 -7.71 34.16
C PHE D 454 -43.26 -8.20 35.40
N PRO D 455 -43.58 -7.69 36.59
CA PRO D 455 -42.94 -8.25 37.79
C PRO D 455 -43.27 -9.73 37.91
N GLY D 456 -42.23 -10.54 37.98
CA GLY D 456 -42.38 -11.97 38.08
C GLY D 456 -42.23 -12.74 36.80
N ASP D 457 -41.68 -12.11 35.76
CA ASP D 457 -41.59 -12.69 34.42
C ASP D 457 -40.17 -13.12 34.10
N ASP D 458 -40.04 -14.28 33.48
CA ASP D 458 -38.75 -14.72 32.95
C ASP D 458 -38.83 -14.89 31.44
N PRO D 459 -38.25 -13.98 30.65
CA PRO D 459 -38.39 -14.06 29.20
C PRO D 459 -37.66 -15.23 28.57
N VAL D 460 -36.83 -15.95 29.32
CA VAL D 460 -36.00 -17.01 28.74
C VAL D 460 -36.87 -18.22 28.40
N ASP D 461 -37.90 -18.48 29.20
CA ASP D 461 -38.83 -19.56 28.91
C ASP D 461 -39.41 -19.43 27.50
N MET D 462 -39.90 -18.23 27.15
CA MET D 462 -40.48 -18.04 25.83
C MET D 462 -39.44 -18.23 24.74
N VAL D 463 -38.29 -17.55 24.87
CA VAL D 463 -37.23 -17.63 23.85
C VAL D 463 -36.89 -19.07 23.54
N VAL D 464 -36.77 -19.89 24.57
CA VAL D 464 -36.37 -21.28 24.38
C VAL D 464 -37.46 -22.09 23.69
N ALA D 465 -38.72 -21.88 24.10
CA ALA D 465 -39.83 -22.62 23.49
C ALA D 465 -39.99 -22.31 22.01
N MET D 466 -39.51 -21.15 21.58
CA MET D 466 -39.69 -20.76 20.19
C MET D 466 -38.39 -20.84 19.42
N SER D 467 -37.26 -20.84 20.12
CA SER D 467 -36.01 -21.23 19.50
C SER D 467 -36.06 -22.66 19.00
N ASN D 468 -36.58 -23.56 19.84
CA ASN D 468 -36.67 -24.97 19.44
C ASN D 468 -37.85 -25.25 18.52
N GLY D 469 -38.63 -24.23 18.16
CA GLY D 469 -39.72 -24.39 17.22
C GLY D 469 -40.88 -25.13 17.83
N GLN D 470 -41.96 -25.24 17.03
CA GLN D 470 -43.08 -26.12 17.37
C GLN D 470 -42.81 -27.56 16.97
N ASP D 471 -42.21 -27.77 15.81
CA ASP D 471 -41.58 -29.05 15.46
C ASP D 471 -40.40 -28.74 14.55
N SER D 472 -39.99 -29.72 13.74
CA SER D 472 -38.88 -29.49 12.82
C SER D 472 -39.33 -28.80 11.54
N ARG D 473 -40.63 -28.58 11.36
CA ARG D 473 -41.16 -27.87 10.19
C ARG D 473 -41.69 -26.48 10.52
N ILE D 474 -42.31 -26.30 11.69
CA ILE D 474 -42.90 -25.01 12.07
C ILE D 474 -41.89 -24.28 12.95
N ARG D 475 -41.31 -23.21 12.42
CA ARG D 475 -40.29 -22.47 13.14
C ARG D 475 -40.81 -21.07 13.49
N PHE D 476 -40.10 -20.39 14.39
CA PHE D 476 -40.47 -19.05 14.84
C PHE D 476 -39.29 -18.10 14.75
N ALA D 477 -39.54 -16.92 14.20
CA ALA D 477 -38.62 -15.80 14.27
C ALA D 477 -39.38 -14.61 14.85
N GLY D 478 -38.66 -13.51 15.11
CA GLY D 478 -39.24 -12.33 15.74
C GLY D 478 -38.43 -11.83 16.92
N GLU D 479 -38.79 -10.61 17.37
CA GLU D 479 -38.04 -9.96 18.45
C GLU D 479 -38.17 -10.68 19.79
N HIS D 480 -39.11 -11.61 19.93
CA HIS D 480 -39.36 -12.30 21.19
C HIS D 480 -38.82 -13.71 21.16
N THR D 481 -38.22 -14.14 20.05
CA THR D 481 -37.78 -15.51 19.88
C THR D 481 -36.26 -15.64 19.98
N ILE D 482 -35.62 -14.74 20.72
CA ILE D 482 -34.18 -14.70 20.76
C ILE D 482 -33.77 -13.95 22.02
N MET D 483 -32.62 -14.35 22.58
CA MET D 483 -32.10 -13.72 23.79
C MET D 483 -31.24 -12.51 23.44
N ASP D 484 -30.31 -12.70 22.50
CA ASP D 484 -29.49 -11.61 21.99
C ASP D 484 -30.35 -10.62 21.21
N GLY D 485 -30.55 -9.44 21.78
CA GLY D 485 -31.35 -8.42 21.14
C GLY D 485 -32.83 -8.53 21.42
N ALA D 486 -33.20 -9.32 22.43
CA ALA D 486 -34.58 -9.47 22.86
C ALA D 486 -35.36 -8.16 22.77
N GLY D 487 -36.38 -8.14 21.91
CA GLY D 487 -37.23 -7.01 21.71
C GLY D 487 -36.70 -5.95 20.76
N CYS D 488 -35.49 -6.10 20.27
CA CYS D 488 -34.90 -5.05 19.46
C CYS D 488 -34.92 -5.46 17.99
N ALA D 489 -34.96 -4.45 17.12
CA ALA D 489 -34.99 -4.71 15.69
C ALA D 489 -33.89 -5.68 15.29
N TYR D 490 -32.67 -5.46 15.80
CA TYR D 490 -31.59 -6.34 15.39
C TYR D 490 -31.79 -7.75 15.91
N GLY D 491 -32.38 -7.87 17.10
CA GLY D 491 -32.80 -9.16 17.61
C GLY D 491 -33.63 -9.86 16.56
N ALA D 492 -34.80 -9.28 16.24
CA ALA D 492 -35.68 -9.86 15.22
C ALA D 492 -34.89 -10.20 13.96
N TRP D 493 -33.94 -9.34 13.60
CA TRP D 493 -33.10 -9.59 12.43
C TRP D 493 -32.26 -10.85 12.58
N GLU D 494 -31.74 -11.11 13.79
CA GLU D 494 -30.91 -12.31 13.97
C GLU D 494 -31.76 -13.57 13.90
N SER D 495 -32.85 -13.62 14.68
CA SER D 495 -33.70 -14.79 14.68
C SER D 495 -34.15 -15.15 13.27
N GLY D 496 -34.47 -14.14 12.45
CA GLY D 496 -34.80 -14.41 11.07
C GLY D 496 -33.68 -15.12 10.34
N ARG D 497 -32.44 -14.67 10.57
CA ARG D 497 -31.30 -15.38 9.97
C ARG D 497 -31.13 -16.77 10.57
N ARG D 498 -31.27 -16.87 11.90
CA ARG D 498 -31.23 -18.16 12.59
C ARG D 498 -32.12 -19.21 11.93
N GLU D 499 -33.42 -18.91 11.78
CA GLU D 499 -34.35 -19.88 11.21
C GLU D 499 -34.10 -20.10 9.72
N ALA D 500 -33.77 -19.04 8.99
CA ALA D 500 -33.42 -19.21 7.58
C ALA D 500 -32.18 -20.08 7.44
N THR D 501 -31.19 -19.88 8.32
CA THR D 501 -29.96 -20.63 8.13
C THR D 501 -30.16 -22.10 8.51
N ARG D 502 -30.99 -22.38 9.52
CA ARG D 502 -31.21 -23.76 9.91
C ARG D 502 -31.83 -24.56 8.76
N ILE D 503 -32.81 -23.95 8.08
CA ILE D 503 -33.59 -24.62 7.06
C ILE D 503 -32.76 -24.84 5.80
N SER D 504 -32.03 -23.82 5.36
CA SER D 504 -31.09 -24.00 4.25
C SER D 504 -30.23 -25.24 4.48
N ASP D 505 -29.61 -25.29 5.66
CA ASP D 505 -28.71 -26.40 6.02
C ASP D 505 -29.39 -27.75 5.84
N LEU D 506 -30.71 -27.82 6.07
CA LEU D 506 -31.49 -29.06 5.96
C LEU D 506 -31.73 -29.51 4.53
N LEU D 507 -31.41 -28.72 3.51
CA LEU D 507 -31.77 -29.08 2.15
C LEU D 507 -30.55 -29.32 1.26
#